data_6KZX
# 
_entry.id   6KZX 
# 
_audit_conform.dict_name       mmcif_pdbx.dic 
_audit_conform.dict_version    5.380 
_audit_conform.dict_location   http://mmcif.pdb.org/dictionaries/ascii/mmcif_pdbx.dic 
# 
loop_
_database_2.database_id 
_database_2.database_code 
_database_2.pdbx_database_accession 
_database_2.pdbx_DOI 
PDB   6KZX         pdb_00006kzx 10.2210/pdb6kzx/pdb 
WWPDB D_1300013945 ?            ?                   
# 
_pdbx_database_related.db_name        PDB 
_pdbx_database_related.details        . 
_pdbx_database_related.db_id          6kzv 
_pdbx_database_related.content_type   unspecified 
# 
_pdbx_database_status.status_code                     REL 
_pdbx_database_status.status_code_sf                  REL 
_pdbx_database_status.status_code_mr                  ? 
_pdbx_database_status.entry_id                        6KZX 
_pdbx_database_status.recvd_initial_deposition_date   2019-09-25 
_pdbx_database_status.SG_entry                        N 
_pdbx_database_status.deposit_site                    PDBJ 
_pdbx_database_status.process_site                    PDBJ 
_pdbx_database_status.status_code_cs                  ? 
_pdbx_database_status.methods_development_category    ? 
_pdbx_database_status.pdb_format_compatible           Y 
_pdbx_database_status.status_code_nmr_data            ? 
# 
loop_
_audit_author.name 
_audit_author.pdbx_ordinal 
_audit_author.identifier_ORCID 
'Mima, M.'     1 0000-0003-2336-9129 
'Takeuchi, T.' 2 ?                   
'Ushiyama, F.' 3 0000-0003-3122-8625 
# 
_citation.abstract                  ? 
_citation.abstract_id_CAS           ? 
_citation.book_id_ISBN              ? 
_citation.book_publisher            ? 
_citation.book_publisher_city       ? 
_citation.book_title                ? 
_citation.coordinate_linkage        ? 
_citation.country                   US 
_citation.database_id_Medline       ? 
_citation.details                   ? 
_citation.id                        primary 
_citation.journal_abbrev            'Acs Omega' 
_citation.journal_id_ASTM           ? 
_citation.journal_id_CSD            ? 
_citation.journal_id_ISSN           2470-1343 
_citation.journal_full              ? 
_citation.journal_issue             ? 
_citation.journal_volume            5 
_citation.language                  ? 
_citation.page_first                10145 
_citation.page_last                 10159 
_citation.title                     
;Lead Identification of 8-(Methylamino)-2-oxo-1,2-dihydroquinoline Derivatives as DNA Gyrase Inhibitors: Hit-to-Lead Generation Involving Thermodynamic Evaluation.
;
_citation.year                      2020 
_citation.database_id_CSD           ? 
_citation.pdbx_database_id_DOI      10.1021/acsomega.0c00865 
_citation.pdbx_database_id_PubMed   32391502 
_citation.unpublished_flag          ? 
# 
loop_
_citation_author.citation_id 
_citation_author.name 
_citation_author.ordinal 
_citation_author.identifier_ORCID 
primary 'Ushiyama, F.'        1  ? 
primary 'Amada, H.'           2  ? 
primary 'Takeuchi, T.'        3  ? 
primary 'Tanaka-Yamamoto, N.' 4  ? 
primary 'Kanazawa, H.'        5  ? 
primary 'Nakano, K.'          6  ? 
primary 'Mima, M.'            7  ? 
primary 'Masuko, A.'          8  ? 
primary 'Takata, I.'          9  ? 
primary 'Hitaka, K.'          10 ? 
primary 'Iwamoto, K.'         11 ? 
primary 'Sugiyama, H.'        12 ? 
primary 'Ohtake, N.'          13 ? 
# 
_cell.angle_alpha                  90.00 
_cell.angle_alpha_esd              ? 
_cell.angle_beta                   90.00 
_cell.angle_beta_esd               ? 
_cell.angle_gamma                  90.00 
_cell.angle_gamma_esd              ? 
_cell.entry_id                     6KZX 
_cell.details                      ? 
_cell.formula_units_Z              ? 
_cell.length_a                     37.870 
_cell.length_a_esd                 ? 
_cell.length_b                     68.568 
_cell.length_b_esd                 ? 
_cell.length_c                     68.800 
_cell.length_c_esd                 ? 
_cell.volume                       ? 
_cell.volume_esd                   ? 
_cell.Z_PDB                        4 
_cell.reciprocal_angle_alpha       ? 
_cell.reciprocal_angle_beta        ? 
_cell.reciprocal_angle_gamma       ? 
_cell.reciprocal_angle_alpha_esd   ? 
_cell.reciprocal_angle_beta_esd    ? 
_cell.reciprocal_angle_gamma_esd   ? 
_cell.reciprocal_length_a          ? 
_cell.reciprocal_length_b          ? 
_cell.reciprocal_length_c          ? 
_cell.reciprocal_length_a_esd      ? 
_cell.reciprocal_length_b_esd      ? 
_cell.reciprocal_length_c_esd      ? 
_cell.pdbx_unique_axis             ? 
# 
_symmetry.entry_id                         6KZX 
_symmetry.cell_setting                     ? 
_symmetry.Int_Tables_number                19 
_symmetry.space_group_name_Hall            ? 
_symmetry.space_group_name_H-M             'P 21 21 21' 
_symmetry.pdbx_full_space_group_name_H-M   ? 
# 
loop_
_entity.id 
_entity.type 
_entity.src_method 
_entity.pdbx_description 
_entity.formula_weight 
_entity.pdbx_number_of_molecules 
_entity.pdbx_ec 
_entity.pdbx_mutation 
_entity.pdbx_fragment 
_entity.details 
1 polymer     man 'DNA gyrase subunit B'                                                               24191.182 1  5.6.2.2 ? ? ? 
2 non-polymer syn '3-[[8-(methylamino)-2-oxidanylidene-1~{H}-quinolin-3-yl]carbonylamino]benzoic acid' 337.329   1  ?       ? ? ? 
3 water       nat water                                                                                18.015    79 ?       ? ? ? 
# 
_entity_poly.entity_id                      1 
_entity_poly.type                           'polypeptide(L)' 
_entity_poly.nstd_linkage                   no 
_entity_poly.nstd_monomer                   no 
_entity_poly.pdbx_seq_one_letter_code       
;MSNSYDSSSIKVLKGLDAVRKRPGMYIGDTDDGTGLHHMVFEVVDNAIDEALAGHCKEIIVTIHADNSVSVQDDGRGIPT
GIHPEEGVSAAEVIMTVLHAGGKFDDNSYKVSGGLHGVGVSVVNALSQKLELVIQREGKIHRQIYEHGVPQAPLAVTGET
EKTGTMVRFWPSLETFTNVTEFEYEILAKRLRELSFLNSGVSIRLRDKRDGKEDHFHYEG
;
_entity_poly.pdbx_seq_one_letter_code_can   
;MSNSYDSSSIKVLKGLDAVRKRPGMYIGDTDDGTGLHHMVFEVVDNAIDEALAGHCKEIIVTIHADNSVSVQDDGRGIPT
GIHPEEGVSAAEVIMTVLHAGGKFDDNSYKVSGGLHGVGVSVVNALSQKLELVIQREGKIHRQIYEHGVPQAPLAVTGET
EKTGTMVRFWPSLETFTNVTEFEYEILAKRLRELSFLNSGVSIRLRDKRDGKEDHFHYEG
;
_entity_poly.pdbx_strand_id                 A 
_entity_poly.pdbx_target_identifier         ? 
# 
loop_
_entity_poly_seq.entity_id 
_entity_poly_seq.num 
_entity_poly_seq.mon_id 
_entity_poly_seq.hetero 
1 1   MET n 
1 2   SER n 
1 3   ASN n 
1 4   SER n 
1 5   TYR n 
1 6   ASP n 
1 7   SER n 
1 8   SER n 
1 9   SER n 
1 10  ILE n 
1 11  LYS n 
1 12  VAL n 
1 13  LEU n 
1 14  LYS n 
1 15  GLY n 
1 16  LEU n 
1 17  ASP n 
1 18  ALA n 
1 19  VAL n 
1 20  ARG n 
1 21  LYS n 
1 22  ARG n 
1 23  PRO n 
1 24  GLY n 
1 25  MET n 
1 26  TYR n 
1 27  ILE n 
1 28  GLY n 
1 29  ASP n 
1 30  THR n 
1 31  ASP n 
1 32  ASP n 
1 33  GLY n 
1 34  THR n 
1 35  GLY n 
1 36  LEU n 
1 37  HIS n 
1 38  HIS n 
1 39  MET n 
1 40  VAL n 
1 41  PHE n 
1 42  GLU n 
1 43  VAL n 
1 44  VAL n 
1 45  ASP n 
1 46  ASN n 
1 47  ALA n 
1 48  ILE n 
1 49  ASP n 
1 50  GLU n 
1 51  ALA n 
1 52  LEU n 
1 53  ALA n 
1 54  GLY n 
1 55  HIS n 
1 56  CYS n 
1 57  LYS n 
1 58  GLU n 
1 59  ILE n 
1 60  ILE n 
1 61  VAL n 
1 62  THR n 
1 63  ILE n 
1 64  HIS n 
1 65  ALA n 
1 66  ASP n 
1 67  ASN n 
1 68  SER n 
1 69  VAL n 
1 70  SER n 
1 71  VAL n 
1 72  GLN n 
1 73  ASP n 
1 74  ASP n 
1 75  GLY n 
1 76  ARG n 
1 77  GLY n 
1 78  ILE n 
1 79  PRO n 
1 80  THR n 
1 81  GLY n 
1 82  ILE n 
1 83  HIS n 
1 84  PRO n 
1 85  GLU n 
1 86  GLU n 
1 87  GLY n 
1 88  VAL n 
1 89  SER n 
1 90  ALA n 
1 91  ALA n 
1 92  GLU n 
1 93  VAL n 
1 94  ILE n 
1 95  MET n 
1 96  THR n 
1 97  VAL n 
1 98  LEU n 
1 99  HIS n 
1 100 ALA n 
1 101 GLY n 
1 102 GLY n 
1 103 LYS n 
1 104 PHE n 
1 105 ASP n 
1 106 ASP n 
1 107 ASN n 
1 108 SER n 
1 109 TYR n 
1 110 LYS n 
1 111 VAL n 
1 112 SER n 
1 113 GLY n 
1 114 GLY n 
1 115 LEU n 
1 116 HIS n 
1 117 GLY n 
1 118 VAL n 
1 119 GLY n 
1 120 VAL n 
1 121 SER n 
1 122 VAL n 
1 123 VAL n 
1 124 ASN n 
1 125 ALA n 
1 126 LEU n 
1 127 SER n 
1 128 GLN n 
1 129 LYS n 
1 130 LEU n 
1 131 GLU n 
1 132 LEU n 
1 133 VAL n 
1 134 ILE n 
1 135 GLN n 
1 136 ARG n 
1 137 GLU n 
1 138 GLY n 
1 139 LYS n 
1 140 ILE n 
1 141 HIS n 
1 142 ARG n 
1 143 GLN n 
1 144 ILE n 
1 145 TYR n 
1 146 GLU n 
1 147 HIS n 
1 148 GLY n 
1 149 VAL n 
1 150 PRO n 
1 151 GLN n 
1 152 ALA n 
1 153 PRO n 
1 154 LEU n 
1 155 ALA n 
1 156 VAL n 
1 157 THR n 
1 158 GLY n 
1 159 GLU n 
1 160 THR n 
1 161 GLU n 
1 162 LYS n 
1 163 THR n 
1 164 GLY n 
1 165 THR n 
1 166 MET n 
1 167 VAL n 
1 168 ARG n 
1 169 PHE n 
1 170 TRP n 
1 171 PRO n 
1 172 SER n 
1 173 LEU n 
1 174 GLU n 
1 175 THR n 
1 176 PHE n 
1 177 THR n 
1 178 ASN n 
1 179 VAL n 
1 180 THR n 
1 181 GLU n 
1 182 PHE n 
1 183 GLU n 
1 184 TYR n 
1 185 GLU n 
1 186 ILE n 
1 187 LEU n 
1 188 ALA n 
1 189 LYS n 
1 190 ARG n 
1 191 LEU n 
1 192 ARG n 
1 193 GLU n 
1 194 LEU n 
1 195 SER n 
1 196 PHE n 
1 197 LEU n 
1 198 ASN n 
1 199 SER n 
1 200 GLY n 
1 201 VAL n 
1 202 SER n 
1 203 ILE n 
1 204 ARG n 
1 205 LEU n 
1 206 ARG n 
1 207 ASP n 
1 208 LYS n 
1 209 ARG n 
1 210 ASP n 
1 211 GLY n 
1 212 LYS n 
1 213 GLU n 
1 214 ASP n 
1 215 HIS n 
1 216 PHE n 
1 217 HIS n 
1 218 TYR n 
1 219 GLU n 
1 220 GLY n 
# 
_entity_src_gen.entity_id                          1 
_entity_src_gen.pdbx_src_id                        1 
_entity_src_gen.pdbx_alt_source_flag               sample 
_entity_src_gen.pdbx_seq_type                      'Biological sequence' 
_entity_src_gen.pdbx_beg_seq_num                   1 
_entity_src_gen.pdbx_end_seq_num                   220 
_entity_src_gen.gene_src_common_name               ? 
_entity_src_gen.gene_src_genus                     ? 
_entity_src_gen.pdbx_gene_src_gene                 'gyrB, C9Z04_12785' 
_entity_src_gen.gene_src_species                   ? 
_entity_src_gen.gene_src_strain                    ? 
_entity_src_gen.gene_src_tissue                    ? 
_entity_src_gen.gene_src_tissue_fraction           ? 
_entity_src_gen.gene_src_details                   ? 
_entity_src_gen.pdbx_gene_src_fragment             ? 
_entity_src_gen.pdbx_gene_src_scientific_name      'Escherichia coli' 
_entity_src_gen.pdbx_gene_src_ncbi_taxonomy_id     562 
_entity_src_gen.pdbx_gene_src_variant              ? 
_entity_src_gen.pdbx_gene_src_cell_line            ? 
_entity_src_gen.pdbx_gene_src_atcc                 ? 
_entity_src_gen.pdbx_gene_src_organ                ? 
_entity_src_gen.pdbx_gene_src_organelle            ? 
_entity_src_gen.pdbx_gene_src_cell                 ? 
_entity_src_gen.pdbx_gene_src_cellular_location    ? 
_entity_src_gen.host_org_common_name               ? 
_entity_src_gen.pdbx_host_org_scientific_name      'Escherichia coli' 
_entity_src_gen.pdbx_host_org_ncbi_taxonomy_id     562 
_entity_src_gen.host_org_genus                     ? 
_entity_src_gen.pdbx_host_org_gene                 ? 
_entity_src_gen.pdbx_host_org_organ                ? 
_entity_src_gen.host_org_species                   ? 
_entity_src_gen.pdbx_host_org_tissue               ? 
_entity_src_gen.pdbx_host_org_tissue_fraction      ? 
_entity_src_gen.pdbx_host_org_strain               ? 
_entity_src_gen.pdbx_host_org_variant              ? 
_entity_src_gen.pdbx_host_org_cell_line            ? 
_entity_src_gen.pdbx_host_org_atcc                 ? 
_entity_src_gen.pdbx_host_org_culture_collection   ? 
_entity_src_gen.pdbx_host_org_cell                 ? 
_entity_src_gen.pdbx_host_org_organelle            ? 
_entity_src_gen.pdbx_host_org_cellular_location    ? 
_entity_src_gen.pdbx_host_org_vector_type          ? 
_entity_src_gen.pdbx_host_org_vector               ? 
_entity_src_gen.host_org_details                   ? 
_entity_src_gen.expression_system_id               ? 
_entity_src_gen.plasmid_name                       ? 
_entity_src_gen.plasmid_details                    ? 
_entity_src_gen.pdbx_description                   ? 
# 
_struct_ref.id                         1 
_struct_ref.db_name                    UNP 
_struct_ref.db_code                    A0A4V5JMQ9_ECOLX 
_struct_ref.pdbx_db_accession          A0A4V5JMQ9 
_struct_ref.pdbx_db_isoform            ? 
_struct_ref.entity_id                  1 
_struct_ref.pdbx_seq_one_letter_code   
;MSNSYDSSSIKVLKGLDAVRKRPGMYIGDTDDGTGLHHMVFEVVDNAIDEALAGHCKEIIVTIHADNSVSVQDDGRGIPT
GIHPEEGVSAAEVIMTVLHAGGKFDDNSYKVSGGLHGVGVSVVNALSQKLELVIQREGKIHRQIYEHGVPQAPLAVTGET
EKTGTMVRFWPSLETFTNVTEFEYEILAKRLRELSFLNSGVSIRLRDKRDGKEDHFHYEG
;
_struct_ref.pdbx_align_begin           1 
# 
_struct_ref_seq.align_id                      1 
_struct_ref_seq.ref_id                        1 
_struct_ref_seq.pdbx_PDB_id_code              6KZX 
_struct_ref_seq.pdbx_strand_id                A 
_struct_ref_seq.seq_align_beg                 1 
_struct_ref_seq.pdbx_seq_align_beg_ins_code   ? 
_struct_ref_seq.seq_align_end                 220 
_struct_ref_seq.pdbx_seq_align_end_ins_code   ? 
_struct_ref_seq.pdbx_db_accession             A0A4V5JMQ9 
_struct_ref_seq.db_align_beg                  1 
_struct_ref_seq.pdbx_db_align_beg_ins_code    ? 
_struct_ref_seq.db_align_end                  220 
_struct_ref_seq.pdbx_db_align_end_ins_code    ? 
_struct_ref_seq.pdbx_auth_seq_align_beg       1 
_struct_ref_seq.pdbx_auth_seq_align_end       220 
# 
loop_
_chem_comp.id 
_chem_comp.type 
_chem_comp.mon_nstd_flag 
_chem_comp.name 
_chem_comp.pdbx_synonyms 
_chem_comp.formula 
_chem_comp.formula_weight 
ALA 'L-peptide linking' y ALANINE                                                                              ? 'C3 H7 N O2'     
89.093  
ARG 'L-peptide linking' y ARGININE                                                                             ? 'C6 H15 N4 O2 1' 
175.209 
ASN 'L-peptide linking' y ASPARAGINE                                                                           ? 'C4 H8 N2 O3'    
132.118 
ASP 'L-peptide linking' y 'ASPARTIC ACID'                                                                      ? 'C4 H7 N O4'     
133.103 
CYS 'L-peptide linking' y CYSTEINE                                                                             ? 'C3 H7 N O2 S'   
121.158 
E0L non-polymer         . '3-[[8-(methylamino)-2-oxidanylidene-1~{H}-quinolin-3-yl]carbonylamino]benzoic acid' 
'3-{[8-(methylamino)-2-oxo-1,2-dihydroquinoline-3-carbonyl]amino}benzoic acid' 'C18 H15 N3 O4'  337.329 
GLN 'L-peptide linking' y GLUTAMINE                                                                            ? 'C5 H10 N2 O3'   
146.144 
GLU 'L-peptide linking' y 'GLUTAMIC ACID'                                                                      ? 'C5 H9 N O4'     
147.129 
GLY 'peptide linking'   y GLYCINE                                                                              ? 'C2 H5 N O2'     
75.067  
HIS 'L-peptide linking' y HISTIDINE                                                                            ? 'C6 H10 N3 O2 1' 
156.162 
HOH non-polymer         . WATER                                                                                ? 'H2 O'           
18.015  
ILE 'L-peptide linking' y ISOLEUCINE                                                                           ? 'C6 H13 N O2'    
131.173 
LEU 'L-peptide linking' y LEUCINE                                                                              ? 'C6 H13 N O2'    
131.173 
LYS 'L-peptide linking' y LYSINE                                                                               ? 'C6 H15 N2 O2 1' 
147.195 
MET 'L-peptide linking' y METHIONINE                                                                           ? 'C5 H11 N O2 S'  
149.211 
PHE 'L-peptide linking' y PHENYLALANINE                                                                        ? 'C9 H11 N O2'    
165.189 
PRO 'L-peptide linking' y PROLINE                                                                              ? 'C5 H9 N O2'     
115.130 
SER 'L-peptide linking' y SERINE                                                                               ? 'C3 H7 N O3'     
105.093 
THR 'L-peptide linking' y THREONINE                                                                            ? 'C4 H9 N O3'     
119.119 
TRP 'L-peptide linking' y TRYPTOPHAN                                                                           ? 'C11 H12 N2 O2'  
204.225 
TYR 'L-peptide linking' y TYROSINE                                                                             ? 'C9 H11 N O3'    
181.189 
VAL 'L-peptide linking' y VALINE                                                                               ? 'C5 H11 N O2'    
117.146 
# 
_exptl.absorpt_coefficient_mu     ? 
_exptl.absorpt_correction_T_max   ? 
_exptl.absorpt_correction_T_min   ? 
_exptl.absorpt_correction_type    ? 
_exptl.absorpt_process_details    ? 
_exptl.entry_id                   6KZX 
_exptl.crystals_number            1 
_exptl.details                    ? 
_exptl.method                     'X-RAY DIFFRACTION' 
_exptl.method_details             ? 
# 
_exptl_crystal.colour                      ? 
_exptl_crystal.density_diffrn              ? 
_exptl_crystal.density_Matthews            2.03 
_exptl_crystal.density_method              ? 
_exptl_crystal.density_percent_sol         33.38 
_exptl_crystal.description                 ? 
_exptl_crystal.F_000                       ? 
_exptl_crystal.id                          1 
_exptl_crystal.preparation                 ? 
_exptl_crystal.size_max                    ? 
_exptl_crystal.size_mid                    ? 
_exptl_crystal.size_min                    ? 
_exptl_crystal.size_rad                    ? 
_exptl_crystal.colour_lustre               ? 
_exptl_crystal.colour_modifier             ? 
_exptl_crystal.colour_primary              ? 
_exptl_crystal.density_meas                ? 
_exptl_crystal.density_meas_esd            ? 
_exptl_crystal.density_meas_gt             ? 
_exptl_crystal.density_meas_lt             ? 
_exptl_crystal.density_meas_temp           ? 
_exptl_crystal.density_meas_temp_esd       ? 
_exptl_crystal.density_meas_temp_gt        ? 
_exptl_crystal.density_meas_temp_lt        ? 
_exptl_crystal.pdbx_crystal_image_url      ? 
_exptl_crystal.pdbx_crystal_image_format   ? 
_exptl_crystal.pdbx_mosaicity              ? 
_exptl_crystal.pdbx_mosaicity_esd          ? 
# 
_exptl_crystal_grow.apparatus       ? 
_exptl_crystal_grow.atmosphere      ? 
_exptl_crystal_grow.crystal_id      1 
_exptl_crystal_grow.details         ? 
_exptl_crystal_grow.method          'VAPOR DIFFUSION' 
_exptl_crystal_grow.method_ref      ? 
_exptl_crystal_grow.pH              ? 
_exptl_crystal_grow.pressure        ? 
_exptl_crystal_grow.pressure_esd    ? 
_exptl_crystal_grow.seeding         ? 
_exptl_crystal_grow.seeding_ref     ? 
_exptl_crystal_grow.temp            293 
_exptl_crystal_grow.temp_details    ? 
_exptl_crystal_grow.temp_esd        ? 
_exptl_crystal_grow.time            ? 
_exptl_crystal_grow.pdbx_details    'MES, PEG200' 
_exptl_crystal_grow.pdbx_pH_range   ? 
# 
_diffrn.ambient_environment              ? 
_diffrn.ambient_temp                     100 
_diffrn.ambient_temp_details             ? 
_diffrn.ambient_temp_esd                 ? 
_diffrn.crystal_id                       1 
_diffrn.crystal_support                  ? 
_diffrn.crystal_treatment                ? 
_diffrn.details                          ? 
_diffrn.id                               1 
_diffrn.ambient_pressure                 ? 
_diffrn.ambient_pressure_esd             ? 
_diffrn.ambient_pressure_gt              ? 
_diffrn.ambient_pressure_lt              ? 
_diffrn.ambient_temp_gt                  ? 
_diffrn.ambient_temp_lt                  ? 
_diffrn.pdbx_serial_crystal_experiment   N 
# 
_diffrn_detector.details                      ? 
_diffrn_detector.detector                     'IMAGE PLATE' 
_diffrn_detector.diffrn_id                    1 
_diffrn_detector.type                         'RIGAKU RAXIS VII' 
_diffrn_detector.area_resol_mean              ? 
_diffrn_detector.dtime                        ? 
_diffrn_detector.pdbx_frames_total            ? 
_diffrn_detector.pdbx_collection_time_total   ? 
_diffrn_detector.pdbx_collection_date         2015-01-15 
_diffrn_detector.pdbx_frequency               ? 
# 
_diffrn_radiation.collimation                      ? 
_diffrn_radiation.diffrn_id                        1 
_diffrn_radiation.filter_edge                      ? 
_diffrn_radiation.inhomogeneity                    ? 
_diffrn_radiation.monochromator                    ? 
_diffrn_radiation.polarisn_norm                    ? 
_diffrn_radiation.polarisn_ratio                   ? 
_diffrn_radiation.probe                            ? 
_diffrn_radiation.type                             ? 
_diffrn_radiation.xray_symbol                      ? 
_diffrn_radiation.wavelength_id                    1 
_diffrn_radiation.pdbx_monochromatic_or_laue_m_l   M 
_diffrn_radiation.pdbx_wavelength_list             ? 
_diffrn_radiation.pdbx_wavelength                  ? 
_diffrn_radiation.pdbx_diffrn_protocol             'SINGLE WAVELENGTH' 
_diffrn_radiation.pdbx_analyzer                    ? 
_diffrn_radiation.pdbx_scattering_type             x-ray 
# 
_diffrn_radiation_wavelength.id           1 
_diffrn_radiation_wavelength.wavelength   1.5418 
_diffrn_radiation_wavelength.wt           1.0 
# 
_diffrn_source.current                     ? 
_diffrn_source.details                     ? 
_diffrn_source.diffrn_id                   1 
_diffrn_source.power                       ? 
_diffrn_source.size                        ? 
_diffrn_source.source                      'ROTATING ANODE' 
_diffrn_source.target                      ? 
_diffrn_source.type                        'RIGAKU MICROMAX-007 HF' 
_diffrn_source.voltage                     ? 
_diffrn_source.take-off_angle              ? 
_diffrn_source.pdbx_wavelength_list        1.5418 
_diffrn_source.pdbx_wavelength             ? 
_diffrn_source.pdbx_synchrotron_beamline   ? 
_diffrn_source.pdbx_synchrotron_site       ? 
# 
_reflns.B_iso_Wilson_estimate            ? 
_reflns.entry_id                         6KZX 
_reflns.data_reduction_details           ? 
_reflns.data_reduction_method            ? 
_reflns.d_resolution_high                2.10 
_reflns.d_resolution_low                 19.57 
_reflns.details                          ? 
_reflns.limit_h_max                      ? 
_reflns.limit_h_min                      ? 
_reflns.limit_k_max                      ? 
_reflns.limit_k_min                      ? 
_reflns.limit_l_max                      ? 
_reflns.limit_l_min                      ? 
_reflns.number_all                       ? 
_reflns.number_obs                       10915 
_reflns.observed_criterion               ? 
_reflns.observed_criterion_F_max         ? 
_reflns.observed_criterion_F_min         ? 
_reflns.observed_criterion_I_max         ? 
_reflns.observed_criterion_I_min         ? 
_reflns.observed_criterion_sigma_F       ? 
_reflns.observed_criterion_sigma_I       ? 
_reflns.percent_possible_obs             99.7 
_reflns.R_free_details                   ? 
_reflns.Rmerge_F_all                     ? 
_reflns.Rmerge_F_obs                     ? 
_reflns.Friedel_coverage                 ? 
_reflns.number_gt                        ? 
_reflns.threshold_expression             ? 
_reflns.pdbx_redundancy                  4.77 
_reflns.pdbx_Rmerge_I_obs                0.094 
_reflns.pdbx_Rmerge_I_all                ? 
_reflns.pdbx_Rsym_value                  ? 
_reflns.pdbx_netI_over_av_sigmaI         ? 
_reflns.pdbx_netI_over_sigmaI            9.7 
_reflns.pdbx_res_netI_over_av_sigmaI_2   ? 
_reflns.pdbx_res_netI_over_sigmaI_2      ? 
_reflns.pdbx_chi_squared                 ? 
_reflns.pdbx_scaling_rejects             ? 
_reflns.pdbx_d_res_high_opt              ? 
_reflns.pdbx_d_res_low_opt               ? 
_reflns.pdbx_d_res_opt_method            ? 
_reflns.phase_calculation_details        ? 
_reflns.pdbx_Rrim_I_all                  ? 
_reflns.pdbx_Rpim_I_all                  ? 
_reflns.pdbx_d_opt                       ? 
_reflns.pdbx_number_measured_all         ? 
_reflns.pdbx_diffrn_id                   1 
_reflns.pdbx_ordinal                     1 
_reflns.pdbx_CC_half                     ? 
_reflns.pdbx_R_split                     ? 
# 
_reflns_shell.d_res_high                  2.10 
_reflns_shell.d_res_low                   2.17 
_reflns_shell.meanI_over_sigI_all         ? 
_reflns_shell.meanI_over_sigI_obs         ? 
_reflns_shell.number_measured_all         ? 
_reflns_shell.number_measured_obs         ? 
_reflns_shell.number_possible             ? 
_reflns_shell.number_unique_all           ? 
_reflns_shell.number_unique_obs           1072 
_reflns_shell.percent_possible_all        ? 
_reflns_shell.percent_possible_obs        ? 
_reflns_shell.Rmerge_F_all                ? 
_reflns_shell.Rmerge_F_obs                ? 
_reflns_shell.Rmerge_I_all                ? 
_reflns_shell.Rmerge_I_obs                0.335 
_reflns_shell.meanI_over_sigI_gt          ? 
_reflns_shell.meanI_over_uI_all           ? 
_reflns_shell.meanI_over_uI_gt            ? 
_reflns_shell.number_measured_gt          ? 
_reflns_shell.number_unique_gt            ? 
_reflns_shell.percent_possible_gt         ? 
_reflns_shell.Rmerge_F_gt                 ? 
_reflns_shell.Rmerge_I_gt                 ? 
_reflns_shell.pdbx_redundancy             ? 
_reflns_shell.pdbx_Rsym_value             ? 
_reflns_shell.pdbx_chi_squared            ? 
_reflns_shell.pdbx_netI_over_sigmaI_all   ? 
_reflns_shell.pdbx_netI_over_sigmaI_obs   ? 
_reflns_shell.pdbx_Rrim_I_all             ? 
_reflns_shell.pdbx_Rpim_I_all             ? 
_reflns_shell.pdbx_rejects                ? 
_reflns_shell.pdbx_ordinal                1 
_reflns_shell.pdbx_diffrn_id              1 
_reflns_shell.pdbx_CC_half                ? 
_reflns_shell.pdbx_R_split                ? 
# 
_refine.aniso_B[1][1]                            ? 
_refine.aniso_B[1][2]                            ? 
_refine.aniso_B[1][3]                            ? 
_refine.aniso_B[2][2]                            ? 
_refine.aniso_B[2][3]                            ? 
_refine.aniso_B[3][3]                            ? 
_refine.B_iso_max                                ? 
_refine.B_iso_mean                               ? 
_refine.B_iso_min                                ? 
_refine.correlation_coeff_Fo_to_Fc               ? 
_refine.correlation_coeff_Fo_to_Fc_free          ? 
_refine.details                                  ? 
_refine.diff_density_max                         ? 
_refine.diff_density_max_esd                     ? 
_refine.diff_density_min                         ? 
_refine.diff_density_min_esd                     ? 
_refine.diff_density_rms                         ? 
_refine.diff_density_rms_esd                     ? 
_refine.entry_id                                 6KZX 
_refine.pdbx_refine_id                           'X-RAY DIFFRACTION' 
_refine.ls_abs_structure_details                 ? 
_refine.ls_abs_structure_Flack                   ? 
_refine.ls_abs_structure_Flack_esd               ? 
_refine.ls_abs_structure_Rogers                  ? 
_refine.ls_abs_structure_Rogers_esd              ? 
_refine.ls_d_res_high                            2.10 
_refine.ls_d_res_low                             19.57 
_refine.ls_extinction_coef                       ? 
_refine.ls_extinction_coef_esd                   ? 
_refine.ls_extinction_expression                 ? 
_refine.ls_extinction_method                     ? 
_refine.ls_goodness_of_fit_all                   ? 
_refine.ls_goodness_of_fit_all_esd               ? 
_refine.ls_goodness_of_fit_obs                   ? 
_refine.ls_goodness_of_fit_obs_esd               ? 
_refine.ls_hydrogen_treatment                    ? 
_refine.ls_matrix_type                           ? 
_refine.ls_number_constraints                    ? 
_refine.ls_number_parameters                     ? 
_refine.ls_number_reflns_all                     ? 
_refine.ls_number_reflns_obs                     10360 
_refine.ls_number_reflns_R_free                  523 
_refine.ls_number_reflns_R_work                  ? 
_refine.ls_number_restraints                     ? 
_refine.ls_percent_reflns_obs                    99.24 
_refine.ls_percent_reflns_R_free                 ? 
_refine.ls_R_factor_all                          ? 
_refine.ls_R_factor_obs                          0.20169 
_refine.ls_R_factor_R_free                       0.26987 
_refine.ls_R_factor_R_free_error                 ? 
_refine.ls_R_factor_R_free_error_details         ? 
_refine.ls_R_factor_R_work                       0.19840 
_refine.ls_R_Fsqd_factor_obs                     ? 
_refine.ls_R_I_factor_obs                        ? 
_refine.ls_redundancy_reflns_all                 ? 
_refine.ls_redundancy_reflns_obs                 ? 
_refine.ls_restrained_S_all                      ? 
_refine.ls_restrained_S_obs                      ? 
_refine.ls_shift_over_esd_max                    ? 
_refine.ls_shift_over_esd_mean                   ? 
_refine.ls_structure_factor_coef                 ? 
_refine.ls_weighting_details                     ? 
_refine.ls_weighting_scheme                      ? 
_refine.ls_wR_factor_all                         ? 
_refine.ls_wR_factor_obs                         ? 
_refine.ls_wR_factor_R_free                      ? 
_refine.ls_wR_factor_R_work                      ? 
_refine.occupancy_max                            ? 
_refine.occupancy_min                            ? 
_refine.solvent_model_details                    ? 
_refine.solvent_model_param_bsol                 ? 
_refine.solvent_model_param_ksol                 ? 
_refine.ls_R_factor_gt                           ? 
_refine.ls_goodness_of_fit_gt                    ? 
_refine.ls_goodness_of_fit_ref                   ? 
_refine.ls_shift_over_su_max                     ? 
_refine.ls_shift_over_su_max_lt                  ? 
_refine.ls_shift_over_su_mean                    ? 
_refine.ls_shift_over_su_mean_lt                 ? 
_refine.pdbx_ls_sigma_I                          ? 
_refine.pdbx_ls_sigma_F                          ? 
_refine.pdbx_ls_sigma_Fsqd                       ? 
_refine.pdbx_data_cutoff_high_absF               ? 
_refine.pdbx_data_cutoff_high_rms_absF           ? 
_refine.pdbx_data_cutoff_low_absF                ? 
_refine.pdbx_isotropic_thermal_model             ? 
_refine.pdbx_ls_cross_valid_method               'FREE R-VALUE' 
_refine.pdbx_method_to_determine_struct          'MOLECULAR REPLACEMENT' 
_refine.pdbx_starting_model                      1AJ6 
_refine.pdbx_stereochemistry_target_values       ? 
_refine.pdbx_R_Free_selection_details            ? 
_refine.pdbx_stereochem_target_val_spec_case     ? 
_refine.pdbx_overall_ESU_R                       ? 
_refine.pdbx_overall_ESU_R_Free                  ? 
_refine.pdbx_solvent_vdw_probe_radii             ? 
_refine.pdbx_solvent_ion_probe_radii             ? 
_refine.pdbx_solvent_shrinkage_radii             ? 
_refine.pdbx_real_space_R                        ? 
_refine.pdbx_density_correlation                 ? 
_refine.pdbx_pd_number_of_powder_patterns        ? 
_refine.pdbx_pd_number_of_points                 ? 
_refine.pdbx_pd_meas_number_of_points            ? 
_refine.pdbx_pd_proc_ls_prof_R_factor            ? 
_refine.pdbx_pd_proc_ls_prof_wR_factor           ? 
_refine.pdbx_pd_Marquardt_correlation_coeff      ? 
_refine.pdbx_pd_Fsqrd_R_factor                   ? 
_refine.pdbx_pd_ls_matrix_band_width             ? 
_refine.pdbx_overall_phase_error                 ? 
_refine.pdbx_overall_SU_R_free_Cruickshank_DPI   ? 
_refine.pdbx_overall_SU_R_free_Blow_DPI          ? 
_refine.pdbx_overall_SU_R_Blow_DPI               ? 
_refine.pdbx_TLS_residual_ADP_flag               ? 
_refine.pdbx_diffrn_id                           1 
_refine.overall_SU_B                             ? 
_refine.overall_SU_ML                            ? 
_refine.overall_SU_R_Cruickshank_DPI             ? 
_refine.overall_SU_R_free                        ? 
_refine.overall_FOM_free_R_set                   ? 
_refine.overall_FOM_work_R_set                   ? 
_refine.pdbx_average_fsc_overall                 ? 
_refine.pdbx_average_fsc_work                    ? 
_refine.pdbx_average_fsc_free                    ? 
# 
_refine_hist.pdbx_refine_id                   'X-RAY DIFFRACTION' 
_refine_hist.cycle_id                         LAST 
_refine_hist.pdbx_number_atoms_protein        1538 
_refine_hist.pdbx_number_atoms_nucleic_acid   0 
_refine_hist.pdbx_number_atoms_ligand         25 
_refine_hist.number_atoms_solvent             79 
_refine_hist.number_atoms_total               1642 
_refine_hist.d_res_high                       2.10 
_refine_hist.d_res_low                        19.57 
# 
_refine_ls_shell.R_factor_R_free                  0.342 
_refine_ls_shell.R_factor_R_free_error            ? 
_refine_ls_shell.R_factor_R_work                  0.252 
_refine_ls_shell.R_factor_all                     ? 
_refine_ls_shell.R_factor_obs                     ? 
_refine_ls_shell.d_res_high                       2.100 
_refine_ls_shell.d_res_low                        2.154 
_refine_ls_shell.number_reflns_R_free             ? 
_refine_ls_shell.number_reflns_R_work             ? 
_refine_ls_shell.number_reflns_all                ? 
_refine_ls_shell.number_reflns_obs                ? 
_refine_ls_shell.pdbx_R_complete                  ? 
_refine_ls_shell.pdbx_fsc_free                    ? 
_refine_ls_shell.pdbx_fsc_work                    ? 
_refine_ls_shell.pdbx_phase_error                 ? 
_refine_ls_shell.pdbx_refine_id                   'X-RAY DIFFRACTION' 
_refine_ls_shell.pdbx_total_number_of_bins_used   ? 
_refine_ls_shell.percent_reflns_R_free            ? 
_refine_ls_shell.percent_reflns_obs               ? 
_refine_ls_shell.redundancy_reflns_all            ? 
_refine_ls_shell.redundancy_reflns_obs            ? 
_refine_ls_shell.wR_factor_R_free                 ? 
_refine_ls_shell.wR_factor_R_work                 ? 
_refine_ls_shell.wR_factor_all                    ? 
_refine_ls_shell.wR_factor_obs                    ? 
# 
_struct.entry_id                     6KZX 
_struct.title                        
'Crystal structure of E.coli DNA gyrase B in complex with 2-oxo-1,2-dihydroquinoline derivative' 
_struct.pdbx_model_details           ? 
_struct.pdbx_formula_weight          ? 
_struct.pdbx_formula_weight_method   ? 
_struct.pdbx_model_type_details      ? 
_struct.pdbx_CASP_flag               N 
# 
_struct_keywords.entry_id        6KZX 
_struct_keywords.text            'Inhibitor, Complex, Topoisomerase, Escherichia coli, ISOMERASE' 
_struct_keywords.pdbx_keywords   ISOMERASE 
# 
loop_
_struct_asym.id 
_struct_asym.pdbx_blank_PDB_chainid_flag 
_struct_asym.pdbx_modified 
_struct_asym.entity_id 
_struct_asym.details 
A N N 1 ? 
B N N 2 ? 
C N N 3 ? 
# 
loop_
_struct_conf.conf_type_id 
_struct_conf.id 
_struct_conf.pdbx_PDB_helix_id 
_struct_conf.beg_label_comp_id 
_struct_conf.beg_label_asym_id 
_struct_conf.beg_label_seq_id 
_struct_conf.pdbx_beg_PDB_ins_code 
_struct_conf.end_label_comp_id 
_struct_conf.end_label_asym_id 
_struct_conf.end_label_seq_id 
_struct_conf.pdbx_end_PDB_ins_code 
_struct_conf.beg_auth_comp_id 
_struct_conf.beg_auth_asym_id 
_struct_conf.beg_auth_seq_id 
_struct_conf.end_auth_comp_id 
_struct_conf.end_auth_asym_id 
_struct_conf.end_auth_seq_id 
_struct_conf.pdbx_PDB_helix_class 
_struct_conf.details 
_struct_conf.pdbx_PDB_helix_length 
HELX_P HELX_P1 AA1 SER A 7   ? ARG A 22  ? SER A 7   ARG A 22  1 ? 16 
HELX_P HELX_P2 AA2 PRO A 23  ? GLY A 28  ? PRO A 23  GLY A 28  1 ? 6  
HELX_P HELX_P3 AA3 GLY A 33  ? ALA A 53  ? GLY A 33  ALA A 53  1 ? 21 
HELX_P HELX_P4 AA4 SER A 89  ? VAL A 97  ? SER A 89  VAL A 97  1 ? 9  
HELX_P HELX_P5 AA5 VAL A 120 ? LEU A 126 ? VAL A 120 LEU A 126 1 ? 7  
HELX_P HELX_P6 AA6 GLU A 183 ? ASN A 198 ? GLU A 183 ASN A 198 1 ? 16 
# 
_struct_conf_type.id          HELX_P 
_struct_conf_type.criteria    ? 
_struct_conf_type.reference   ? 
# 
loop_
_struct_sheet.id 
_struct_sheet.type 
_struct_sheet.number_strands 
_struct_sheet.details 
AA1 ? 3 ? 
AA2 ? 8 ? 
# 
loop_
_struct_sheet_order.sheet_id 
_struct_sheet_order.range_id_1 
_struct_sheet_order.range_id_2 
_struct_sheet_order.offset 
_struct_sheet_order.sense 
AA1 1 2 ? anti-parallel 
AA1 2 3 ? anti-parallel 
AA2 1 2 ? anti-parallel 
AA2 2 3 ? anti-parallel 
AA2 3 4 ? anti-parallel 
AA2 4 5 ? anti-parallel 
AA2 5 6 ? anti-parallel 
AA2 6 7 ? parallel      
AA2 7 8 ? anti-parallel 
# 
loop_
_struct_sheet_range.sheet_id 
_struct_sheet_range.id 
_struct_sheet_range.beg_label_comp_id 
_struct_sheet_range.beg_label_asym_id 
_struct_sheet_range.beg_label_seq_id 
_struct_sheet_range.pdbx_beg_PDB_ins_code 
_struct_sheet_range.end_label_comp_id 
_struct_sheet_range.end_label_asym_id 
_struct_sheet_range.end_label_seq_id 
_struct_sheet_range.pdbx_end_PDB_ins_code 
_struct_sheet_range.beg_auth_comp_id 
_struct_sheet_range.beg_auth_asym_id 
_struct_sheet_range.beg_auth_seq_id 
_struct_sheet_range.end_auth_comp_id 
_struct_sheet_range.end_auth_asym_id 
_struct_sheet_range.end_auth_seq_id 
AA1 1 VAL A 149 ? PRO A 150 ? VAL A 149 PRO A 150 
AA1 2 LYS A 139 ? GLU A 146 ? LYS A 139 GLU A 146 
AA1 3 ALA A 155 ? GLU A 159 ? ALA A 155 GLU A 159 
AA2 1 VAL A 149 ? PRO A 150 ? VAL A 149 PRO A 150 
AA2 2 LYS A 139 ? GLU A 146 ? LYS A 139 GLU A 146 
AA2 3 SER A 127 ? ARG A 136 ? SER A 127 ARG A 136 
AA2 4 GLY A 164 ? PRO A 171 ? GLY A 164 PRO A 171 
AA2 5 VAL A 69  ? ASP A 73  ? VAL A 69  ASP A 73  
AA2 6 GLU A 58  ? ILE A 63  ? GLU A 58  ILE A 63  
AA2 7 SER A 202 ? ASP A 207 ? SER A 202 ASP A 207 
AA2 8 GLU A 213 ? PHE A 216 ? GLU A 213 PHE A 216 
# 
loop_
_pdbx_struct_sheet_hbond.sheet_id 
_pdbx_struct_sheet_hbond.range_id_1 
_pdbx_struct_sheet_hbond.range_id_2 
_pdbx_struct_sheet_hbond.range_1_label_atom_id 
_pdbx_struct_sheet_hbond.range_1_label_comp_id 
_pdbx_struct_sheet_hbond.range_1_label_asym_id 
_pdbx_struct_sheet_hbond.range_1_label_seq_id 
_pdbx_struct_sheet_hbond.range_1_PDB_ins_code 
_pdbx_struct_sheet_hbond.range_1_auth_atom_id 
_pdbx_struct_sheet_hbond.range_1_auth_comp_id 
_pdbx_struct_sheet_hbond.range_1_auth_asym_id 
_pdbx_struct_sheet_hbond.range_1_auth_seq_id 
_pdbx_struct_sheet_hbond.range_2_label_atom_id 
_pdbx_struct_sheet_hbond.range_2_label_comp_id 
_pdbx_struct_sheet_hbond.range_2_label_asym_id 
_pdbx_struct_sheet_hbond.range_2_label_seq_id 
_pdbx_struct_sheet_hbond.range_2_PDB_ins_code 
_pdbx_struct_sheet_hbond.range_2_auth_atom_id 
_pdbx_struct_sheet_hbond.range_2_auth_comp_id 
_pdbx_struct_sheet_hbond.range_2_auth_asym_id 
_pdbx_struct_sheet_hbond.range_2_auth_seq_id 
AA1 1 2 O VAL A 149 ? O VAL A 149 N GLU A 146 ? N GLU A 146 
AA1 2 3 N ARG A 142 ? N ARG A 142 O ALA A 155 ? O ALA A 155 
AA2 1 2 O VAL A 149 ? O VAL A 149 N GLU A 146 ? N GLU A 146 
AA2 2 3 O HIS A 141 ? O HIS A 141 N ILE A 134 ? N ILE A 134 
AA2 3 4 N GLU A 131 ? N GLU A 131 O ARG A 168 ? O ARG A 168 
AA2 4 5 O VAL A 167 ? O VAL A 167 N VAL A 71  ? N VAL A 71  
AA2 5 6 O SER A 70  ? O SER A 70  N THR A 62  ? N THR A 62  
AA2 6 7 N VAL A 61  ? N VAL A 61  O ARG A 204 ? O ARG A 204 
AA2 7 8 N ILE A 203 ? N ILE A 203 O PHE A 216 ? O PHE A 216 
# 
_struct_site.id                   AC1 
_struct_site.pdbx_evidence_code   Software 
_struct_site.pdbx_auth_asym_id    A 
_struct_site.pdbx_auth_comp_id    E0L 
_struct_site.pdbx_auth_seq_id     301 
_struct_site.pdbx_auth_ins_code   ? 
_struct_site.pdbx_num_residues    10 
_struct_site.details              'binding site for residue E0L A 301' 
# 
loop_
_struct_site_gen.id 
_struct_site_gen.site_id 
_struct_site_gen.pdbx_num_res 
_struct_site_gen.label_comp_id 
_struct_site_gen.label_asym_id 
_struct_site_gen.label_seq_id 
_struct_site_gen.pdbx_auth_ins_code 
_struct_site_gen.auth_comp_id 
_struct_site_gen.auth_asym_id 
_struct_site_gen.auth_seq_id 
_struct_site_gen.label_atom_id 
_struct_site_gen.label_alt_id 
_struct_site_gen.symmetry 
_struct_site_gen.details 
1  AC1 10 ASN A 46  ? ASN A 46  . ? 1_555 ? 
2  AC1 10 GLU A 50  ? GLU A 50  . ? 1_555 ? 
3  AC1 10 VAL A 71  ? VAL A 71  . ? 1_555 ? 
4  AC1 10 ASP A 73  ? ASP A 73  . ? 1_555 ? 
5  AC1 10 ARG A 76  ? ARG A 76  . ? 1_555 ? 
6  AC1 10 GLY A 77  ? GLY A 77  . ? 1_555 ? 
7  AC1 10 ILE A 78  ? ILE A 78  . ? 1_555 ? 
8  AC1 10 PRO A 79  ? PRO A 79  . ? 1_555 ? 
9  AC1 10 THR A 165 ? THR A 165 . ? 1_555 ? 
10 AC1 10 HOH C .   ? HOH A 405 . ? 1_555 ? 
# 
_atom_sites.entry_id                    6KZX 
_atom_sites.Cartn_transf_matrix[1][1]   ? 
_atom_sites.Cartn_transf_matrix[1][2]   ? 
_atom_sites.Cartn_transf_matrix[1][3]   ? 
_atom_sites.Cartn_transf_matrix[2][1]   ? 
_atom_sites.Cartn_transf_matrix[2][2]   ? 
_atom_sites.Cartn_transf_matrix[2][3]   ? 
_atom_sites.Cartn_transf_matrix[3][1]   ? 
_atom_sites.Cartn_transf_matrix[3][2]   ? 
_atom_sites.Cartn_transf_matrix[3][3]   ? 
_atom_sites.Cartn_transf_vector[1]      ? 
_atom_sites.Cartn_transf_vector[2]      ? 
_atom_sites.Cartn_transf_vector[3]      ? 
_atom_sites.fract_transf_matrix[1][1]   -0.01918049 
_atom_sites.fract_transf_matrix[1][2]   -0.00474111 
_atom_sites.fract_transf_matrix[1][3]   0.01751878 
_atom_sites.fract_transf_matrix[2][1]   -0.00873262 
_atom_sites.fract_transf_matrix[2][2]   0.00932197 
_atom_sites.fract_transf_matrix[2][3]   -0.00703813 
_atom_sites.fract_transf_matrix[3][1]   -0.00490435 
_atom_sites.fract_transf_matrix[3][2]   -0.01086920 
_atom_sites.fract_transf_matrix[3][3]   -0.00831108 
_atom_sites.fract_transf_vector[1]      0.494618 
_atom_sites.fract_transf_vector[2]      0.076605 
_atom_sites.fract_transf_vector[3]      -0.183941 
_atom_sites.solution_primary            ? 
_atom_sites.solution_secondary          ? 
_atom_sites.solution_hydrogens          ? 
_atom_sites.special_details             ? 
# 
loop_
_atom_type.symbol 
C 
N 
O 
S 
# 
loop_
_atom_site.group_PDB 
_atom_site.id 
_atom_site.type_symbol 
_atom_site.label_atom_id 
_atom_site.label_alt_id 
_atom_site.label_comp_id 
_atom_site.label_asym_id 
_atom_site.label_entity_id 
_atom_site.label_seq_id 
_atom_site.pdbx_PDB_ins_code 
_atom_site.Cartn_x 
_atom_site.Cartn_y 
_atom_site.Cartn_z 
_atom_site.occupancy 
_atom_site.B_iso_or_equiv 
_atom_site.pdbx_formal_charge 
_atom_site.auth_seq_id 
_atom_site.auth_comp_id 
_atom_site.auth_asym_id 
_atom_site.auth_atom_id 
_atom_site.pdbx_PDB_model_num 
ATOM   1    N N   . SER A 1 7   ? -15.069 16.276  14.071  1.00 68.83 ? 7   SER A N   1 
ATOM   2    C CA  . SER A 1 7   ? -14.806 16.075  12.603  1.00 64.94 ? 7   SER A CA  1 
ATOM   3    C C   . SER A 1 7   ? -13.663 15.103  12.347  1.00 62.75 ? 7   SER A C   1 
ATOM   4    O O   . SER A 1 7   ? -12.483 15.363  12.702  1.00 53.72 ? 7   SER A O   1 
ATOM   5    C CB  . SER A 1 7   ? -14.479 17.394  11.901  1.00 63.25 ? 7   SER A CB  1 
ATOM   6    O OG  . SER A 1 7   ? -13.782 17.191  10.670  1.00 55.76 ? 7   SER A OG  1 
ATOM   7    N N   . SER A 1 8   ? -14.036 14.010  11.687  1.00 60.61 ? 8   SER A N   1 
ATOM   8    C CA  . SER A 1 8   ? -13.087 13.089  11.122  1.00 56.96 ? 8   SER A CA  1 
ATOM   9    C C   . SER A 1 8   ? -12.202 13.780  10.087  1.00 51.04 ? 8   SER A C   1 
ATOM   10   O O   . SER A 1 8   ? -11.023 13.462  10.015  1.00 43.22 ? 8   SER A O   1 
ATOM   11   C CB  . SER A 1 8   ? -13.785 11.889  10.485  1.00 58.22 ? 8   SER A CB  1 
ATOM   12   O OG  . SER A 1 8   ? -12.822 10.926  10.059  1.00 62.39 ? 8   SER A OG  1 
ATOM   13   N N   . SER A 1 9   ? -12.726 14.710  9.291   1.00 41.65 ? 9   SER A N   1 
ATOM   14   C CA  . SER A 1 9   ? -11.861 15.335  8.297   1.00 40.61 ? 9   SER A CA  1 
ATOM   15   C C   . SER A 1 9   ? -10.662 16.063  8.971   1.00 34.81 ? 9   SER A C   1 
ATOM   16   O O   . SER A 1 9   ? -9.531  16.031  8.493   1.00 36.06 ? 9   SER A O   1 
ATOM   17   C CB  . SER A 1 9   ? -12.668 16.279  7.411   1.00 40.36 ? 9   SER A CB  1 
ATOM   18   O OG  . SER A 1 9   ? -11.789 17.078  6.624   1.00 42.51 ? 9   SER A OG  1 
ATOM   19   N N   . ILE A 1 10  ? -10.928 16.688  10.107  1.00 33.07 ? 10  ILE A N   1 
ATOM   20   C CA  . ILE A 1 10  ? -9.932  17.500  10.802  1.00 32.88 ? 10  ILE A CA  1 
ATOM   21   C C   . ILE A 1 10  ? -8.825  16.597  11.355  1.00 32.07 ? 10  ILE A C   1 
ATOM   22   O O   . ILE A 1 10  ? -7.643  16.916  11.224  1.00 30.50 ? 10  ILE A O   1 
ATOM   23   C CB  . ILE A 1 10  ? -10.590 18.335  11.916  1.00 31.76 ? 10  ILE A CB  1 
ATOM   24   C CG1 . ILE A 1 10  ? -11.545 19.341  11.296  1.00 31.89 ? 10  ILE A CG1 1 
ATOM   25   C CG2 . ILE A 1 10  ? -9.560  19.093  12.751  1.00 31.17 ? 10  ILE A CG2 1 
ATOM   26   C CD1 . ILE A 1 10  ? -12.502 19.965  12.288  1.00 32.64 ? 10  ILE A CD1 1 
ATOM   27   N N   . LYS A 1 11  ? -9.251  15.489  11.959  1.00 30.29 ? 11  LYS A N   1 
ATOM   28   C CA  . LYS A 1 11  ? -8.379  14.445  12.482  1.00 33.26 ? 11  LYS A CA  1 
ATOM   29   C C   . LYS A 1 11  ? -7.497  13.864  11.408  1.00 29.82 ? 11  LYS A C   1 
ATOM   30   O O   . LYS A 1 11  ? -6.337  13.774  11.597  1.00 27.75 ? 11  LYS A O   1 
ATOM   31   C CB  . LYS A 1 11  ? -9.193  13.278  13.093  1.00 35.21 ? 11  LYS A CB  1 
ATOM   32   C CG  . LYS A 1 11  ? -9.019  13.136  14.586  1.00 40.20 ? 11  LYS A CG  1 
ATOM   33   C CD  . LYS A 1 11  ? -9.840  14.158  15.351  1.00 43.09 ? 11  LYS A CD  1 
ATOM   34   C CE  . LYS A 1 11  ? -9.296  14.384  16.761  1.00 42.89 ? 11  LYS A CE  1 
ATOM   35   N NZ  . LYS A 1 11  ? -8.951  15.825  16.952  1.00 44.50 ? 11  LYS A NZ  1 
ATOM   36   N N   . VAL A 1 12  ? -8.101  13.470  10.284  1.00 31.04 ? 12  VAL A N   1 
ATOM   37   C CA  . VAL A 1 12  ? -7.393  12.939  9.128   1.00 29.36 ? 12  VAL A CA  1 
ATOM   38   C C   . VAL A 1 12  ? -6.230  13.818  8.671   1.00 28.71 ? 12  VAL A C   1 
ATOM   39   O O   . VAL A 1 12  ? -5.141  13.306  8.432   1.00 29.46 ? 12  VAL A O   1 
ATOM   40   C CB  . VAL A 1 12  ? -8.368  12.666  7.937   1.00 30.34 ? 12  VAL A CB  1 
ATOM   41   C CG1 . VAL A 1 12  ? -7.612  12.444  6.599   1.00 27.54 ? 12  VAL A CG1 1 
ATOM   42   C CG2 . VAL A 1 12  ? -9.286  11.485  8.281   1.00 29.58 ? 12  VAL A CG2 1 
ATOM   43   N N   . LEU A 1 13  ? -6.469  15.124  8.512   1.00 31.24 ? 13  LEU A N   1 
ATOM   44   C CA  . LEU A 1 13  ? -5.422  16.018  8.045   1.00 32.78 ? 13  LEU A CA  1 
ATOM   45   C C   . LEU A 1 13  ? -4.366  16.230  9.103   1.00 33.13 ? 13  LEU A C   1 
ATOM   46   O O   . LEU A 1 13  ? -3.195  16.355  8.758   1.00 30.90 ? 13  LEU A O   1 
ATOM   47   C CB  . LEU A 1 13  ? -5.961  17.380  7.600   1.00 36.25 ? 13  LEU A CB  1 
ATOM   48   C CG  . LEU A 1 13  ? -6.089  17.661  6.107   1.00 39.87 ? 13  LEU A CG  1 
ATOM   49   C CD1 . LEU A 1 13  ? -6.046  19.168  5.871   1.00 42.52 ? 13  LEU A CD1 1 
ATOM   50   C CD2 . LEU A 1 13  ? -5.014  17.004  5.259   1.00 40.67 ? 13  LEU A CD2 1 
ATOM   51   N N   . LYS A 1 14  ? -4.772  16.295  10.372  1.00 33.86 ? 14  LYS A N   1 
ATOM   52   C CA  . LYS A 1 14  ? -3.779  16.329  11.488  1.00 34.24 ? 14  LYS A CA  1 
ATOM   53   C C   . LYS A 1 14  ? -2.892  15.104  11.478  1.00 28.90 ? 14  LYS A C   1 
ATOM   54   O O   . LYS A 1 14  ? -1.677  15.225  11.639  1.00 29.68 ? 14  LYS A O   1 
ATOM   55   C CB  . LYS A 1 14  ? -4.424  16.475  12.878  1.00 34.33 ? 14  LYS A CB  1 
ATOM   56   C CG  . LYS A 1 14  ? -4.874  17.881  13.160  1.00 38.19 ? 14  LYS A CG  1 
ATOM   57   C CD  . LYS A 1 14  ? -5.463  18.031  14.548  1.00 41.50 ? 14  LYS A CD  1 
ATOM   58   C CE  . LYS A 1 14  ? -6.224  19.344  14.653  1.00 42.55 ? 14  LYS A CE  1 
ATOM   59   N NZ  . LYS A 1 14  ? -7.036  19.293  15.890  1.00 46.47 ? 14  LYS A NZ  1 
ATOM   60   N N   . GLY A 1 15  ? -3.478  13.937  11.276  1.00 25.42 ? 15  GLY A N   1 
ATOM   61   C CA  . GLY A 1 15  ? -2.672  12.732  11.285  1.00 26.17 ? 15  GLY A CA  1 
ATOM   62   C C   . GLY A 1 15  ? -1.660  12.753  10.142  1.00 25.52 ? 15  GLY A C   1 
ATOM   63   O O   . GLY A 1 15  ? -0.500  12.473  10.360  1.00 26.73 ? 15  GLY A O   1 
ATOM   64   N N   . LEU A 1 16  ? -2.110  13.083  8.932   1.00 27.19 ? 16  LEU A N   1 
ATOM   65   C CA  . LEU A 1 16  ? -1.233  13.191  7.751   1.00 27.96 ? 16  LEU A CA  1 
ATOM   66   C C   . LEU A 1 16  ? -0.098  14.158  8.000   1.00 27.26 ? 16  LEU A C   1 
ATOM   67   O O   . LEU A 1 16  ? 1.032   13.802  7.880   1.00 28.63 ? 16  LEU A O   1 
ATOM   68   C CB  . LEU A 1 16  ? -2.014  13.652  6.505   1.00 30.52 ? 16  LEU A CB  1 
ATOM   69   C CG  . LEU A 1 16  ? -3.086  12.709  5.921   1.00 35.66 ? 16  LEU A CG  1 
ATOM   70   C CD1 . LEU A 1 16  ? -3.643  13.319  4.636   1.00 37.35 ? 16  LEU A CD1 1 
ATOM   71   C CD2 . LEU A 1 16  ? -2.550  11.304  5.660   1.00 36.49 ? 16  LEU A CD2 1 
ATOM   72   N N   . ASP A 1 17  ? -0.420  15.354  8.408   1.00 26.66 ? 17  ASP A N   1 
ATOM   73   C CA  . ASP A 1 17  ? 0.554   16.329  8.813   1.00 30.29 ? 17  ASP A CA  1 
ATOM   74   C C   . ASP A 1 17  ? 1.543   15.822  9.913   1.00 29.01 ? 17  ASP A C   1 
ATOM   75   O O   . ASP A 1 17  ? 2.743   16.067  9.833   1.00 24.37 ? 17  ASP A O   1 
ATOM   76   C CB  . ASP A 1 17  ? -0.205  17.568  9.277   1.00 34.99 ? 17  ASP A CB  1 
ATOM   77   C CG  . ASP A 1 17  ? 0.714   18.745  9.546   1.00 41.34 ? 17  ASP A CG  1 
ATOM   78   O OD1 . ASP A 1 17  ? 1.528   19.122  8.664   1.00 41.90 ? 17  ASP A OD1 1 
ATOM   79   O OD2 . ASP A 1 17  ? 0.637   19.275  10.673  1.00 46.37 ? 17  ASP A OD2 1 
ATOM   80   N N   . ALA A 1 18  ? 1.021   15.113  10.927  1.00 26.69 ? 18  ALA A N   1 
ATOM   81   C CA  . ALA A 1 18  ? 1.873   14.451  11.926  1.00 25.51 ? 18  ALA A CA  1 
ATOM   82   C C   . ALA A 1 18  ? 2.896   13.513  11.274  1.00 23.89 ? 18  ALA A C   1 
ATOM   83   O O   . ALA A 1 18  ? 4.028   13.470  11.686  1.00 24.59 ? 18  ALA A O   1 
ATOM   84   C CB  . ALA A 1 18  ? 1.016   13.673  12.930  1.00 25.51 ? 18  ALA A CB  1 
ATOM   85   N N   . VAL A 1 19  ? 2.503   12.778  10.234  1.00 23.85 ? 19  VAL A N   1 
ATOM   86   C CA  . VAL A 1 19  ? 3.420   11.837  9.569   1.00 24.40 ? 19  VAL A CA  1 
ATOM   87   C C   . VAL A 1 19  ? 4.490   12.565  8.713   1.00 25.75 ? 19  VAL A C   1 
ATOM   88   O O   . VAL A 1 19  ? 5.661   12.133  8.628   1.00 22.85 ? 19  VAL A O   1 
ATOM   89   C CB  . VAL A 1 19  ? 2.651   10.795  8.718   1.00 23.37 ? 19  VAL A CB  1 
ATOM   90   C CG1 . VAL A 1 19  ? 3.589   9.941   7.896   1.00 25.23 ? 19  VAL A CG1 1 
ATOM   91   C CG2 . VAL A 1 19  ? 1.780   9.892   9.585   1.00 23.09 ? 19  VAL A CG2 1 
ATOM   92   N N   . ARG A 1 20  ? 4.094   13.661  8.073   1.00 26.30 ? 20  ARG A N   1 
ATOM   93   C CA  . ARG A 1 20  ? 5.048   14.386  7.245   1.00 30.61 ? 20  ARG A CA  1 
ATOM   94   C C   . ARG A 1 20  ? 6.104   15.038  8.069   1.00 28.01 ? 20  ARG A C   1 
ATOM   95   O O   . ARG A 1 20  ? 7.237   15.123  7.627   1.00 26.06 ? 20  ARG A O   1 
ATOM   96   C CB  . ARG A 1 20  ? 4.425   15.506  6.468   1.00 34.00 ? 20  ARG A CB  1 
ATOM   97   C CG  . ARG A 1 20  ? 3.631   15.038  5.316   1.00 40.25 ? 20  ARG A CG  1 
ATOM   98   C CD  . ARG A 1 20  ? 2.193   15.146  5.673   1.00 49.01 ? 20  ARG A CD  1 
ATOM   99   N NE  . ARG A 1 20  ? 1.542   15.907  4.650   1.00 56.03 ? 20  ARG A NE  1 
ATOM   100  C CZ  . ARG A 1 20  ? 0.971   15.405  3.563   1.00 61.13 ? 20  ARG A CZ  1 
ATOM   101  N NH1 . ARG A 1 20  ? 0.933   14.093  3.326   1.00 54.76 ? 20  ARG A NH1 1 
ATOM   102  N NH2 . ARG A 1 20  ? 0.408   16.265  2.714   1.00 73.87 ? 20  ARG A NH2 1 
ATOM   103  N N   . LYS A 1 21  ? 5.686   15.574  9.210   1.00 26.32 ? 21  LYS A N   1 
ATOM   104  C CA  . LYS A 1 21  ? 6.595   16.228  10.139  1.00 28.66 ? 21  LYS A CA  1 
ATOM   105  C C   . LYS A 1 21  ? 7.524   15.320  10.858  1.00 25.95 ? 21  LYS A C   1 
ATOM   106  O O   . LYS A 1 21  ? 8.602   15.755  11.279  1.00 28.51 ? 21  LYS A O   1 
ATOM   107  C CB  . LYS A 1 21  ? 5.833   17.062  11.181  1.00 28.98 ? 21  LYS A CB  1 
ATOM   108  C CG  . LYS A 1 21  ? 5.220   18.298  10.562  1.00 32.84 ? 21  LYS A CG  1 
ATOM   109  C CD  . LYS A 1 21  ? 5.133   19.451  11.556  1.00 37.76 ? 21  LYS A CD  1 
ATOM   110  C CE  . LYS A 1 21  ? 3.731   19.633  12.109  1.00 39.34 ? 21  LYS A CE  1 
ATOM   111  N NZ  . LYS A 1 21  ? 2.983   20.508  11.182  1.00 37.92 ? 21  LYS A NZ  1 
ATOM   112  N N   . ARG A 1 22  ? 7.085   14.099  11.080  1.00 24.99 ? 22  ARG A N   1 
ATOM   113  C CA  . ARG A 1 22  ? 7.881   13.132  11.819  1.00 25.31 ? 22  ARG A CA  1 
ATOM   114  C C   . ARG A 1 22  ? 7.933   11.774  11.130  1.00 23.64 ? 22  ARG A C   1 
ATOM   115  O O   . ARG A 1 22  ? 7.587   10.773  11.740  1.00 24.03 ? 22  ARG A O   1 
ATOM   116  C CB  . ARG A 1 22  ? 7.341   13.002  13.236  1.00 25.86 ? 22  ARG A CB  1 
ATOM   117  C CG  . ARG A 1 22  ? 7.479   14.281  14.047  1.00 27.20 ? 22  ARG A CG  1 
ATOM   118  C CD  . ARG A 1 22  ? 7.097   14.082  15.525  1.00 27.68 ? 22  ARG A CD  1 
ATOM   119  N NE  . ARG A 1 22  ? 7.442   15.244  16.362  1.00 29.27 ? 22  ARG A NE  1 
ATOM   120  C CZ  . ARG A 1 22  ? 6.803   16.413  16.335  1.00 29.93 ? 22  ARG A CZ  1 
ATOM   121  N NH1 . ARG A 1 22  ? 7.191   17.403  17.134  1.00 29.14 ? 22  ARG A NH1 1 
ATOM   122  N NH2 . ARG A 1 22  ? 5.780   16.610  15.487  1.00 30.98 ? 22  ARG A NH2 1 
ATOM   123  N N   . PRO A 1 23  ? 8.418   11.723  9.871   1.00 23.60 ? 23  PRO A N   1 
ATOM   124  C CA  . PRO A 1 23  ? 8.485   10.446  9.177   1.00 25.22 ? 23  PRO A CA  1 
ATOM   125  C C   . PRO A 1 23  ? 9.401   9.450   9.870   1.00 28.23 ? 23  PRO A C   1 
ATOM   126  O O   . PRO A 1 23  ? 9.142   8.264   9.777   1.00 30.22 ? 23  PRO A O   1 
ATOM   127  C CB  . PRO A 1 23  ? 8.950   10.817  7.770   1.00 25.87 ? 23  PRO A CB  1 
ATOM   128  C CG  . PRO A 1 23  ? 9.577   12.146  7.880   1.00 24.25 ? 23  PRO A CG  1 
ATOM   129  C CD  . PRO A 1 23  ? 9.039   12.811  9.094   1.00 24.06 ? 23  PRO A CD  1 
ATOM   130  N N   . GLY A 1 24  ? 10.363  9.904   10.679  1.00 27.62 ? 24  GLY A N   1 
ATOM   131  C CA  . GLY A 1 24  ? 11.270  8.974   11.328  1.00 27.73 ? 24  GLY A CA  1 
ATOM   132  C C   . GLY A 1 24  ? 10.602  7.973   12.197  1.00 28.79 ? 24  GLY A C   1 
ATOM   133  O O   . GLY A 1 24  ? 10.915  6.798   12.118  1.00 31.33 ? 24  GLY A O   1 
ATOM   134  N N   . MET A 1 25  ? 9.652   8.439   13.022  1.00 31.27 ? 25  MET A N   1 
ATOM   135  C CA  . MET A 1 25  ? 8.914   7.563   13.955  1.00 30.68 ? 25  MET A CA  1 
ATOM   136  C C   . MET A 1 25  ? 7.872   6.692   13.275  1.00 29.72 ? 25  MET A C   1 
ATOM   137  O O   . MET A 1 25  ? 7.244   5.863   13.939  1.00 32.86 ? 25  MET A O   1 
ATOM   138  C CB  . MET A 1 25  ? 8.218   8.360   15.090  1.00 33.66 ? 25  MET A CB  1 
ATOM   139  C CG  . MET A 1 25  ? 7.170   9.380   14.684  1.00 33.99 ? 25  MET A CG  1 
ATOM   140  S SD  . MET A 1 25  ? 6.337   10.214  16.075  1.00 36.58 ? 25  MET A SD  1 
ATOM   141  C CE  . MET A 1 25  ? 5.274   8.927   16.722  1.00 37.84 ? 25  MET A CE  1 
ATOM   142  N N   . TYR A 1 26  ? 7.596   6.934   11.999  1.00 26.77 ? 26  TYR A N   1 
ATOM   143  C CA  . TYR A 1 26  ? 6.580   6.130   11.303  1.00 25.58 ? 26  TYR A CA  1 
ATOM   144  C C   . TYR A 1 26  ? 7.235   5.224   10.302  1.00 25.07 ? 26  TYR A C   1 
ATOM   145  O O   . TYR A 1 26  ? 6.930   4.057   10.266  1.00 21.09 ? 26  TYR A O   1 
ATOM   146  C CB  . TYR A 1 26  ? 5.526   7.017   10.644  1.00 25.16 ? 26  TYR A CB  1 
ATOM   147  C CG  . TYR A 1 26  ? 4.695   7.833   11.639  1.00 24.06 ? 26  TYR A CG  1 
ATOM   148  C CD1 . TYR A 1 26  ? 3.706   7.227   12.383  1.00 23.32 ? 26  TYR A CD1 1 
ATOM   149  C CD2 . TYR A 1 26  ? 4.931   9.178   11.843  1.00 24.61 ? 26  TYR A CD2 1 
ATOM   150  C CE1 . TYR A 1 26  ? 2.923   7.936   13.257  1.00 24.51 ? 26  TYR A CE1 1 
ATOM   151  C CE2 . TYR A 1 26  ? 4.168   9.903   12.760  1.00 25.74 ? 26  TYR A CE2 1 
ATOM   152  C CZ  . TYR A 1 26  ? 3.148   9.247   13.455  1.00 24.85 ? 26  TYR A CZ  1 
ATOM   153  O OH  . TYR A 1 26  ? 2.342   9.863   14.396  1.00 26.93 ? 26  TYR A OH  1 
ATOM   154  N N   . ILE A 1 27  ? 8.183   5.746   9.527   1.00 24.81 ? 27  ILE A N   1 
ATOM   155  C CA  . ILE A 1 27  ? 8.718   4.960   8.425   1.00 27.39 ? 27  ILE A CA  1 
ATOM   156  C C   . ILE A 1 27  ? 10.169  4.541   8.587   1.00 25.42 ? 27  ILE A C   1 
ATOM   157  O O   . ILE A 1 27  ? 10.577  3.578   7.975   1.00 25.18 ? 27  ILE A O   1 
ATOM   158  C CB  . ILE A 1 27  ? 8.451   5.679   7.051   1.00 28.68 ? 27  ILE A CB  1 
ATOM   159  C CG1 . ILE A 1 27  ? 8.286   4.644   5.928   1.00 33.68 ? 27  ILE A CG1 1 
ATOM   160  C CG2 . ILE A 1 27  ? 9.523   6.696   6.692   1.00 28.43 ? 27  ILE A CG2 1 
ATOM   161  C CD1 . ILE A 1 27  ? 7.091   3.697   6.096   1.00 33.98 ? 27  ILE A CD1 1 
ATOM   162  N N   . GLY A 1 28  ? 10.934  5.243   9.406   1.00 22.03 ? 28  GLY A N   1 
ATOM   163  C CA  . GLY A 1 28  ? 12.345  5.002   9.484   1.00 21.91 ? 28  GLY A CA  1 
ATOM   164  C C   . GLY A 1 28  ? 13.170  6.137   8.909   1.00 23.23 ? 28  GLY A C   1 
ATOM   165  O O   . GLY A 1 28  ? 12.666  7.248   8.650   1.00 25.38 ? 28  GLY A O   1 
ATOM   166  N N   . ASP A 1 29  ? 14.461  5.878   8.760   1.00 23.71 ? 29  ASP A N   1 
ATOM   167  C CA  . ASP A 1 29  ? 15.415  6.898   8.294   1.00 25.25 ? 29  ASP A CA  1 
ATOM   168  C C   . ASP A 1 29  ? 15.053  7.274   6.871   1.00 23.96 ? 29  ASP A C   1 
ATOM   169  O O   . ASP A 1 29  ? 14.805  6.381   6.068   1.00 28.53 ? 29  ASP A O   1 
ATOM   170  C CB  . ASP A 1 29  ? 16.829  6.315   8.343   1.00 24.84 ? 29  ASP A CB  1 
ATOM   171  C CG  . ASP A 1 29  ? 17.880  7.338   8.116   1.00 23.45 ? 29  ASP A CG  1 
ATOM   172  O OD1 . ASP A 1 29  ? 18.107  7.750   6.973   1.00 21.09 ? 29  ASP A OD1 1 
ATOM   173  O OD2 . ASP A 1 29  ? 18.468  7.758   9.103   1.00 26.73 ? 29  ASP A OD2 1 
ATOM   174  N N   . THR A 1 30  ? 14.988  8.573   6.564   1.00 24.83 ? 30  THR A N   1 
ATOM   175  C CA  . THR A 1 30  ? 14.616  9.068   5.243   1.00 22.84 ? 30  THR A CA  1 
ATOM   176  C C   . THR A 1 30  ? 15.818  9.384   4.332   1.00 23.76 ? 30  THR A C   1 
ATOM   177  O O   . THR A 1 30  ? 15.658  9.715   3.133   1.00 19.41 ? 30  THR A O   1 
ATOM   178  C CB  . THR A 1 30  ? 13.751  10.312  5.376   1.00 25.67 ? 30  THR A CB  1 
ATOM   179  O OG1 . THR A 1 30  ? 14.425  11.248  6.220   1.00 26.21 ? 30  THR A OG1 1 
ATOM   180  C CG2 . THR A 1 30  ? 12.353  9.982   6.012   1.00 28.57 ? 30  THR A CG2 1 
ATOM   181  N N   . ASP A 1 31  ? 17.015  9.227   4.868   1.00 23.74 ? 31  ASP A N   1 
ATOM   182  C CA  . ASP A 1 31  ? 18.257  9.466   4.085   1.00 25.03 ? 31  ASP A CA  1 
ATOM   183  C C   . ASP A 1 31  ? 18.927  8.201   3.551   1.00 23.33 ? 31  ASP A C   1 
ATOM   184  O O   . ASP A 1 31  ? 19.657  8.262   2.613   1.00 24.31 ? 31  ASP A O   1 
ATOM   185  C CB  . ASP A 1 31  ? 19.309  10.149  4.945   1.00 24.47 ? 31  ASP A CB  1 
ATOM   186  C CG  . ASP A 1 31  ? 18.801  11.355  5.628   1.00 26.17 ? 31  ASP A CG  1 
ATOM   187  O OD1 . ASP A 1 31  ? 18.354  12.278  4.898   1.00 27.62 ? 31  ASP A OD1 1 
ATOM   188  O OD2 . ASP A 1 31  ? 18.885  11.410  6.897   1.00 26.36 ? 31  ASP A OD2 1 
ATOM   189  N N   . ASP A 1 32  ? 18.760  7.060   4.184   1.00 25.60 ? 32  ASP A N   1 
ATOM   190  C CA  . ASP A 1 32  ? 19.651  5.915   3.855   1.00 24.98 ? 32  ASP A CA  1 
ATOM   191  C C   . ASP A 1 32  ? 18.982  4.761   3.160   1.00 22.15 ? 32  ASP A C   1 
ATOM   192  O O   . ASP A 1 32  ? 19.528  3.655   3.121   1.00 25.14 ? 32  ASP A O   1 
ATOM   193  C CB  . ASP A 1 32  ? 20.327  5.421   5.140   1.00 24.07 ? 32  ASP A CB  1 
ATOM   194  C CG  . ASP A 1 32  ? 19.352  4.753   6.078   1.00 23.74 ? 32  ASP A CG  1 
ATOM   195  O OD1 . ASP A 1 32  ? 18.199  4.459   5.669   1.00 22.01 ? 32  ASP A OD1 1 
ATOM   196  O OD2 . ASP A 1 32  ? 19.759  4.527   7.230   1.00 25.58 ? 32  ASP A OD2 1 
ATOM   197  N N   . GLY A 1 33  ? 17.792  4.956   2.645   1.00 21.92 ? 33  GLY A N   1 
ATOM   198  C CA  . GLY A 1 33  ? 17.085  3.847   1.965   1.00 20.56 ? 33  GLY A CA  1 
ATOM   199  C C   . GLY A 1 33  ? 16.124  3.018   2.804   1.00 20.24 ? 33  GLY A C   1 
ATOM   200  O O   . GLY A 1 33  ? 15.242  2.359   2.254   1.00 20.42 ? 33  GLY A O   1 
ATOM   201  N N   . THR A 1 34  ? 16.271  3.003   4.119   1.00 20.35 ? 34  THR A N   1 
ATOM   202  C CA  . THR A 1 34  ? 15.516  2.051   4.921   1.00 21.05 ? 34  THR A CA  1 
ATOM   203  C C   . THR A 1 34  ? 14.041  2.427   4.981   1.00 19.92 ? 34  THR A C   1 
ATOM   204  O O   . THR A 1 34  ? 13.158  1.611   4.780   1.00 19.50 ? 34  THR A O   1 
ATOM   205  C CB  . THR A 1 34  ? 16.121  1.902   6.340   1.00 23.68 ? 34  THR A CB  1 
ATOM   206  O OG1 . THR A 1 34  ? 16.331  3.180   6.939   1.00 24.54 ? 34  THR A OG1 1 
ATOM   207  C CG2 . THR A 1 34  ? 17.484  1.169   6.242   1.00 25.16 ? 34  THR A CG2 1 
ATOM   208  N N   . GLY A 1 35  ? 13.778  3.679   5.271   1.00 20.20 ? 35  GLY A N   1 
ATOM   209  C CA  . GLY A 1 35  ? 12.418  4.201   5.234   1.00 21.74 ? 35  GLY A CA  1 
ATOM   210  C C   . GLY A 1 35  ? 11.764  4.082   3.858   1.00 21.37 ? 35  GLY A C   1 
ATOM   211  O O   . GLY A 1 35  ? 10.584  3.762   3.781   1.00 19.47 ? 35  GLY A O   1 
ATOM   212  N N   . LEU A 1 36  ? 12.516  4.331   2.776   1.00 20.41 ? 36  LEU A N   1 
ATOM   213  C CA  . LEU A 1 36  ? 11.964  4.185   1.444   1.00 20.13 ? 36  LEU A CA  1 
ATOM   214  C C   . LEU A 1 36  ? 11.430  2.750   1.196   1.00 20.66 ? 36  LEU A C   1 
ATOM   215  O O   . LEU A 1 36  ? 10.351  2.537   0.628   1.00 20.98 ? 36  LEU A O   1 
ATOM   216  C CB  . LEU A 1 36  ? 13.047  4.533   0.422   1.00 21.77 ? 36  LEU A CB  1 
ATOM   217  C CG  . LEU A 1 36  ? 12.703  4.422   -1.036  1.00 21.20 ? 36  LEU A CG  1 
ATOM   218  C CD1 . LEU A 1 36  ? 11.774  5.553   -1.376  1.00 22.12 ? 36  LEU A CD1 1 
ATOM   219  C CD2 . LEU A 1 36  ? 13.910  4.496   -1.948  1.00 23.45 ? 36  LEU A CD2 1 
ATOM   220  N N   . HIS A 1 37  ? 12.201  1.744   1.587   1.00 20.01 ? 37  HIS A N   1 
ATOM   221  C CA  . HIS A 1 37  ? 11.788  0.398   1.327   1.00 18.82 ? 37  HIS A CA  1 
ATOM   222  C C   . HIS A 1 37  ? 10.735  -0.040  2.344   1.00 20.21 ? 37  HIS A C   1 
ATOM   223  O O   . HIS A 1 37  ? 9.874   -0.897  2.026   1.00 18.29 ? 37  HIS A O   1 
ATOM   224  C CB  . HIS A 1 37  ? 12.988  -0.523  1.283   1.00 18.53 ? 37  HIS A CB  1 
ATOM   225  C CG  . HIS A 1 37  ? 13.911  -0.255  0.136   1.00 16.88 ? 37  HIS A CG  1 
ATOM   226  N ND1 . HIS A 1 37  ? 14.862  0.731   0.163   1.00 18.89 ? 37  HIS A ND1 1 
ATOM   227  C CD2 . HIS A 1 37  ? 14.048  -0.871  -1.058  1.00 17.93 ? 37  HIS A CD2 1 
ATOM   228  C CE1 . HIS A 1 37  ? 15.551  0.724   -0.970  1.00 18.17 ? 37  HIS A CE1 1 
ATOM   229  N NE2 . HIS A 1 37  ? 15.065  -0.233  -1.738  1.00 18.40 ? 37  HIS A NE2 1 
ATOM   230  N N   . HIS A 1 38  ? 10.754  0.574   3.536   1.00 20.68 ? 38  HIS A N   1 
ATOM   231  C CA  . HIS A 1 38  ? 9.744   0.275   4.554   1.00 22.63 ? 38  HIS A CA  1 
ATOM   232  C C   . HIS A 1 38  ? 8.344   0.680   4.092   1.00 21.42 ? 38  HIS A C   1 
ATOM   233  O O   . HIS A 1 38  ? 7.321   0.125   4.558   1.00 19.99 ? 38  HIS A O   1 
ATOM   234  C CB  . HIS A 1 38  ? 10.078  0.925   5.897   1.00 25.42 ? 38  HIS A CB  1 
ATOM   235  C CG  . HIS A 1 38  ? 9.245   0.412   7.019   1.00 27.53 ? 38  HIS A CG  1 
ATOM   236  N ND1 . HIS A 1 38  ? 8.259   1.162   7.615   1.00 34.05 ? 38  HIS A ND1 1 
ATOM   237  C CD2 . HIS A 1 38  ? 9.189   -0.805  7.599   1.00 32.17 ? 38  HIS A CD2 1 
ATOM   238  C CE1 . HIS A 1 38  ? 7.637   0.435   8.523   1.00 34.38 ? 38  HIS A CE1 1 
ATOM   239  N NE2 . HIS A 1 38  ? 8.182   -0.766  8.531   1.00 34.14 ? 38  HIS A NE2 1 
ATOM   240  N N   . MET A 1 39  ? 8.310   1.616   3.143   1.00 21.23 ? 39  MET A N   1 
ATOM   241  C CA  . MET A 1 39  ? 7.066   1.990   2.464   1.00 22.58 ? 39  MET A CA  1 
ATOM   242  C C   . MET A 1 39  ? 6.455   0.754   1.768   1.00 21.52 ? 39  MET A C   1 
ATOM   243  O O   . MET A 1 39  ? 5.282   0.450   1.991   1.00 19.44 ? 39  MET A O   1 
ATOM   244  C CB  . MET A 1 39  ? 7.308   3.099   1.433   1.00 22.63 ? 39  MET A CB  1 
ATOM   245  C CG  . MET A 1 39  ? 7.897   4.430   1.937   1.00 22.28 ? 39  MET A CG  1 
ATOM   246  S SD  . MET A 1 39  ? 6.566   5.443   2.603   1.00 24.74 ? 39  MET A SD  1 
ATOM   247  C CE  . MET A 1 39  ? 5.971   6.172   1.067   1.00 23.87 ? 39  MET A CE  1 
ATOM   248  N N   . VAL A 1 40  ? 7.283   0.035   0.991   1.00 19.89 ? 40  VAL A N   1 
ATOM   249  C CA  . VAL A 1 40  ? 6.821   -1.165  0.323   1.00 21.37 ? 40  VAL A CA  1 
ATOM   250  C C   . VAL A 1 40  ? 6.328   -2.178  1.359   1.00 21.24 ? 40  VAL A C   1 
ATOM   251  O O   . VAL A 1 40  ? 5.188   -2.653  1.244   1.00 23.04 ? 40  VAL A O   1 
ATOM   252  C CB  . VAL A 1 40  ? 7.866   -1.805  -0.595  1.00 21.89 ? 40  VAL A CB  1 
ATOM   253  C CG1 . VAL A 1 40  ? 7.293   -3.025  -1.325  1.00 22.19 ? 40  VAL A CG1 1 
ATOM   254  C CG2 . VAL A 1 40  ? 8.408   -0.814  -1.619  1.00 24.37 ? 40  VAL A CG2 1 
ATOM   255  N N   . PHE A 1 41  ? 7.147   -2.462  2.380   1.00 20.64 ? 41  PHE A N   1 
ATOM   256  C CA  . PHE A 1 41  ? 6.838   -3.528  3.385   1.00 21.59 ? 41  PHE A CA  1 
ATOM   257  C C   . PHE A 1 41  ? 5.575   -3.293  4.171   1.00 21.08 ? 41  PHE A C   1 
ATOM   258  O O   . PHE A 1 41  ? 4.839   -4.240  4.455   1.00 20.10 ? 41  PHE A O   1 
ATOM   259  C CB  . PHE A 1 41  ? 8.056   -3.802  4.311   1.00 23.17 ? 41  PHE A CB  1 
ATOM   260  C CG  . PHE A 1 41  ? 9.373   -3.999  3.541   1.00 24.07 ? 41  PHE A CG  1 
ATOM   261  C CD1 . PHE A 1 41  ? 9.407   -4.698  2.332   1.00 26.57 ? 41  PHE A CD1 1 
ATOM   262  C CD2 . PHE A 1 41  ? 10.575  -3.526  4.052   1.00 24.92 ? 41  PHE A CD2 1 
ATOM   263  C CE1 . PHE A 1 41  ? 10.599  -4.861  1.628   1.00 26.35 ? 41  PHE A CE1 1 
ATOM   264  C CE2 . PHE A 1 41  ? 11.753  -3.696  3.374   1.00 25.05 ? 41  PHE A CE2 1 
ATOM   265  C CZ  . PHE A 1 41  ? 11.756  -4.352  2.150   1.00 26.83 ? 41  PHE A CZ  1 
ATOM   266  N N   . GLU A 1 42  ? 5.278   -2.025  4.463   1.00 20.64 ? 42  GLU A N   1 
ATOM   267  C CA  . GLU A 1 42  ? 4.034   -1.673  5.130   1.00 22.72 ? 42  GLU A CA  1 
ATOM   268  C C   . GLU A 1 42  ? 2.789   -2.005  4.283   1.00 23.29 ? 42  GLU A C   1 
ATOM   269  O O   . GLU A 1 42  ? 1.799   -2.566  4.793   1.00 22.52 ? 42  GLU A O   1 
ATOM   270  C CB  . GLU A 1 42  ? 4.019   -0.180  5.487   1.00 25.74 ? 42  GLU A CB  1 
ATOM   271  C CG  . GLU A 1 42  ? 2.733   0.317   6.179   1.00 27.45 ? 42  GLU A CG  1 
ATOM   272  C CD  . GLU A 1 42  ? 2.375   -0.431  7.458   1.00 31.10 ? 42  GLU A CD  1 
ATOM   273  O OE1 . GLU A 1 42  ? 1.170   -0.800  7.596   1.00 29.43 ? 42  GLU A OE1 1 
ATOM   274  O OE2 . GLU A 1 42  ? 3.286   -0.606  8.310   1.00 32.25 ? 42  GLU A OE2 1 
ATOM   275  N N   . VAL A 1 43  ? 2.822   -1.627  3.000   1.00 21.53 ? 43  VAL A N   1 
ATOM   276  C CA  . VAL A 1 43  ? 1.716   -1.935  2.067   1.00 20.42 ? 43  VAL A CA  1 
ATOM   277  C C   . VAL A 1 43  ? 1.599   -3.502  1.962   1.00 20.90 ? 43  VAL A C   1 
ATOM   278  O O   . VAL A 1 43  ? 0.514   -4.077  2.107   1.00 18.99 ? 43  VAL A O   1 
ATOM   279  C CB  . VAL A 1 43  ? 1.947   -1.316  0.651   1.00 20.90 ? 43  VAL A CB  1 
ATOM   280  C CG1 . VAL A 1 43  ? 0.796   -1.696  -0.275  1.00 21.58 ? 43  VAL A CG1 1 
ATOM   281  C CG2 . VAL A 1 43  ? 2.093   0.216   0.683   1.00 20.41 ? 43  VAL A CG2 1 
ATOM   282  N N   . VAL A 1 44  ? 2.735   -4.155  1.723   1.00 20.10 ? 44  VAL A N   1 
ATOM   283  C CA  . VAL A 1 44  ? 2.804   -5.644  1.676   1.00 19.55 ? 44  VAL A CA  1 
ATOM   284  C C   . VAL A 1 44  ? 2.205   -6.320  2.924   1.00 19.61 ? 44  VAL A C   1 
ATOM   285  O O   . VAL A 1 44  ? 1.415   -7.294  2.788   1.00 17.85 ? 44  VAL A O   1 
ATOM   286  C CB  . VAL A 1 44  ? 4.229   -6.153  1.460   1.00 18.43 ? 44  VAL A CB  1 
ATOM   287  C CG1 . VAL A 1 44  ? 4.291   -7.682  1.650   1.00 19.40 ? 44  VAL A CG1 1 
ATOM   288  C CG2 . VAL A 1 44  ? 4.746   -5.741  0.057   1.00 18.49 ? 44  VAL A CG2 1 
ATOM   289  N N   . ASP A 1 45  ? 2.567   -5.814  4.108   1.00 21.17 ? 45  ASP A N   1 
ATOM   290  C CA  . ASP A 1 45  ? 1.992   -6.314  5.404   1.00 22.27 ? 45  ASP A CA  1 
ATOM   291  C C   . ASP A 1 45  ? 0.450   -6.276  5.506   1.00 20.43 ? 45  ASP A C   1 
ATOM   292  O O   . ASP A 1 45  ? -0.206  -7.106  6.177   1.00 18.22 ? 45  ASP A O   1 
ATOM   293  C CB  . ASP A 1 45  ? 2.554   -5.506  6.573   1.00 23.53 ? 45  ASP A CB  1 
ATOM   294  C CG  . ASP A 1 45  ? 3.986   -5.833  6.894   1.00 26.66 ? 45  ASP A CG  1 
ATOM   295  O OD1 . ASP A 1 45  ? 4.645   -6.739  6.324   1.00 30.86 ? 45  ASP A OD1 1 
ATOM   296  O OD2 . ASP A 1 45  ? 4.496   -5.146  7.769   1.00 33.01 ? 45  ASP A OD2 1 
ATOM   297  N N   . ASN A 1 46  ? -0.148  -5.315  4.834   1.00 21.41 ? 46  ASN A N   1 
ATOM   298  C CA  . ASN A 1 46  ? -1.629  -5.259  4.778   1.00 20.88 ? 46  ASN A CA  1 
ATOM   299  C C   . ASN A 1 46  ? -2.218  -6.411  3.955   1.00 21.28 ? 46  ASN A C   1 
ATOM   300  O O   . ASN A 1 46  ? -3.254  -6.984  4.326   1.00 17.23 ? 46  ASN A O   1 
ATOM   301  C CB  . ASN A 1 46  ? -2.076  -3.926  4.195   1.00 22.52 ? 46  ASN A CB  1 
ATOM   302  C CG  . ASN A 1 46  ? -2.011  -2.809  5.206   1.00 25.07 ? 46  ASN A CG  1 
ATOM   303  O OD1 . ASN A 1 46  ? -2.986  -2.541  5.907   1.00 28.84 ? 46  ASN A OD1 1 
ATOM   304  N ND2 . ASN A 1 46  ? -0.893  -2.160  5.286   1.00 21.03 ? 46  ASN A ND2 1 
ATOM   305  N N   . ALA A 1 47  ? -1.526  -6.751  2.852   1.00 20.13 ? 47  ALA A N   1 
ATOM   306  C CA  . ALA A 1 47  ? -1.940  -7.830  1.992   1.00 21.45 ? 47  ALA A CA  1 
ATOM   307  C C   . ALA A 1 47  ? -1.796  -9.144  2.740   1.00 25.17 ? 47  ALA A C   1 
ATOM   308  O O   . ALA A 1 47  ? -2.681  -10.003 2.658   1.00 25.34 ? 47  ALA A O   1 
ATOM   309  C CB  . ALA A 1 47  ? -1.141  -7.826  0.718   1.00 21.07 ? 47  ALA A CB  1 
ATOM   310  N N   . ILE A 1 48  ? -0.712  -9.277  3.515   1.00 23.40 ? 48  ILE A N   1 
ATOM   311  C CA  . ILE A 1 48  ? -0.464  -10.487 4.322   1.00 23.65 ? 48  ILE A CA  1 
ATOM   312  C C   . ILE A 1 48  ? -1.548  -10.677 5.385   1.00 26.45 ? 48  ILE A C   1 
ATOM   313  O O   . ILE A 1 48  ? -1.978  -11.781 5.634   1.00 26.40 ? 48  ILE A O   1 
ATOM   314  C CB  . ILE A 1 48  ? 0.926   -10.423 4.993   1.00 24.93 ? 48  ILE A CB  1 
ATOM   315  C CG1 . ILE A 1 48  ? 1.995   -10.531 3.913   1.00 24.78 ? 48  ILE A CG1 1 
ATOM   316  C CG2 . ILE A 1 48  ? 1.123   -11.525 6.050   1.00 25.36 ? 48  ILE A CG2 1 
ATOM   317  C CD1 . ILE A 1 48  ? 3.427   -10.350 4.404   1.00 26.11 ? 48  ILE A CD1 1 
ATOM   318  N N   . ASP A 1 49  ? -1.973  -9.594  6.011   1.00 24.83 ? 49  ASP A N   1 
ATOM   319  C CA  . ASP A 1 49  ? -3.115  -9.635  6.908   1.00 26.01 ? 49  ASP A CA  1 
ATOM   320  C C   . ASP A 1 49  ? -4.334  -10.226 6.258   1.00 24.00 ? 49  ASP A C   1 
ATOM   321  O O   . ASP A 1 49  ? -4.986  -11.053 6.852   1.00 26.60 ? 49  ASP A O   1 
ATOM   322  C CB  . ASP A 1 49  ? -3.450  -8.231  7.436   1.00 27.16 ? 49  ASP A CB  1 
ATOM   323  C CG  . ASP A 1 49  ? -2.449  -7.750  8.438   1.00 29.91 ? 49  ASP A CG  1 
ATOM   324  O OD1 . ASP A 1 49  ? -1.631  -8.578  8.931   1.00 32.24 ? 49  ASP A OD1 1 
ATOM   325  O OD2 . ASP A 1 49  ? -2.483  -6.548  8.764   1.00 32.62 ? 49  ASP A OD2 1 
ATOM   326  N N   . GLU A 1 50  ? -4.616  -9.837  5.022   1.00 23.38 ? 50  GLU A N   1 
ATOM   327  C CA  . GLU A 1 50  ? -5.716  -10.426 4.269   1.00 22.93 ? 50  GLU A CA  1 
ATOM   328  C C   . GLU A 1 50  ? -5.496  -11.933 3.989   1.00 23.86 ? 50  GLU A C   1 
ATOM   329  O O   . GLU A 1 50  ? -6.452  -12.666 3.913   1.00 23.09 ? 50  GLU A O   1 
ATOM   330  C CB  . GLU A 1 50  ? -5.943  -9.632  2.979   1.00 22.69 ? 50  GLU A CB  1 
ATOM   331  C CG  . GLU A 1 50  ? -7.190  -9.919  2.154   1.00 21.98 ? 50  GLU A CG  1 
ATOM   332  C CD  . GLU A 1 50  ? -8.526  -9.678  2.884   1.00 25.46 ? 50  GLU A CD  1 
ATOM   333  O OE1 . GLU A 1 50  ? -8.524  -9.154  4.023   1.00 26.73 ? 50  GLU A OE1 1 
ATOM   334  O OE2 . GLU A 1 50  ? -9.600  -10.027 2.291   1.00 25.09 ? 50  GLU A OE2 1 
ATOM   335  N N   . ALA A 1 51  ? -4.231  -12.349 3.843   1.00 24.52 ? 51  ALA A N   1 
ATOM   336  C CA  . ALA A 1 51  ? -3.828  -13.749 3.764   1.00 24.94 ? 51  ALA A CA  1 
ATOM   337  C C   . ALA A 1 51  ? -3.992  -14.506 5.060   1.00 28.25 ? 51  ALA A C   1 
ATOM   338  O O   . ALA A 1 51  ? -4.607  -15.555 5.079   1.00 32.50 ? 51  ALA A O   1 
ATOM   339  C CB  . ALA A 1 51  ? -2.397  -13.878 3.240   1.00 24.00 ? 51  ALA A CB  1 
ATOM   340  N N   . LEU A 1 52  ? -3.463  -13.963 6.145   1.00 32.71 ? 52  LEU A N   1 
ATOM   341  C CA  . LEU A 1 52  ? -3.610  -14.515 7.505   1.00 33.61 ? 52  LEU A CA  1 
ATOM   342  C C   . LEU A 1 52  ? -5.055  -14.641 7.918   1.00 35.72 ? 52  LEU A C   1 
ATOM   343  O O   . LEU A 1 52  ? -5.405  -15.480 8.722   1.00 36.76 ? 52  LEU A O   1 
ATOM   344  C CB  . LEU A 1 52  ? -2.888  -13.622 8.542   1.00 33.02 ? 52  LEU A CB  1 
ATOM   345  C CG  . LEU A 1 52  ? -1.392  -13.829 8.749   1.00 36.75 ? 52  LEU A CG  1 
ATOM   346  C CD1 . LEU A 1 52  ? -0.647  -14.216 7.488   1.00 38.48 ? 52  LEU A CD1 1 
ATOM   347  C CD2 . LEU A 1 52  ? -0.736  -12.622 9.418   1.00 39.16 ? 52  LEU A CD2 1 
ATOM   348  N N   . ALA A 1 53  ? -5.877  -13.750 7.388   1.00 38.87 ? 53  ALA A N   1 
ATOM   349  C CA  . ALA A 1 53  ? -7.298  -13.746 7.638   1.00 39.02 ? 53  ALA A CA  1 
ATOM   350  C C   . ALA A 1 53  ? -8.003  -14.800 6.803   1.00 38.20 ? 53  ALA A C   1 
ATOM   351  O O   . ALA A 1 53  ? -9.203  -14.968 6.948   1.00 36.85 ? 53  ALA A O   1 
ATOM   352  C CB  . ALA A 1 53  ? -7.872  -12.356 7.355   1.00 39.15 ? 53  ALA A CB  1 
ATOM   353  N N   . GLY A 1 54  ? -7.272  -15.468 5.908   1.00 36.57 ? 54  GLY A N   1 
ATOM   354  C CA  . GLY A 1 54  ? -7.805  -16.563 5.115   1.00 32.69 ? 54  GLY A CA  1 
ATOM   355  C C   . GLY A 1 54  ? -8.411  -16.233 3.773   1.00 31.89 ? 54  GLY A C   1 
ATOM   356  O O   . GLY A 1 54  ? -8.986  -17.096 3.135   1.00 32.28 ? 54  GLY A O   1 
ATOM   357  N N   . HIS A 1 55  ? -8.289  -14.993 3.310   1.00 31.97 ? 55  HIS A N   1 
ATOM   358  C CA  . HIS A 1 55  ? -8.939  -14.570 2.049   1.00 30.83 ? 55  HIS A CA  1 
ATOM   359  C C   . HIS A 1 55  ? -7.965  -14.357 0.873   1.00 30.95 ? 55  HIS A C   1 
ATOM   360  O O   . HIS A 1 55  ? -8.339  -14.493 -0.267  1.00 31.51 ? 55  HIS A O   1 
ATOM   361  C CB  . HIS A 1 55  ? -9.819  -13.336 2.299   1.00 29.87 ? 55  HIS A CB  1 
ATOM   362  C CG  . HIS A 1 55  ? -10.761 -13.515 3.472   1.00 27.96 ? 55  HIS A CG  1 
ATOM   363  N ND1 . HIS A 1 55  ? -11.966 -14.176 3.371   1.00 24.77 ? 55  HIS A ND1 1 
ATOM   364  C CD2 . HIS A 1 55  ? -10.632 -13.169 4.775   1.00 27.21 ? 55  HIS A CD2 1 
ATOM   365  C CE1 . HIS A 1 55  ? -12.542 -14.217 4.563   1.00 27.37 ? 55  HIS A CE1 1 
ATOM   366  N NE2 . HIS A 1 55  ? -11.753 -13.610 5.432   1.00 26.71 ? 55  HIS A NE2 1 
ATOM   367  N N   . CYS A 1 56  ? -6.723  -14.010 1.118   1.00 32.60 ? 56  CYS A N   1 
ATOM   368  C CA  . CYS A 1 56  ? -5.821  -13.751 -0.002  1.00 29.77 ? 56  CYS A CA  1 
ATOM   369  C C   . CYS A 1 56  ? -4.882  -14.917 -0.119  1.00 29.41 ? 56  CYS A C   1 
ATOM   370  O O   . CYS A 1 56  ? -4.399  -15.441 0.870   1.00 28.55 ? 56  CYS A O   1 
ATOM   371  C CB  . CYS A 1 56  ? -5.049  -12.435 0.191   1.00 28.37 ? 56  CYS A CB  1 
ATOM   372  S SG  . CYS A 1 56  ? -3.447  -12.302 -0.678  1.00 30.21 ? 56  CYS A SG  1 
ATOM   373  N N   . LYS A 1 57  ? -4.583  -15.296 -1.345  1.00 33.51 ? 57  LYS A N   1 
ATOM   374  C CA  . LYS A 1 57  ? -3.594  -16.304 -1.547  1.00 35.44 ? 57  LYS A CA  1 
ATOM   375  C C   . LYS A 1 57  ? -2.440  -15.888 -2.442  1.00 33.72 ? 57  LYS A C   1 
ATOM   376  O O   . LYS A 1 57  ? -1.357  -16.377 -2.224  1.00 31.29 ? 57  LYS A O   1 
ATOM   377  C CB  . LYS A 1 57  ? -4.282  -17.595 -1.946  1.00 41.25 ? 57  LYS A CB  1 
ATOM   378  C CG  . LYS A 1 57  ? -4.900  -17.646 -3.313  1.00 44.51 ? 57  LYS A CG  1 
ATOM   379  C CD  . LYS A 1 57  ? -3.972  -18.455 -4.199  1.00 50.03 ? 57  LYS A CD  1 
ATOM   380  C CE  . LYS A 1 57  ? -4.626  -18.794 -5.525  1.00 53.19 ? 57  LYS A CE  1 
ATOM   381  N NZ  . LYS A 1 57  ? -3.742  -19.689 -6.295  1.00 52.43 ? 57  LYS A NZ  1 
ATOM   382  N N   . GLU A 1 58  ? -2.620  -14.988 -3.414  1.00 31.03 ? 58  GLU A N   1 
ATOM   383  C CA  . GLU A 1 58  ? -1.462  -14.533 -4.187  1.00 28.52 ? 58  GLU A CA  1 
ATOM   384  C C   . GLU A 1 58  ? -1.294  -13.058 -3.941  1.00 27.71 ? 58  GLU A C   1 
ATOM   385  O O   . GLU A 1 58  ? -2.281  -12.365 -3.892  1.00 27.16 ? 58  GLU A O   1 
ATOM   386  C CB  . GLU A 1 58  ? -1.648  -14.770 -5.674  1.00 29.44 ? 58  GLU A CB  1 
ATOM   387  C CG  . GLU A 1 58  ? -1.951  -16.175 -6.134  1.00 32.11 ? 58  GLU A CG  1 
ATOM   388  C CD  . GLU A 1 58  ? -0.821  -17.168 -5.868  1.00 34.30 ? 58  GLU A CD  1 
ATOM   389  O OE1 . GLU A 1 58  ? 0.379   -16.776 -5.836  1.00 35.63 ? 58  GLU A OE1 1 
ATOM   390  O OE2 . GLU A 1 58  ? -1.145  -18.354 -5.725  1.00 39.13 ? 58  GLU A OE2 1 
ATOM   391  N N   . ILE A 1 59  ? -0.040  -12.614 -3.771  1.00 25.62 ? 59  ILE A N   1 
ATOM   392  C CA  . ILE A 1 59  ? 0.366   -11.198 -3.745  1.00 22.20 ? 59  ILE A CA  1 
ATOM   393  C C   . ILE A 1 59  ? 1.413   -10.977 -4.859  1.00 23.49 ? 59  ILE A C   1 
ATOM   394  O O   . ILE A 1 59  ? 2.370   -11.755 -4.980  1.00 22.14 ? 59  ILE A O   1 
ATOM   395  C CB  . ILE A 1 59  ? 1.037   -10.852 -2.406  1.00 21.01 ? 59  ILE A CB  1 
ATOM   396  C CG1 . ILE A 1 59  ? 0.080   -11.140 -1.217  1.00 20.70 ? 59  ILE A CG1 1 
ATOM   397  C CG2 . ILE A 1 59  ? 1.540   -9.443  -2.392  1.00 19.29 ? 59  ILE A CG2 1 
ATOM   398  C CD1 . ILE A 1 59  ? 0.650   -10.973 0.179   1.00 20.25 ? 59  ILE A CD1 1 
ATOM   399  N N   . ILE A 1 60  ? 1.244   -9.901  -5.644  1.00 22.88 ? 60  ILE A N   1 
ATOM   400  C CA  . ILE A 1 60  ? 2.210   -9.520  -6.638  1.00 23.64 ? 60  ILE A CA  1 
ATOM   401  C C   . ILE A 1 60  ? 2.718   -8.127  -6.287  1.00 23.15 ? 60  ILE A C   1 
ATOM   402  O O   . ILE A 1 60  ? 1.950   -7.158  -6.257  1.00 23.49 ? 60  ILE A O   1 
ATOM   403  C CB  . ILE A 1 60  ? 1.618   -9.476  -8.076  1.00 24.05 ? 60  ILE A CB  1 
ATOM   404  C CG1 . ILE A 1 60  ? 0.902   -10.781 -8.413  1.00 25.10 ? 60  ILE A CG1 1 
ATOM   405  C CG2 . ILE A 1 60  ? 2.706   -9.082  -9.096  1.00 22.94 ? 60  ILE A CG2 1 
ATOM   406  C CD1 . ILE A 1 60  ? -0.045  -10.619 -9.569  1.00 28.99 ? 60  ILE A CD1 1 
ATOM   407  N N   . VAL A 1 61  ? 4.029   -8.040  -6.125  1.00 20.65 ? 61  VAL A N   1 
ATOM   408  C CA  . VAL A 1 61  ? 4.743   -6.793  -5.888  1.00 22.16 ? 61  VAL A CA  1 
ATOM   409  C C   . VAL A 1 61  ? 5.477   -6.409  -7.166  1.00 21.60 ? 61  VAL A C   1 
ATOM   410  O O   . VAL A 1 61  ? 6.309   -7.179  -7.687  1.00 19.84 ? 61  VAL A O   1 
ATOM   411  C CB  . VAL A 1 61  ? 5.735   -6.969  -4.749  1.00 20.55 ? 61  VAL A CB  1 
ATOM   412  C CG1 . VAL A 1 61  ? 6.467   -5.688  -4.474  1.00 21.25 ? 61  VAL A CG1 1 
ATOM   413  C CG2 . VAL A 1 61  ? 4.954   -7.397  -3.521  1.00 22.59 ? 61  VAL A CG2 1 
ATOM   414  N N   . THR A 1 62  ? 5.195   -5.201  -7.667  1.00 22.50 ? 62  THR A N   1 
ATOM   415  C CA  . THR A 1 62  ? 5.853   -4.765  -8.905  1.00 23.54 ? 62  THR A CA  1 
ATOM   416  C C   . THR A 1 62  ? 6.633   -3.487  -8.722  1.00 23.68 ? 62  THR A C   1 
ATOM   417  O O   . THR A 1 62  ? 6.100   -2.498  -8.238  1.00 25.59 ? 62  THR A O   1 
ATOM   418  C CB  . THR A 1 62  ? 4.822   -4.630  -10.061 1.00 22.81 ? 62  THR A CB  1 
ATOM   419  O OG1 . THR A 1 62  ? 4.018   -5.829  -10.172 1.00 20.35 ? 62  THR A OG1 1 
ATOM   420  C CG2 . THR A 1 62  ? 5.511   -4.369  -11.351 1.00 21.14 ? 62  THR A CG2 1 
ATOM   421  N N   . ILE A 1 63  ? 7.885   -3.479  -9.159  1.00 22.68 ? 63  ILE A N   1 
ATOM   422  C CA  . ILE A 1 63  ? 8.632   -2.231  -9.252  1.00 22.49 ? 63  ILE A CA  1 
ATOM   423  C C   . ILE A 1 63  ? 8.411   -1.706  -10.674 1.00 22.27 ? 63  ILE A C   1 
ATOM   424  O O   . ILE A 1 63  ? 8.830   -2.354  -11.630 1.00 18.79 ? 63  ILE A O   1 
ATOM   425  C CB  . ILE A 1 63  ? 10.154  -2.387  -9.006  1.00 22.19 ? 63  ILE A CB  1 
ATOM   426  C CG1 . ILE A 1 63  ? 10.427  -3.267  -7.783  1.00 23.13 ? 63  ILE A CG1 1 
ATOM   427  C CG2 . ILE A 1 63  ? 10.788  -1.005  -8.900  1.00 22.53 ? 63  ILE A CG2 1 
ATOM   428  C CD1 . ILE A 1 63  ? 11.881  -3.367  -7.354  1.00 24.22 ? 63  ILE A CD1 1 
ATOM   429  N N   . HIS A 1 64  ? 7.769   -0.531  -10.801 1.00 23.15 ? 64  HIS A N   1 
ATOM   430  C CA  . HIS A 1 64  ? 7.484   0.057   -12.104 1.00 24.05 ? 64  HIS A CA  1 
ATOM   431  C C   . HIS A 1 64  ? 8.665   0.878   -12.596 1.00 25.83 ? 64  HIS A C   1 
ATOM   432  O O   . HIS A 1 64  ? 9.545   1.258   -11.821 1.00 25.07 ? 64  HIS A O   1 
ATOM   433  C CB  . HIS A 1 64  ? 6.210   0.853   -12.047 1.00 23.22 ? 64  HIS A CB  1 
ATOM   434  C CG  . HIS A 1 64  ? 5.019   0.008   -11.679 1.00 23.88 ? 64  HIS A CG  1 
ATOM   435  N ND1 . HIS A 1 64  ? 4.168   -0.525  -12.618 1.00 23.38 ? 64  HIS A ND1 1 
ATOM   436  C CD2 . HIS A 1 64  ? 4.545   -0.403  -10.476 1.00 21.35 ? 64  HIS A CD2 1 
ATOM   437  C CE1 . HIS A 1 64  ? 3.216   -1.214  -12.010 1.00 22.84 ? 64  HIS A CE1 1 
ATOM   438  N NE2 . HIS A 1 64  ? 3.441   -1.192  -10.717 1.00 19.49 ? 64  HIS A NE2 1 
ATOM   439  N N   . ALA A 1 65  ? 8.713   1.130   -13.894 1.00 28.28 ? 65  ALA A N   1 
ATOM   440  C CA  . ALA A 1 65  ? 9.890   1.777   -14.472 1.00 28.05 ? 65  ALA A CA  1 
ATOM   441  C C   . ALA A 1 65  ? 9.941   3.255   -14.190 1.00 30.33 ? 65  ALA A C   1 
ATOM   442  O O   . ALA A 1 65  ? 10.994  3.871   -14.340 1.00 34.38 ? 65  ALA A O   1 
ATOM   443  C CB  . ALA A 1 65  ? 9.941   1.550   -15.958 1.00 30.27 ? 65  ALA A CB  1 
ATOM   444  N N   . ASP A 1 66  ? 8.822   3.830   -13.756 1.00 27.35 ? 66  ASP A N   1 
ATOM   445  C CA  . ASP A 1 66  ? 8.770   5.203   -13.313 1.00 24.65 ? 66  ASP A CA  1 
ATOM   446  C C   . ASP A 1 66  ? 9.079   5.331   -11.800 1.00 27.58 ? 66  ASP A C   1 
ATOM   447  O O   . ASP A 1 66  ? 8.759   6.347   -11.203 1.00 30.30 ? 66  ASP A O   1 
ATOM   448  C CB  . ASP A 1 66  ? 7.379   5.768   -13.642 1.00 22.80 ? 66  ASP A CB  1 
ATOM   449  C CG  . ASP A 1 66  ? 6.290   5.178   -12.760 1.00 21.67 ? 66  ASP A CG  1 
ATOM   450  O OD1 . ASP A 1 66  ? 6.582   4.226   -12.009 1.00 20.81 ? 66  ASP A OD1 1 
ATOM   451  O OD2 . ASP A 1 66  ? 5.156   5.659   -12.798 1.00 18.40 ? 66  ASP A OD2 1 
ATOM   452  N N   . ASN A 1 67  ? 9.683   4.295   -11.212 1.00 29.10 ? 67  ASN A N   1 
ATOM   453  C CA  . ASN A 1 67  ? 10.011  4.209   -9.781  1.00 30.56 ? 67  ASN A CA  1 
ATOM   454  C C   . ASN A 1 67  ? 8.880   4.440   -8.749  1.00 26.47 ? 67  ASN A C   1 
ATOM   455  O O   . ASN A 1 67  ? 9.040   5.127   -7.738  1.00 23.29 ? 67  ASN A O   1 
ATOM   456  C CB  . ASN A 1 67  ? 11.317  4.900   -9.431  1.00 33.92 ? 67  ASN A CB  1 
ATOM   457  C CG  . ASN A 1 67  ? 12.385  3.874   -9.008  1.00 42.63 ? 67  ASN A CG  1 
ATOM   458  O OD1 . ASN A 1 67  ? 12.464  3.527   -7.831  1.00 42.24 ? 67  ASN A OD1 1 
ATOM   459  N ND2 . ASN A 1 67  ? 13.122  3.285   -9.992  1.00 45.57 ? 67  ASN A ND2 1 
ATOM   460  N N   . SER A 1 68  ? 7.737   3.842   -9.083  1.00 22.68 ? 68  SER A N   1 
ATOM   461  C CA  . SER A 1 68  ? 6.663   3.569   -8.154  1.00 21.44 ? 68  SER A CA  1 
ATOM   462  C C   . SER A 1 68  ? 6.672   2.059   -7.872  1.00 19.93 ? 68  SER A C   1 
ATOM   463  O O   . SER A 1 68  ? 7.316   1.287   -8.566  1.00 18.96 ? 68  SER A O   1 
ATOM   464  C CB  . SER A 1 68  ? 5.325   4.036   -8.767  1.00 21.01 ? 68  SER A CB  1 
ATOM   465  O OG  . SER A 1 68  ? 5.083   3.389   -9.987  1.00 20.71 ? 68  SER A OG  1 
ATOM   466  N N   . VAL A 1 69  ? 5.953   1.650   -6.847  1.00 19.50 ? 69  VAL A N   1 
ATOM   467  C CA  . VAL A 1 69  ? 5.780   0.246   -6.527  1.00 19.17 ? 69  VAL A CA  1 
ATOM   468  C C   . VAL A 1 69  ? 4.292   -0.019  -6.354  1.00 19.91 ? 69  VAL A C   1 
ATOM   469  O O   . VAL A 1 69  ? 3.588   0.752   -5.688  1.00 20.23 ? 69  VAL A O   1 
ATOM   470  C CB  . VAL A 1 69  ? 6.566   -0.189  -5.258  1.00 19.60 ? 69  VAL A CB  1 
ATOM   471  C CG1 . VAL A 1 69  ? 6.421   -1.677  -4.973  1.00 21.98 ? 69  VAL A CG1 1 
ATOM   472  C CG2 . VAL A 1 69  ? 8.066   0.108   -5.408  1.00 19.78 ? 69  VAL A CG2 1 
ATOM   473  N N   . SER A 1 70  ? 3.816   -1.125  -6.933  1.00 19.12 ? 70  SER A N   1 
ATOM   474  C CA  . SER A 1 70  ? 2.455   -1.564  -6.700  1.00 20.34 ? 70  SER A CA  1 
ATOM   475  C C   . SER A 1 70  ? 2.430   -2.887  -5.951  1.00 19.83 ? 70  SER A C   1 
ATOM   476  O O   . SER A 1 70  ? 3.270   -3.727  -6.149  1.00 20.00 ? 70  SER A O   1 
ATOM   477  C CB  . SER A 1 70  ? 1.642   -1.652  -8.008  1.00 19.59 ? 70  SER A CB  1 
ATOM   478  O OG  . SER A 1 70  ? 2.226   -2.533  -8.918  1.00 21.15 ? 70  SER A OG  1 
ATOM   479  N N   . VAL A 1 71  ? 1.408   -3.052  -5.124  1.00 20.31 ? 71  VAL A N   1 
ATOM   480  C CA  . VAL A 1 71  ? 1.102   -4.305  -4.440  1.00 19.57 ? 71  VAL A CA  1 
ATOM   481  C C   . VAL A 1 71  ? -0.353  -4.654  -4.726  1.00 20.76 ? 71  VAL A C   1 
ATOM   482  O O   . VAL A 1 71  ? -1.271  -3.838  -4.460  1.00 19.67 ? 71  VAL A O   1 
ATOM   483  C CB  . VAL A 1 71  ? 1.326   -4.184  -2.922  1.00 19.33 ? 71  VAL A CB  1 
ATOM   484  C CG1 . VAL A 1 71  ? 1.212   -5.548  -2.220  1.00 17.73 ? 71  VAL A CG1 1 
ATOM   485  C CG2 . VAL A 1 71  ? 2.684   -3.587  -2.634  1.00 18.36 ? 71  VAL A CG2 1 
ATOM   486  N N   . GLN A 1 72  ? -0.544  -5.850  -5.302  1.00 22.95 ? 72  GLN A N   1 
ATOM   487  C CA  . GLN A 1 72  ? -1.840  -6.419  -5.627  1.00 23.43 ? 72  GLN A CA  1 
ATOM   488  C C   . GLN A 1 72  ? -2.034  -7.671  -4.831  1.00 22.93 ? 72  GLN A C   1 
ATOM   489  O O   . GLN A 1 72  ? -1.110  -8.470  -4.702  1.00 21.44 ? 72  GLN A O   1 
ATOM   490  C CB  . GLN A 1 72  ? -1.919  -6.776  -7.114  1.00 27.68 ? 72  GLN A CB  1 
ATOM   491  C CG  . GLN A 1 72  ? -3.197  -7.529  -7.546  1.00 28.97 ? 72  GLN A CG  1 
ATOM   492  C CD  . GLN A 1 72  ? -4.435  -6.613  -7.770  1.00 33.16 ? 72  GLN A CD  1 
ATOM   493  O OE1 . GLN A 1 72  ? -4.487  -5.894  -8.792  1.00 33.59 ? 72  GLN A OE1 1 
ATOM   494  N NE2 . GLN A 1 72  ? -5.465  -6.691  -6.860  1.00 30.27 ? 72  GLN A NE2 1 
ATOM   495  N N   . ASP A 1 73  ? -3.258  -7.830  -4.313  1.00 22.54 ? 73  ASP A N   1 
ATOM   496  C CA  . ASP A 1 73  ? -3.686  -9.035  -3.602  1.00 20.95 ? 73  ASP A CA  1 
ATOM   497  C C   . ASP A 1 73  ? -4.957  -9.533  -4.245  1.00 21.18 ? 73  ASP A C   1 
ATOM   498  O O   . ASP A 1 73  ? -5.657  -8.778  -4.941  1.00 22.92 ? 73  ASP A O   1 
ATOM   499  C CB  . ASP A 1 73  ? -3.772  -8.818  -2.073  1.00 18.70 ? 73  ASP A CB  1 
ATOM   500  C CG  . ASP A 1 73  ? -5.044  -8.094  -1.571  1.00 18.39 ? 73  ASP A CG  1 
ATOM   501  O OD1 . ASP A 1 73  ? -6.163  -8.279  -2.064  1.00 19.31 ? 73  ASP A OD1 1 
ATOM   502  O OD2 . ASP A 1 73  ? -4.921  -7.314  -0.606  1.00 18.04 ? 73  ASP A OD2 1 
ATOM   503  N N   . ASP A 1 74  ? -5.230  -10.804 -4.072  1.00 20.40 ? 74  ASP A N   1 
ATOM   504  C CA  . ASP A 1 74  ? -6.478  -11.408 -4.570  1.00 21.68 ? 74  ASP A CA  1 
ATOM   505  C C   . ASP A 1 74  ? -7.496  -11.675 -3.449  1.00 21.37 ? 74  ASP A C   1 
ATOM   506  O O   . ASP A 1 74  ? -8.274  -12.611 -3.545  1.00 19.35 ? 74  ASP A O   1 
ATOM   507  C CB  . ASP A 1 74  ? -6.190  -12.671 -5.362  1.00 22.97 ? 74  ASP A CB  1 
ATOM   508  C CG  . ASP A 1 74  ? -5.526  -13.770 -4.553  1.00 25.61 ? 74  ASP A CG  1 
ATOM   509  O OD1 . ASP A 1 74  ? -5.329  -13.635 -3.317  1.00 26.17 ? 74  ASP A OD1 1 
ATOM   510  O OD2 . ASP A 1 74  ? -5.129  -14.795 -5.180  1.00 28.98 ? 74  ASP A OD2 1 
ATOM   511  N N   . GLY A 1 75  ? -7.465  -10.848 -2.396  1.00 22.19 ? 75  GLY A N   1 
ATOM   512  C CA  . GLY A 1 75  ? -8.407  -10.954 -1.295  1.00 24.15 ? 75  GLY A CA  1 
ATOM   513  C C   . GLY A 1 75  ? -9.789  -10.428 -1.611  1.00 24.70 ? 75  GLY A C   1 
ATOM   514  O O   . GLY A 1 75  ? -10.140 -10.218 -2.769  1.00 24.89 ? 75  GLY A O   1 
ATOM   515  N N   . ARG A 1 76  ? -10.577 -10.212 -0.560  1.00 25.56 ? 76  ARG A N   1 
ATOM   516  C CA  . ARG A 1 76  ? -11.954 -9.724  -0.717  1.00 24.68 ? 76  ARG A CA  1 
ATOM   517  C C   . ARG A 1 76  ? -12.025 -8.359  -1.386  1.00 25.87 ? 76  ARG A C   1 
ATOM   518  O O   . ARG A 1 76  ? -13.014 -8.079  -2.054  1.00 26.87 ? 76  ARG A O   1 
ATOM   519  C CB  . ARG A 1 76  ? -12.658 -9.643  0.621   1.00 22.28 ? 76  ARG A CB  1 
ATOM   520  C CG  . ARG A 1 76  ? -12.963 -11.005 1.223   1.00 22.56 ? 76  ARG A CG  1 
ATOM   521  C CD  . ARG A 1 76  ? -13.324 -10.935 2.700   1.00 22.65 ? 76  ARG A CD  1 
ATOM   522  N NE  . ARG A 1 76  ? -12.197 -10.486 3.531   1.00 22.22 ? 76  ARG A NE  1 
ATOM   523  C CZ  . ARG A 1 76  ? -12.281 -10.171 4.830   1.00 24.25 ? 76  ARG A CZ  1 
ATOM   524  N NH1 . ARG A 1 76  ? -11.196 -9.766  5.484   1.00 23.46 ? 76  ARG A NH1 1 
ATOM   525  N NH2 . ARG A 1 76  ? -13.449 -10.240 5.489   1.00 23.55 ? 76  ARG A NH2 1 
ATOM   526  N N   . GLY A 1 77  ? -10.996 -7.520  -1.214  1.00 25.31 ? 77  GLY A N   1 
ATOM   527  C CA  . GLY A 1 77  ? -11.029 -6.109  -1.639  1.00 23.33 ? 77  GLY A CA  1 
ATOM   528  C C   . GLY A 1 77  ? -11.527 -5.293  -0.471  1.00 25.63 ? 77  GLY A C   1 
ATOM   529  O O   . GLY A 1 77  ? -12.502 -5.703  0.191   1.00 29.05 ? 77  GLY A O   1 
ATOM   530  N N   . ILE A 1 78  ? -10.913 -4.125  -0.231  1.00 23.36 ? 78  ILE A N   1 
ATOM   531  C CA  . ILE A 1 78  ? -11.284 -3.310  0.896   1.00 22.86 ? 78  ILE A CA  1 
ATOM   532  C C   . ILE A 1 78  ? -12.762 -2.919  0.774   1.00 23.88 ? 78  ILE A C   1 
ATOM   533  O O   . ILE A 1 78  ? -13.212 -2.458  -0.311  1.00 19.81 ? 78  ILE A O   1 
ATOM   534  C CB  . ILE A 1 78  ? -10.445 -2.007  1.014   1.00 24.21 ? 78  ILE A CB  1 
ATOM   535  C CG1 . ILE A 1 78  ? -8.920  -2.280  1.060   1.00 22.53 ? 78  ILE A CG1 1 
ATOM   536  C CG2 . ILE A 1 78  ? -10.833 -1.248  2.268   1.00 24.03 ? 78  ILE A CG2 1 
ATOM   537  C CD1 . ILE A 1 78  ? -8.100  -1.033  0.952   1.00 21.61 ? 78  ILE A CD1 1 
ATOM   538  N N   . PRO A 1 79  ? -13.547 -3.086  1.870   1.00 22.55 ? 79  PRO A N   1 
ATOM   539  C CA  . PRO A 1 79  ? -14.953 -2.628  1.769   1.00 21.54 ? 79  PRO A CA  1 
ATOM   540  C C   . PRO A 1 79  ? -15.113 -1.198  1.179   1.00 22.76 ? 79  PRO A C   1 
ATOM   541  O O   . PRO A 1 79  ? -14.406 -0.263  1.571   1.00 19.99 ? 79  PRO A O   1 
ATOM   542  C CB  . PRO A 1 79  ? -15.446 -2.704  3.225   1.00 22.52 ? 79  PRO A CB  1 
ATOM   543  C CG  . PRO A 1 79  ? -14.677 -3.865  3.766   1.00 23.13 ? 79  PRO A CG  1 
ATOM   544  C CD  . PRO A 1 79  ? -13.267 -3.682  3.186   1.00 22.63 ? 79  PRO A CD  1 
ATOM   545  N N   . THR A 1 80  ? -16.033 -1.069  0.225   1.00 25.83 ? 80  THR A N   1 
ATOM   546  C CA  . THR A 1 80  ? -16.323 0.179   -0.479  1.00 27.31 ? 80  THR A CA  1 
ATOM   547  C C   . THR A 1 80  ? -17.535 0.980   0.080   1.00 28.93 ? 80  THR A C   1 
ATOM   548  O O   . THR A 1 80  ? -17.715 2.158   -0.251  1.00 26.06 ? 80  THR A O   1 
ATOM   549  C CB  . THR A 1 80  ? -16.520 -0.087  -1.991  1.00 27.03 ? 80  THR A CB  1 
ATOM   550  O OG1 . THR A 1 80  ? -17.661 -0.881  -2.217  1.00 29.97 ? 80  THR A OG1 1 
ATOM   551  C CG2 . THR A 1 80  ? -15.344 -0.817  -2.586  1.00 25.27 ? 80  THR A CG2 1 
ATOM   552  N N   . GLY A 1 81  ? -18.344 0.346   0.923   1.00 30.98 ? 81  GLY A N   1 
ATOM   553  C CA  . GLY A 1 81  ? -19.518 0.963   1.500   1.00 31.90 ? 81  GLY A CA  1 
ATOM   554  C C   . GLY A 1 81  ? -19.207 2.224   2.265   1.00 32.82 ? 81  GLY A C   1 
ATOM   555  O O   . GLY A 1 81  ? -18.260 2.264   3.033   1.00 29.37 ? 81  GLY A O   1 
ATOM   556  N N   . ILE A 1 82  ? -20.005 3.257   2.028   1.00 35.30 ? 82  ILE A N   1 
ATOM   557  C CA  . ILE A 1 82  ? -19.874 4.483   2.781   1.00 42.07 ? 82  ILE A CA  1 
ATOM   558  C C   . ILE A 1 82  ? -20.036 4.142   4.208   1.00 45.88 ? 82  ILE A C   1 
ATOM   559  O O   . ILE A 1 82  ? -21.063 3.658   4.632   1.00 48.83 ? 82  ILE A O   1 
ATOM   560  C CB  . ILE A 1 82  ? -20.895 5.564   2.471   1.00 41.70 ? 82  ILE A CB  1 
ATOM   561  C CG1 . ILE A 1 82  ? -20.740 6.014   1.020   1.00 39.00 ? 82  ILE A CG1 1 
ATOM   562  C CG2 . ILE A 1 82  ? -20.690 6.746   3.432   1.00 44.18 ? 82  ILE A CG2 1 
ATOM   563  C CD1 . ILE A 1 82  ? -19.368 6.531   0.637   1.00 39.93 ? 82  ILE A CD1 1 
ATOM   564  N N   . HIS A 1 83  ? -18.974 4.434   4.931   1.00 55.80 ? 83  HIS A N   1 
ATOM   565  C CA  . HIS A 1 83  ? -18.827 3.999   6.247   1.00 62.74 ? 83  HIS A CA  1 
ATOM   566  C C   . HIS A 1 83  ? -19.934 4.671   7.030   1.00 66.86 ? 83  HIS A C   1 
ATOM   567  O O   . HIS A 1 83  ? -20.199 5.889   6.829   1.00 62.71 ? 83  HIS A O   1 
ATOM   568  C CB  . HIS A 1 83  ? -17.454 4.386   6.775   1.00 66.98 ? 83  HIS A CB  1 
ATOM   569  C CG  . HIS A 1 83  ? -16.789 3.326   7.598   1.00 68.03 ? 83  HIS A CG  1 
ATOM   570  N ND1 . HIS A 1 83  ? -15.917 3.623   8.627   1.00 65.75 ? 83  HIS A ND1 1 
ATOM   571  C CD2 . HIS A 1 83  ? -16.857 1.976   7.538   1.00 64.53 ? 83  HIS A CD2 1 
ATOM   572  C CE1 . HIS A 1 83  ? -15.487 2.500   9.171   1.00 65.08 ? 83  HIS A CE1 1 
ATOM   573  N NE2 . HIS A 1 83  ? -16.039 1.486   8.528   1.00 67.11 ? 83  HIS A NE2 1 
ATOM   574  N N   . PRO A 1 84  ? -20.568 3.873   7.913   1.00 76.09 ? 84  PRO A N   1 
ATOM   575  C CA  . PRO A 1 84  ? -21.700 4.157   8.820   1.00 75.60 ? 84  PRO A CA  1 
ATOM   576  C C   . PRO A 1 84  ? -21.385 5.302   9.766   1.00 74.20 ? 84  PRO A C   1 
ATOM   577  O O   . PRO A 1 84  ? -22.296 5.995   10.231  1.00 62.74 ? 84  PRO A O   1 
ATOM   578  C CB  . PRO A 1 84  ? -21.860 2.848   9.620   1.00 71.97 ? 84  PRO A CB  1 
ATOM   579  C CG  . PRO A 1 84  ? -20.970 1.853   8.966   1.00 73.12 ? 84  PRO A CG  1 
ATOM   580  C CD  . PRO A 1 84  ? -19.912 2.594   8.257   1.00 73.66 ? 84  PRO A CD  1 
ATOM   581  N N   . GLU A 1 85  ? -20.081 5.513   9.973   1.00 79.62 ? 85  GLU A N   1 
ATOM   582  C CA  . GLU A 1 85  ? -19.541 6.420   10.963  1.00 80.71 ? 85  GLU A CA  1 
ATOM   583  C C   . GLU A 1 85  ? -18.995 7.771   10.360  1.00 83.48 ? 85  GLU A C   1 
ATOM   584  O O   . GLU A 1 85  ? -19.134 8.805   11.019  1.00 81.54 ? 85  GLU A O   1 
ATOM   585  C CB  . GLU A 1 85  ? -18.474 5.681   11.833  1.00 81.58 ? 85  GLU A CB  1 
ATOM   586  C CG  . GLU A 1 85  ? -18.509 4.121   11.895  1.00 82.75 ? 85  GLU A CG  1 
ATOM   587  C CD  . GLU A 1 85  ? -19.587 3.506   12.786  1.00 84.09 ? 85  GLU A CD  1 
ATOM   588  O OE1 . GLU A 1 85  ? -20.383 4.246   13.399  1.00 81.31 ? 85  GLU A OE1 1 
ATOM   589  O OE2 . GLU A 1 85  ? -19.633 2.255   12.899  1.00 73.55 ? 85  GLU A OE2 1 
ATOM   590  N N   . GLU A 1 86  ? -18.424 7.807   9.140   1.00 77.73 ? 86  GLU A N   1 
ATOM   591  C CA  . GLU A 1 86  ? -17.706 9.043   8.683   1.00 65.52 ? 86  GLU A CA  1 
ATOM   592  C C   . GLU A 1 86  ? -18.033 9.647   7.310   1.00 54.59 ? 86  GLU A C   1 
ATOM   593  O O   . GLU A 1 86  ? -17.318 10.532  6.858   1.00 43.17 ? 86  GLU A O   1 
ATOM   594  C CB  . GLU A 1 86  ? -16.175 8.873   8.763   1.00 69.94 ? 86  GLU A CB  1 
ATOM   595  C CG  . GLU A 1 86  ? -15.654 8.227   10.038  1.00 74.55 ? 86  GLU A CG  1 
ATOM   596  C CD  . GLU A 1 86  ? -15.720 6.715   10.016  1.00 77.54 ? 86  GLU A CD  1 
ATOM   597  O OE1 . GLU A 1 86  ? -15.066 6.084   10.869  1.00 77.26 ? 86  GLU A OE1 1 
ATOM   598  O OE2 . GLU A 1 86  ? -16.413 6.151   9.144   1.00 75.64 ? 86  GLU A OE2 1 
ATOM   599  N N   . GLY A 1 87  ? -19.078 9.199   6.619   1.00 51.07 ? 87  GLY A N   1 
ATOM   600  C CA  . GLY A 1 87  ? -19.486 9.864   5.364   1.00 41.16 ? 87  GLY A CA  1 
ATOM   601  C C   . GLY A 1 87  ? -18.645 9.686   4.093   1.00 40.58 ? 87  GLY A C   1 
ATOM   602  O O   . GLY A 1 87  ? -18.959 10.297  3.052   1.00 35.55 ? 87  GLY A O   1 
ATOM   603  N N   . VAL A 1 88  ? -17.600 8.856   4.171   1.00 36.11 ? 88  VAL A N   1 
ATOM   604  C CA  . VAL A 1 88  ? -16.797 8.443   3.015   1.00 33.60 ? 88  VAL A CA  1 
ATOM   605  C C   . VAL A 1 88  ? -16.717 6.914   3.058   1.00 33.25 ? 88  VAL A C   1 
ATOM   606  O O   . VAL A 1 88  ? -16.961 6.291   4.115   1.00 30.48 ? 88  VAL A O   1 
ATOM   607  C CB  . VAL A 1 88  ? -15.340 8.964   3.073   1.00 32.27 ? 88  VAL A CB  1 
ATOM   608  C CG1 . VAL A 1 88  ? -15.221 10.401  2.559   1.00 34.46 ? 88  VAL A CG1 1 
ATOM   609  C CG2 . VAL A 1 88  ? -14.745 8.815   4.455   1.00 29.69 ? 88  VAL A CG2 1 
ATOM   610  N N   . SER A 1 89  ? -16.279 6.333   1.943   1.00 31.29 ? 89  SER A N   1 
ATOM   611  C CA  . SER A 1 89  ? -16.085 4.894   1.849   1.00 30.27 ? 89  SER A CA  1 
ATOM   612  C C   . SER A 1 89  ? -15.158 4.420   2.942   1.00 28.25 ? 89  SER A C   1 
ATOM   613  O O   . SER A 1 89  ? -14.176 5.097   3.265   1.00 27.64 ? 89  SER A O   1 
ATOM   614  C CB  . SER A 1 89  ? -15.514 4.472   0.483   1.00 29.72 ? 89  SER A CB  1 
ATOM   615  O OG  . SER A 1 89  ? -14.176 4.908   0.312   1.00 27.57 ? 89  SER A OG  1 
ATOM   616  N N   . ALA A 1 90  ? -15.492 3.248   3.485   1.00 26.87 ? 90  ALA A N   1 
ATOM   617  C CA  . ALA A 1 90  ? -14.609 2.482   4.371   1.00 24.30 ? 90  ALA A CA  1 
ATOM   618  C C   . ALA A 1 90  ? -13.162 2.381   3.837   1.00 22.99 ? 90  ALA A C   1 
ATOM   619  O O   . ALA A 1 90  ? -12.226 2.490   4.593   1.00 20.82 ? 90  ALA A O   1 
ATOM   620  C CB  . ALA A 1 90  ? -15.224 1.099   4.612   1.00 25.06 ? 90  ALA A CB  1 
ATOM   621  N N   . ALA A 1 91  ? -12.965 2.287   2.525   1.00 23.80 ? 91  ALA A N   1 
ATOM   622  C CA  . ALA A 1 91  ? -11.603 2.208   1.983   1.00 23.69 ? 91  ALA A CA  1 
ATOM   623  C C   . ALA A 1 91  ? -10.831 3.488   2.191   1.00 23.43 ? 91  ALA A C   1 
ATOM   624  O O   . ALA A 1 91  ? -9.639  3.460   2.495   1.00 22.48 ? 91  ALA A O   1 
ATOM   625  C CB  . ALA A 1 91  ? -11.641 1.881   0.507   1.00 23.21 ? 91  ALA A CB  1 
ATOM   626  N N   . GLU A 1 92  ? -11.507 4.620   1.994   1.00 23.70 ? 92  GLU A N   1 
ATOM   627  C CA  . GLU A 1 92  ? -10.880 5.908   2.254   1.00 24.57 ? 92  GLU A CA  1 
ATOM   628  C C   . GLU A 1 92  ? -10.474 6.061   3.726   1.00 23.80 ? 92  GLU A C   1 
ATOM   629  O O   . GLU A 1 92  ? -9.381  6.538   4.032   1.00 23.81 ? 92  GLU A O   1 
ATOM   630  C CB  . GLU A 1 92  ? -11.761 7.073   1.825   1.00 24.18 ? 92  GLU A CB  1 
ATOM   631  C CG  . GLU A 1 92  ? -11.023 8.413   1.927   1.00 22.21 ? 92  GLU A CG  1 
ATOM   632  C CD  . GLU A 1 92  ? -11.834 9.585   1.410   1.00 22.65 ? 92  GLU A CD  1 
ATOM   633  O OE1 . GLU A 1 92  ? -12.574 9.446   0.422   1.00 22.27 ? 92  GLU A OE1 1 
ATOM   634  O OE2 . GLU A 1 92  ? -11.696 10.666  1.980   1.00 23.44 ? 92  GLU A OE2 1 
ATOM   635  N N   . VAL A 1 93  ? -11.333 5.600   4.629   1.00 25.16 ? 93  VAL A N   1 
ATOM   636  C CA  . VAL A 1 93  ? -10.998 5.606   6.060   1.00 24.45 ? 93  VAL A CA  1 
ATOM   637  C C   . VAL A 1 93  ? -9.683  4.868   6.299   1.00 24.74 ? 93  VAL A C   1 
ATOM   638  O O   . VAL A 1 93  ? -8.806  5.394   6.928   1.00 23.99 ? 93  VAL A O   1 
ATOM   639  C CB  . VAL A 1 93  ? -12.110 4.967   6.901   1.00 25.31 ? 93  VAL A CB  1 
ATOM   640  C CG1 . VAL A 1 93  ? -11.734 4.982   8.361   1.00 24.97 ? 93  VAL A CG1 1 
ATOM   641  C CG2 . VAL A 1 93  ? -13.438 5.722   6.682   1.00 26.50 ? 93  VAL A CG2 1 
ATOM   642  N N   . ILE A 1 94  ? -9.596  3.635   5.804   1.00 28.42 ? 94  ILE A N   1 
ATOM   643  C CA  . ILE A 1 94  ? -8.390  2.783   5.920   1.00 29.28 ? 94  ILE A CA  1 
ATOM   644  C C   . ILE A 1 94  ? -7.171  3.459   5.287   1.00 29.30 ? 94  ILE A C   1 
ATOM   645  O O   . ILE A 1 94  ? -6.046  3.392   5.831   1.00 25.83 ? 94  ILE A O   1 
ATOM   646  C CB  . ILE A 1 94  ? -8.639  1.389   5.297   1.00 31.00 ? 94  ILE A CB  1 
ATOM   647  C CG1 . ILE A 1 94  ? -9.654  0.632   6.143   1.00 34.90 ? 94  ILE A CG1 1 
ATOM   648  C CG2 . ILE A 1 94  ? -7.350  0.589   5.220   1.00 33.47 ? 94  ILE A CG2 1 
ATOM   649  C CD1 . ILE A 1 94  ? -10.377 -0.502  5.453   1.00 34.65 ? 94  ILE A CD1 1 
ATOM   650  N N   . MET A 1 95  ? -7.378  4.140   4.150   1.00 25.90 ? 95  MET A N   1 
ATOM   651  C CA  . MET A 1 95  ? -6.259  4.832   3.497   1.00 26.10 ? 95  MET A CA  1 
ATOM   652  C C   . MET A 1 95  ? -5.777  6.152   4.176   1.00 25.19 ? 95  MET A C   1 
ATOM   653  O O   . MET A 1 95  ? -4.652  6.685   3.878   1.00 28.05 ? 95  MET A O   1 
ATOM   654  C CB  . MET A 1 95  ? -6.606  5.082   2.012   1.00 28.20 ? 95  MET A CB  1 
ATOM   655  C CG  . MET A 1 95  ? -6.799  3.830   1.144   1.00 28.55 ? 95  MET A CG  1 
ATOM   656  S SD  . MET A 1 95  ? -5.574  2.498   1.302   1.00 32.18 ? 95  MET A SD  1 
ATOM   657  C CE  . MET A 1 95  ? -4.159  3.447   0.747   1.00 28.98 ? 95  MET A CE  1 
ATOM   658  N N   . THR A 1 96  ? -6.591  6.707   5.055   1.00 23.82 ? 96  THR A N   1 
ATOM   659  C CA  . THR A 1 96  ? -6.333  8.078   5.547   1.00 26.19 ? 96  THR A CA  1 
ATOM   660  C C   . THR A 1 96  ? -6.272  8.311   7.055   1.00 24.77 ? 96  THR A C   1 
ATOM   661  O O   . THR A 1 96  ? -5.634  9.260   7.484   1.00 23.85 ? 96  THR A O   1 
ATOM   662  C CB  . THR A 1 96  ? -7.315  9.080   4.900   1.00 26.92 ? 96  THR A CB  1 
ATOM   663  O OG1 . THR A 1 96  ? -8.660  8.785   5.307   1.00 23.96 ? 96  THR A OG1 1 
ATOM   664  C CG2 . THR A 1 96  ? -7.217  9.013   3.373   1.00 26.75 ? 96  THR A CG2 1 
ATOM   665  N N   . VAL A 1 97  ? -6.868  7.433   7.835   1.00 27.49 ? 97  VAL A N   1 
ATOM   666  C CA  . VAL A 1 97  ? -6.942  7.581   9.287   1.00 30.10 ? 97  VAL A CA  1 
ATOM   667  C C   . VAL A 1 97  ? -5.696  7.007   9.934   1.00 30.07 ? 97  VAL A C   1 
ATOM   668  O O   . VAL A 1 97  ? -5.381  5.849   9.740   1.00 27.07 ? 97  VAL A O   1 
ATOM   669  C CB  . VAL A 1 97  ? -8.214  6.873   9.823   1.00 30.24 ? 97  VAL A CB  1 
ATOM   670  C CG1 . VAL A 1 97  ? -8.249  6.799   11.355  1.00 30.98 ? 97  VAL A CG1 1 
ATOM   671  C CG2 . VAL A 1 97  ? -9.430  7.592   9.279   1.00 31.81 ? 97  VAL A CG2 1 
ATOM   672  N N   . LEU A 1 98  ? -5.044  7.818   10.763  1.00 34.78 ? 98  LEU A N   1 
ATOM   673  C CA  . LEU A 1 98  ? -3.809  7.407   11.488  1.00 36.58 ? 98  LEU A CA  1 
ATOM   674  C C   . LEU A 1 98  ? -4.043  6.305   12.540  1.00 41.95 ? 98  LEU A C   1 
ATOM   675  O O   . LEU A 1 98  ? -3.431  5.228   12.475  1.00 41.64 ? 98  LEU A O   1 
ATOM   676  C CB  . LEU A 1 98  ? -3.142  8.629   12.175  1.00 38.44 ? 98  LEU A CB  1 
ATOM   677  C CG  . LEU A 1 98  ? -1.678  8.951   11.887  1.00 37.38 ? 98  LEU A CG  1 
ATOM   678  C CD1 . LEU A 1 98  ? -1.065  9.788   12.996  1.00 36.46 ? 98  LEU A CD1 1 
ATOM   679  C CD2 . LEU A 1 98  ? -0.831  7.715   11.646  1.00 38.70 ? 98  LEU A CD2 1 
ATOM   680  N N   . HIS A 1 99  ? -4.908  6.592   13.518  1.00 43.20 ? 99  HIS A N   1 
ATOM   681  C CA  . HIS A 1 99  ? -5.219  5.646   14.616  1.00 48.56 ? 99  HIS A CA  1 
ATOM   682  C C   . HIS A 1 99  ? -6.558  4.996   14.337  1.00 41.22 ? 99  HIS A C   1 
ATOM   683  O O   . HIS A 1 99  ? -6.605  4.060   13.558  1.00 50.28 ? 99  HIS A O   1 
ATOM   684  C CB  . HIS A 1 99  ? -5.278  6.334   16.001  1.00 48.69 ? 99  HIS A CB  1 
ATOM   685  C CG  . HIS A 1 99  ? -4.020  7.061   16.389  1.00 50.51 ? 99  HIS A CG  1 
ATOM   686  N ND1 . HIS A 1 99  ? -2.837  6.412   16.670  1.00 51.33 ? 99  HIS A ND1 1 
ATOM   687  C CD2 . HIS A 1 99  ? -3.767  8.383   16.555  1.00 49.00 ? 99  HIS A CD2 1 
ATOM   688  C CE1 . HIS A 1 99  ? -1.908  7.299   16.983  1.00 51.34 ? 99  HIS A CE1 1 
ATOM   689  N NE2 . HIS A 1 99  ? -2.445  8.503   16.917  1.00 50.09 ? 99  HIS A NE2 1 
ATOM   690  N N   . LEU A 1 115 ? 2.030   6.056   17.725  1.00 50.06 ? 115 LEU A N   1 
ATOM   691  C CA  . LEU A 1 115 ? 2.096   4.832   16.937  1.00 54.51 ? 115 LEU A CA  1 
ATOM   692  C C   . LEU A 1 115 ? 1.033   3.705   17.173  1.00 56.90 ? 115 LEU A C   1 
ATOM   693  O O   . LEU A 1 115 ? 1.071   2.701   16.444  1.00 57.38 ? 115 LEU A O   1 
ATOM   694  C CB  . LEU A 1 115 ? 3.506   4.239   17.080  1.00 52.12 ? 115 LEU A CB  1 
ATOM   695  C CG  . LEU A 1 115 ? 4.560   4.956   16.241  1.00 48.95 ? 115 LEU A CG  1 
ATOM   696  C CD1 . LEU A 1 115 ? 5.910   4.801   16.916  1.00 52.11 ? 115 LEU A CD1 1 
ATOM   697  C CD2 . LEU A 1 115 ? 4.560   4.419   14.811  1.00 49.24 ? 115 LEU A CD2 1 
ATOM   698  N N   . HIS A 1 116 ? 0.110   3.843   18.143  1.00 60.18 ? 116 HIS A N   1 
ATOM   699  C CA  . HIS A 1 116 ? -0.962  2.812   18.378  1.00 57.04 ? 116 HIS A CA  1 
ATOM   700  C C   . HIS A 1 116 ? -1.953  2.828   17.195  1.00 51.96 ? 116 HIS A C   1 
ATOM   701  O O   . HIS A 1 116 ? -2.365  3.909   16.801  1.00 52.83 ? 116 HIS A O   1 
ATOM   702  C CB  . HIS A 1 116 ? -1.768  3.076   19.674  1.00 60.95 ? 116 HIS A CB  1 
ATOM   703  C CG  . HIS A 1 116 ? -0.928  3.295   20.892  1.00 64.54 ? 116 HIS A CG  1 
ATOM   704  N ND1 . HIS A 1 116 ? -1.431  3.853   22.049  1.00 65.55 ? 116 HIS A ND1 1 
ATOM   705  C CD2 . HIS A 1 116 ? 0.389   3.068   21.122  1.00 60.54 ? 116 HIS A CD2 1 
ATOM   706  C CE1 . HIS A 1 116 ? -0.467  3.932   22.948  1.00 63.56 ? 116 HIS A CE1 1 
ATOM   707  N NE2 . HIS A 1 116 ? 0.645   3.455   22.414  1.00 61.15 ? 116 HIS A NE2 1 
ATOM   708  N N   . GLY A 1 117 ? -2.309  1.661   16.630  1.00 47.64 ? 117 GLY A N   1 
ATOM   709  C CA  . GLY A 1 117 ? -3.240  1.558   15.471  1.00 50.22 ? 117 GLY A CA  1 
ATOM   710  C C   . GLY A 1 117 ? -2.795  2.265   14.157  1.00 53.91 ? 117 GLY A C   1 
ATOM   711  O O   . GLY A 1 117 ? -3.633  2.487   13.259  1.00 53.53 ? 117 GLY A O   1 
ATOM   712  N N   . VAL A 1 118 ? -1.497  2.619   14.046  1.00 43.27 ? 118 VAL A N   1 
ATOM   713  C CA  . VAL A 1 118 ? -0.930  3.269   12.851  1.00 46.04 ? 118 VAL A CA  1 
ATOM   714  C C   . VAL A 1 118 ? -0.611  2.228   11.779  1.00 42.53 ? 118 VAL A C   1 
ATOM   715  O O   . VAL A 1 118 ? 0.057   1.243   12.068  1.00 50.27 ? 118 VAL A O   1 
ATOM   716  C CB  . VAL A 1 118 ? 0.351   4.064   13.184  1.00 44.91 ? 118 VAL A CB  1 
ATOM   717  C CG1 . VAL A 1 118 ? 1.007   4.575   11.910  1.00 46.12 ? 118 VAL A CG1 1 
ATOM   718  C CG2 . VAL A 1 118 ? 0.022   5.229   14.121  1.00 47.96 ? 118 VAL A CG2 1 
ATOM   719  N N   . GLY A 1 119 ? -1.055  2.468   10.550  1.00 38.12 ? 119 GLY A N   1 
ATOM   720  C CA  . GLY A 1 119 ? -0.919  1.509   9.440   1.00 33.03 ? 119 GLY A CA  1 
ATOM   721  C C   . GLY A 1 119 ? -0.631  2.160   8.091   1.00 33.01 ? 119 GLY A C   1 
ATOM   722  O O   . GLY A 1 119 ? 0.340   2.939   7.939   1.00 26.02 ? 119 GLY A O   1 
ATOM   723  N N   . VAL A 1 120 ? -1.446  1.830   7.083   1.00 31.56 ? 120 VAL A N   1 
ATOM   724  C CA  . VAL A 1 120 ? -1.110  2.182   5.675   1.00 31.42 ? 120 VAL A CA  1 
ATOM   725  C C   . VAL A 1 120 ? -1.316  3.681   5.308   1.00 26.67 ? 120 VAL A C   1 
ATOM   726  O O   . VAL A 1 120 ? -0.869  4.121   4.240   1.00 25.19 ? 120 VAL A O   1 
ATOM   727  C CB  . VAL A 1 120 ? -1.834  1.263   4.664   1.00 34.38 ? 120 VAL A CB  1 
ATOM   728  C CG1 . VAL A 1 120 ? -3.289  1.687   4.456   1.00 37.02 ? 120 VAL A CG1 1 
ATOM   729  C CG2 . VAL A 1 120 ? -1.106  1.251   3.326   1.00 37.91 ? 120 VAL A CG2 1 
ATOM   730  N N   . SER A 1 121 ? -2.000  4.444   6.164   1.00 23.63 ? 121 SER A N   1 
ATOM   731  C CA  . SER A 1 121 ? -2.049  5.908   6.031   1.00 25.36 ? 121 SER A CA  1 
ATOM   732  C C   . SER A 1 121 ? -0.679  6.578   6.008   1.00 23.50 ? 121 SER A C   1 
ATOM   733  O O   . SER A 1 121 ? -0.488  7.597   5.311   1.00 23.54 ? 121 SER A O   1 
ATOM   734  C CB  . SER A 1 121 ? -2.987  6.555   7.052   1.00 27.67 ? 121 SER A CB  1 
ATOM   735  O OG  . SER A 1 121 ? -2.480  6.569   8.364   1.00 28.95 ? 121 SER A OG  1 
ATOM   736  N N   . VAL A 1 122 ? 0.288   5.964   6.692   1.00 21.82 ? 122 VAL A N   1 
ATOM   737  C CA  . VAL A 1 122 ? 1.645   6.470   6.726   1.00 21.41 ? 122 VAL A CA  1 
ATOM   738  C C   . VAL A 1 122 ? 2.233   6.533   5.299   1.00 21.56 ? 122 VAL A C   1 
ATOM   739  O O   . VAL A 1 122 ? 2.874   7.509   4.901   1.00 18.30 ? 122 VAL A O   1 
ATOM   740  C CB  . VAL A 1 122 ? 2.531   5.580   7.638   1.00 21.93 ? 122 VAL A CB  1 
ATOM   741  C CG1 . VAL A 1 122 ? 4.046   5.775   7.367   1.00 21.27 ? 122 VAL A CG1 1 
ATOM   742  C CG2 . VAL A 1 122 ? 2.205   5.842   9.089   1.00 20.94 ? 122 VAL A CG2 1 
ATOM   743  N N   . VAL A 1 123 ? 2.027   5.460   4.545   1.00 21.46 ? 123 VAL A N   1 
ATOM   744  C CA  . VAL A 1 123 ? 2.554   5.379   3.180   1.00 21.47 ? 123 VAL A CA  1 
ATOM   745  C C   . VAL A 1 123 ? 1.882   6.453   2.285   1.00 20.48 ? 123 VAL A C   1 
ATOM   746  O O   . VAL A 1 123 ? 2.545   7.154   1.507   1.00 20.07 ? 123 VAL A O   1 
ATOM   747  C CB  . VAL A 1 123 ? 2.337   3.962   2.590   1.00 21.72 ? 123 VAL A CB  1 
ATOM   748  C CG1 . VAL A 1 123 ? 2.873   3.895   1.150   1.00 22.55 ? 123 VAL A CG1 1 
ATOM   749  C CG2 . VAL A 1 123 ? 3.034   2.924   3.485   1.00 22.41 ? 123 VAL A CG2 1 
ATOM   750  N N   . ASN A 1 124 ? 0.564   6.572   2.435   1.00 18.36 ? 124 ASN A N   1 
ATOM   751  C CA  . ASN A 1 124 ? -0.260  7.534   1.699   1.00 18.55 ? 124 ASN A CA  1 
ATOM   752  C C   . ASN A 1 124 ? 0.276   8.952   1.989   1.00 17.71 ? 124 ASN A C   1 
ATOM   753  O O   . ASN A 1 124 ? 0.645   9.696   1.057   1.00 19.15 ? 124 ASN A O   1 
ATOM   754  C CB  . ASN A 1 124 ? -1.741  7.388   2.096   1.00 18.44 ? 124 ASN A CB  1 
ATOM   755  C CG  . ASN A 1 124 ? -2.711  7.852   1.028   1.00 19.66 ? 124 ASN A CG  1 
ATOM   756  O OD1 . ASN A 1 124 ? -2.310  8.339   -0.048  1.00 20.75 ? 124 ASN A OD1 1 
ATOM   757  N ND2 . ASN A 1 124 ? -4.034  7.675   1.308   1.00 20.27 ? 124 ASN A ND2 1 
ATOM   758  N N   . ALA A 1 125 ? 0.435   9.273   3.263   1.00 17.04 ? 125 ALA A N   1 
ATOM   759  C CA  . ALA A 1 125 ? 0.971   10.575  3.663   1.00 17.53 ? 125 ALA A CA  1 
ATOM   760  C C   . ALA A 1 125 ? 2.319   10.938  3.026   1.00 17.94 ? 125 ALA A C   1 
ATOM   761  O O   . ALA A 1 125 ? 2.560   12.095  2.728   1.00 17.09 ? 125 ALA A O   1 
ATOM   762  C CB  . ALA A 1 125 ? 1.094   10.649  5.151   1.00 16.88 ? 125 ALA A CB  1 
ATOM   763  N N   . LEU A 1 126 ? 3.192   9.950   2.877   1.00 19.38 ? 126 LEU A N   1 
ATOM   764  C CA  . LEU A 1 126 ? 4.579   10.138  2.362   1.00 20.07 ? 126 LEU A CA  1 
ATOM   765  C C   . LEU A 1 126 ? 4.742   9.871   0.868   1.00 20.30 ? 126 LEU A C   1 
ATOM   766  O O   . LEU A 1 126 ? 5.887   9.781   0.366   1.00 20.14 ? 126 LEU A O   1 
ATOM   767  C CB  . LEU A 1 126 ? 5.576   9.303   3.196   1.00 21.11 ? 126 LEU A CB  1 
ATOM   768  C CG  . LEU A 1 126 ? 5.520   9.614   4.697   1.00 23.56 ? 126 LEU A CG  1 
ATOM   769  C CD1 . LEU A 1 126 ? 6.525   8.816   5.474   1.00 25.70 ? 126 LEU A CD1 1 
ATOM   770  C CD2 . LEU A 1 126 ? 5.699   11.077  5.005   1.00 24.33 ? 126 LEU A CD2 1 
ATOM   771  N N   . SER A 1 127 ? 3.632   9.703   0.153   1.00 19.21 ? 127 SER A N   1 
ATOM   772  C CA  . SER A 1 127 ? 3.667   9.500   -1.290  1.00 19.70 ? 127 SER A CA  1 
ATOM   773  C C   . SER A 1 127 ? 3.145   10.767  -2.002  1.00 22.20 ? 127 SER A C   1 
ATOM   774  O O   . SER A 1 127 ? 2.111   11.339  -1.605  1.00 18.96 ? 127 SER A O   1 
ATOM   775  C CB  . SER A 1 127 ? 2.857   8.262   -1.668  1.00 19.46 ? 127 SER A CB  1 
ATOM   776  O OG  . SER A 1 127 ? 3.371   7.114   -0.958  1.00 19.99 ? 127 SER A OG  1 
ATOM   777  N N   . GLN A 1 128 ? 3.877   11.197  -3.033  1.00 21.74 ? 128 GLN A N   1 
ATOM   778  C CA  . GLN A 1 128 ? 3.416   12.299  -3.865  1.00 25.83 ? 128 GLN A CA  1 
ATOM   779  C C   . GLN A 1 128 ? 2.159   11.889  -4.573  1.00 25.25 ? 128 GLN A C   1 
ATOM   780  O O   . GLN A 1 128 ? 1.315   12.706  -4.827  1.00 28.31 ? 128 GLN A O   1 
ATOM   781  C CB  . GLN A 1 128 ? 4.485   12.789  -4.857  1.00 29.27 ? 128 GLN A CB  1 
ATOM   782  C CG  . GLN A 1 128 ? 4.890   11.801  -5.896  1.00 34.93 ? 128 GLN A CG  1 
ATOM   783  C CD  . GLN A 1 128 ? 5.664   12.408  -7.038  1.00 41.39 ? 128 GLN A CD  1 
ATOM   784  O OE1 . GLN A 1 128 ? 5.241   13.400  -7.651  1.00 47.25 ? 128 GLN A OE1 1 
ATOM   785  N NE2 . GLN A 1 128 ? 6.782   11.779  -7.374  1.00 43.89 ? 128 GLN A NE2 1 
ATOM   786  N N   . LYS A 1 129 ? 2.029   10.609  -4.886  1.00 28.09 ? 129 LYS A N   1 
ATOM   787  C CA  . LYS A 1 129 ? 0.759   10.079  -5.399  1.00 29.12 ? 129 LYS A CA  1 
ATOM   788  C C   . LYS A 1 129 ? 0.551   8.634   -4.971  1.00 25.92 ? 129 LYS A C   1 
ATOM   789  O O   . LYS A 1 129 ? 1.509   7.867   -4.814  1.00 22.73 ? 129 LYS A O   1 
ATOM   790  C CB  . LYS A 1 129 ? 0.705   10.252  -6.926  1.00 32.39 ? 129 LYS A CB  1 
ATOM   791  C CG  . LYS A 1 129 ? -0.512  9.664   -7.633  1.00 37.33 ? 129 LYS A CG  1 
ATOM   792  C CD  . LYS A 1 129 ? -1.039  10.475  -8.831  1.00 41.80 ? 129 LYS A CD  1 
ATOM   793  C CE  . LYS A 1 129 ? 0.008   10.957  -9.810  1.00 46.63 ? 129 LYS A CE  1 
ATOM   794  N NZ  . LYS A 1 129 ? 0.878   9.834   -10.272 1.00 54.07 ? 129 LYS A NZ  1 
ATOM   795  N N   . LEU A 1 130 ? -0.716  8.269   -4.815  1.00 22.91 ? 130 LEU A N   1 
ATOM   796  C CA  . LEU A 1 130 ? -1.104  6.908   -4.527  1.00 21.21 ? 130 LEU A CA  1 
ATOM   797  C C   . LEU A 1 130 ? -2.344  6.520   -5.294  1.00 21.03 ? 130 LEU A C   1 
ATOM   798  O O   . LEU A 1 130 ? -3.297  7.280   -5.383  1.00 22.23 ? 130 LEU A O   1 
ATOM   799  C CB  . LEU A 1 130 ? -1.314  6.710   -3.025  1.00 19.91 ? 130 LEU A CB  1 
ATOM   800  C CG  . LEU A 1 130 ? -1.525  5.246   -2.576  1.00 19.46 ? 130 LEU A CG  1 
ATOM   801  C CD1 . LEU A 1 130 ? -0.840  5.070   -1.244  1.00 18.83 ? 130 LEU A CD1 1 
ATOM   802  C CD2 . LEU A 1 130 ? -3.016  4.807   -2.473  1.00 19.66 ? 130 LEU A CD2 1 
ATOM   803  N N   . GLU A 1 131 ? -2.324  5.327   -5.878  1.00 21.74 ? 131 GLU A N   1 
ATOM   804  C CA  . GLU A 1 131 ? -3.462  4.830   -6.618  1.00 21.29 ? 131 GLU A CA  1 
ATOM   805  C C   . GLU A 1 131 ? -3.994  3.612   -5.910  1.00 21.30 ? 131 GLU A C   1 
ATOM   806  O O   . GLU A 1 131 ? -3.241  2.647   -5.602  1.00 21.15 ? 131 GLU A O   1 
ATOM   807  C CB  . GLU A 1 131 ? -3.041  4.485   -8.032  1.00 22.23 ? 131 GLU A CB  1 
ATOM   808  C CG  . GLU A 1 131 ? -4.069  3.690   -8.813  1.00 23.69 ? 131 GLU A CG  1 
ATOM   809  C CD  . GLU A 1 131 ? -3.623  3.421   -10.237 1.00 24.58 ? 131 GLU A CD  1 
ATOM   810  O OE1 . GLU A 1 131 ? -2.440  3.149   -10.466 1.00 24.92 ? 131 GLU A OE1 1 
ATOM   811  O OE2 . GLU A 1 131 ? -4.483  3.419   -11.113 1.00 31.63 ? 131 GLU A OE2 1 
ATOM   812  N N   . LEU A 1 132 ? -5.305  3.610   -5.755  1.00 19.48 ? 132 LEU A N   1 
ATOM   813  C CA  . LEU A 1 132 ? -6.022  2.549   -5.098  1.00 18.75 ? 132 LEU A CA  1 
ATOM   814  C C   . LEU A 1 132 ? -7.086  2.019   -6.053  1.00 20.08 ? 132 LEU A C   1 
ATOM   815  O O   . LEU A 1 132 ? -7.994  2.760   -6.474  1.00 18.63 ? 132 LEU A O   1 
ATOM   816  C CB  . LEU A 1 132 ? -6.693  3.079   -3.837  1.00 18.29 ? 132 LEU A CB  1 
ATOM   817  C CG  . LEU A 1 132 ? -7.717  2.128   -3.234  1.00 19.71 ? 132 LEU A CG  1 
ATOM   818  C CD1 . LEU A 1 132 ? -7.024  0.931   -2.620  1.00 23.41 ? 132 LEU A CD1 1 
ATOM   819  C CD2 . LEU A 1 132 ? -8.507  2.815   -2.147  1.00 20.77 ? 132 LEU A CD2 1 
ATOM   820  N N   . VAL A 1 133 ? -7.021  0.722   -6.324  1.00 18.51 ? 133 VAL A N   1 
ATOM   821  C CA  . VAL A 1 133 ? -7.990  0.057   -7.136  1.00 18.63 ? 133 VAL A CA  1 
ATOM   822  C C   . VAL A 1 133 ? -8.545  -1.176  -6.402  1.00 18.15 ? 133 VAL A C   1 
ATOM   823  O O   . VAL A 1 133 ? -7.777  -2.064  -5.986  1.00 17.09 ? 133 VAL A O   1 
ATOM   824  C CB  . VAL A 1 133 ? -7.342  -0.408  -8.457  1.00 18.25 ? 133 VAL A CB  1 
ATOM   825  C CG1 . VAL A 1 133 ? -8.355  -1.200  -9.251  1.00 19.40 ? 133 VAL A CG1 1 
ATOM   826  C CG2 . VAL A 1 133 ? -6.776  0.792   -9.265  1.00 17.51 ? 133 VAL A CG2 1 
ATOM   827  N N   . ILE A 1 134 ? -9.863  -1.243  -6.266  1.00 18.56 ? 134 ILE A N   1 
ATOM   828  C CA  . ILE A 1 134 ? -10.524 -2.304  -5.478  1.00 19.71 ? 134 ILE A CA  1 
ATOM   829  C C   . ILE A 1 134 ? -11.472 -3.038  -6.386  1.00 20.45 ? 134 ILE A C   1 
ATOM   830  O O   . ILE A 1 134 ? -12.333 -2.414  -7.067  1.00 20.72 ? 134 ILE A O   1 
ATOM   831  C CB  . ILE A 1 134 ? -11.307 -1.726  -4.304  1.00 21.40 ? 134 ILE A CB  1 
ATOM   832  C CG1 . ILE A 1 134 ? -10.337 -1.157  -3.283  1.00 22.16 ? 134 ILE A CG1 1 
ATOM   833  C CG2 . ILE A 1 134 ? -12.214 -2.782  -3.654  1.00 20.78 ? 134 ILE A CG2 1 
ATOM   834  C CD1 . ILE A 1 134 ? -11.058 -0.391  -2.195  1.00 23.09 ? 134 ILE A CD1 1 
ATOM   835  N N   . GLN A 1 135 ? -11.321 -4.352  -6.437  1.00 20.47 ? 135 GLN A N   1 
ATOM   836  C CA  . GLN A 1 135 ? -12.201 -5.166  -7.244  1.00 21.98 ? 135 GLN A CA  1 
ATOM   837  C C   . GLN A 1 135 ? -13.015 -5.966  -6.261  1.00 23.96 ? 135 GLN A C   1 
ATOM   838  O O   . GLN A 1 135 ? -12.437 -6.693  -5.435  1.00 22.77 ? 135 GLN A O   1 
ATOM   839  C CB  . GLN A 1 135 ? -11.371 -6.095  -8.142  1.00 25.13 ? 135 GLN A CB  1 
ATOM   840  C CG  . GLN A 1 135 ? -10.633 -5.349  -9.252  1.00 25.24 ? 135 GLN A CG  1 
ATOM   841  C CD  . GLN A 1 135 ? -9.775  -6.279  -10.109 1.00 27.89 ? 135 GLN A CD  1 
ATOM   842  O OE1 . GLN A 1 135 ? -8.619  -6.579  -9.788  1.00 30.74 ? 135 GLN A OE1 1 
ATOM   843  N NE2 . GLN A 1 135 ? -10.336 -6.743  -11.179 1.00 23.96 ? 135 GLN A NE2 1 
ATOM   844  N N   . ARG A 1 136 ? -14.333 -5.771  -6.289  1.00 23.87 ? 136 ARG A N   1 
ATOM   845  C CA  . ARG A 1 136 ? -15.284 -6.539  -5.476  1.00 28.12 ? 136 ARG A CA  1 
ATOM   846  C C   . ARG A 1 136 ? -16.747 -6.261  -5.812  1.00 26.45 ? 136 ARG A C   1 
ATOM   847  O O   . ARG A 1 136 ? -17.108 -5.163  -6.219  1.00 27.60 ? 136 ARG A O   1 
ATOM   848  C CB  . ARG A 1 136 ? -15.071 -6.389  -3.974  1.00 29.16 ? 136 ARG A CB  1 
ATOM   849  C CG  . ARG A 1 136 ? -15.400 -5.044  -3.411  1.00 28.88 ? 136 ARG A CG  1 
ATOM   850  C CD  . ARG A 1 136 ? -15.091 -5.073  -1.939  1.00 30.18 ? 136 ARG A CD  1 
ATOM   851  N NE  . ARG A 1 136 ? -16.238 -5.465  -1.141  1.00 30.07 ? 136 ARG A NE  1 
ATOM   852  C CZ  . ARG A 1 136 ? -16.187 -6.018  0.063   1.00 28.85 ? 136 ARG A CZ  1 
ATOM   853  N NH1 . ARG A 1 136 ? -17.329 -6.287  0.656   1.00 34.40 ? 136 ARG A NH1 1 
ATOM   854  N NH2 . ARG A 1 136 ? -15.038 -6.345  0.670   1.00 29.25 ? 136 ARG A NH2 1 
ATOM   855  N N   . GLU A 1 137 ? -17.550 -7.305  -5.624  1.00 30.01 ? 137 GLU A N   1 
ATOM   856  C CA  . GLU A 1 137 ? -18.981 -7.369  -5.947  1.00 30.65 ? 137 GLU A CA  1 
ATOM   857  C C   . GLU A 1 137 ? -19.235 -7.013  -7.400  1.00 30.87 ? 137 GLU A C   1 
ATOM   858  O O   . GLU A 1 137 ? -20.196 -6.330  -7.732  1.00 30.76 ? 137 GLU A O   1 
ATOM   859  C CB  . GLU A 1 137 ? -19.774 -6.521  -4.955  1.00 34.80 ? 137 GLU A CB  1 
ATOM   860  C CG  . GLU A 1 137 ? -19.572 -7.053  -3.545  1.00 40.20 ? 137 GLU A CG  1 
ATOM   861  C CD  . GLU A 1 137 ? -20.003 -6.081  -2.505  1.00 44.52 ? 137 GLU A CD  1 
ATOM   862  O OE1 . GLU A 1 137 ? -19.273 -5.082  -2.288  1.00 48.75 ? 137 GLU A OE1 1 
ATOM   863  O OE2 . GLU A 1 137 ? -21.058 -6.346  -1.896  1.00 49.45 ? 137 GLU A OE2 1 
ATOM   864  N N   . GLY A 1 138 ? -18.355 -7.503  -8.272  1.00 30.60 ? 138 GLY A N   1 
ATOM   865  C CA  . GLY A 1 138 ? -18.513 -7.343  -9.710  1.00 31.81 ? 138 GLY A CA  1 
ATOM   866  C C   . GLY A 1 138 ? -18.064 -6.006  -10.255 1.00 30.52 ? 138 GLY A C   1 
ATOM   867  O O   . GLY A 1 138 ? -18.169 -5.765  -11.448 1.00 29.78 ? 138 GLY A O   1 
ATOM   868  N N   . LYS A 1 139 ? -17.515 -5.152  -9.389  1.00 32.84 ? 139 LYS A N   1 
ATOM   869  C CA  . LYS A 1 139 ? -17.226 -3.758  -9.728  1.00 31.22 ? 139 LYS A CA  1 
ATOM   870  C C   . LYS A 1 139 ? -15.728 -3.421  -9.495  1.00 32.18 ? 139 LYS A C   1 
ATOM   871  O O   . LYS A 1 139 ? -15.071 -3.895  -8.512  1.00 25.31 ? 139 LYS A O   1 
ATOM   872  C CB  . LYS A 1 139 ? -18.116 -2.855  -8.862  1.00 31.56 ? 139 LYS A CB  1 
ATOM   873  C CG  . LYS A 1 139 ? -19.343 -2.273  -9.524  1.00 36.55 ? 139 LYS A CG  1 
ATOM   874  C CD  . LYS A 1 139 ? -20.300 -3.277  -10.122 1.00 39.21 ? 139 LYS A CD  1 
ATOM   875  C CE  . LYS A 1 139 ? -21.698 -2.668  -10.271 1.00 39.96 ? 139 LYS A CE  1 
ATOM   876  N NZ  . LYS A 1 139 ? -22.172 -2.754  -11.663 1.00 41.04 ? 139 LYS A NZ  1 
ATOM   877  N N   . ILE A 1 140 ? -15.244 -2.499  -10.320 1.00 30.07 ? 140 ILE A N   1 
ATOM   878  C CA  . ILE A 1 140 ? -13.893 -1.923  -10.144 1.00 28.54 ? 140 ILE A CA  1 
ATOM   879  C C   . ILE A 1 140 ? -14.118 -0.525  -9.593  1.00 28.57 ? 140 ILE A C   1 
ATOM   880  O O   . ILE A 1 140 ? -14.908 0.252   -10.169 1.00 27.58 ? 140 ILE A O   1 
ATOM   881  C CB  . ILE A 1 140 ? -13.109 -1.872  -11.468 1.00 27.58 ? 140 ILE A CB  1 
ATOM   882  C CG1 . ILE A 1 140 ? -13.142 -3.287  -12.164 1.00 26.48 ? 140 ILE A CG1 1 
ATOM   883  C CG2 . ILE A 1 140 ? -11.673 -1.431  -11.209 1.00 24.72 ? 140 ILE A CG2 1 
ATOM   884  C CD1 . ILE A 1 140 ? -12.466 -3.321  -13.533 1.00 26.92 ? 140 ILE A CD1 1 
ATOM   885  N N   . HIS A 1 141 ? -13.451 -0.248  -8.468  1.00 22.73 ? 141 HIS A N   1 
ATOM   886  C CA  . HIS A 1 141 ? -13.472 1.030   -7.820  1.00 24.35 ? 141 HIS A CA  1 
ATOM   887  C C   . HIS A 1 141 ? -12.093 1.616   -7.854  1.00 24.16 ? 141 HIS A C   1 
ATOM   888  O O   . HIS A 1 141 ? -11.107 0.896   -7.750  1.00 22.74 ? 141 HIS A O   1 
ATOM   889  C CB  . HIS A 1 141 ? -13.885 0.895   -6.373  1.00 24.46 ? 141 HIS A CB  1 
ATOM   890  C CG  . HIS A 1 141 ? -15.096 0.050   -6.171  1.00 27.22 ? 141 HIS A CG  1 
ATOM   891  N ND1 . HIS A 1 141 ? -16.317 0.586   -5.838  1.00 28.52 ? 141 HIS A ND1 1 
ATOM   892  C CD2 . HIS A 1 141 ? -15.266 -1.296  -6.211  1.00 26.89 ? 141 HIS A CD2 1 
ATOM   893  C CE1 . HIS A 1 141 ? -17.190 -0.397  -5.694  1.00 30.73 ? 141 HIS A CE1 1 
ATOM   894  N NE2 . HIS A 1 141 ? -16.573 -1.546  -5.920  1.00 26.38 ? 141 HIS A NE2 1 
ATOM   895  N N   . ARG A 1 142 ? -12.019 2.922   -8.009  1.00 25.15 ? 142 ARG A N   1 
ATOM   896  C CA  . ARG A 1 142 ? -10.722 3.565   -8.120  1.00 25.71 ? 142 ARG A CA  1 
ATOM   897  C C   . ARG A 1 142 ? -10.680 4.934   -7.398  1.00 25.57 ? 142 ARG A C   1 
ATOM   898  O O   . ARG A 1 142 ? -11.673 5.701   -7.339  1.00 27.18 ? 142 ARG A O   1 
ATOM   899  C CB  . ARG A 1 142 ? -10.280 3.587   -9.580  1.00 24.91 ? 142 ARG A CB  1 
ATOM   900  C CG  . ARG A 1 142 ? -8.953  4.288   -9.815  1.00 30.43 ? 142 ARG A CG  1 
ATOM   901  C CD  . ARG A 1 142 ? -8.471  3.974   -11.216 1.00 33.63 ? 142 ARG A CD  1 
ATOM   902  N NE  . ARG A 1 142 ? -7.144  4.511   -11.527 1.00 33.79 ? 142 ARG A NE  1 
ATOM   903  C CZ  . ARG A 1 142 ? -6.895  5.725   -12.025 1.00 38.40 ? 142 ARG A CZ  1 
ATOM   904  N NH1 . ARG A 1 142 ? -5.641  6.057   -12.280 1.00 42.50 ? 142 ARG A NH1 1 
ATOM   905  N NH2 . ARG A 1 142 ? -7.854  6.637   -12.225 1.00 36.35 ? 142 ARG A NH2 1 
ATOM   906  N N   . GLN A 1 143 ? -9.529  5.217   -6.802  1.00 25.80 ? 143 GLN A N   1 
ATOM   907  C CA  . GLN A 1 143 ? -9.299  6.500   -6.116  1.00 23.37 ? 143 GLN A CA  1 
ATOM   908  C C   . GLN A 1 143 ? -7.843  6.911   -6.266  1.00 22.33 ? 143 GLN A C   1 
ATOM   909  O O   . GLN A 1 143 ? -6.938  6.069   -6.248  1.00 19.65 ? 143 GLN A O   1 
ATOM   910  C CB  . GLN A 1 143 ? -9.698  6.392   -4.651  1.00 23.80 ? 143 GLN A CB  1 
ATOM   911  C CG  . GLN A 1 143 ? -9.917  7.743   -4.016  1.00 25.87 ? 143 GLN A CG  1 
ATOM   912  C CD  . GLN A 1 143 ? -10.490 7.656   -2.641  1.00 28.03 ? 143 GLN A CD  1 
ATOM   913  O OE1 . GLN A 1 143 ? -10.301 6.649   -1.967  1.00 28.40 ? 143 GLN A OE1 1 
ATOM   914  N NE2 . GLN A 1 143 ? -11.243 8.710   -2.210  1.00 30.33 ? 143 GLN A NE2 1 
ATOM   915  N N   . ILE A 1 144 ? -7.621  8.196   -6.433  1.00 20.26 ? 144 ILE A N   1 
ATOM   916  C CA  . ILE A 1 144 ? -6.283  8.731   -6.469  1.00 23.03 ? 144 ILE A CA  1 
ATOM   917  C C   . ILE A 1 144 ? -6.133  9.696   -5.287  1.00 23.27 ? 144 ILE A C   1 
ATOM   918  O O   . ILE A 1 144 ? -7.069  10.409  -4.936  1.00 22.39 ? 144 ILE A O   1 
ATOM   919  C CB  . ILE A 1 144 ? -6.013  9.470   -7.791  1.00 23.58 ? 144 ILE A CB  1 
ATOM   920  C CG1 . ILE A 1 144 ? -6.286  8.564   -8.982  1.00 24.73 ? 144 ILE A CG1 1 
ATOM   921  C CG2 . ILE A 1 144 ? -4.633  10.077  -7.788  1.00 22.30 ? 144 ILE A CG2 1 
ATOM   922  C CD1 . ILE A 1 144 ? -5.284  7.453   -9.137  1.00 28.15 ? 144 ILE A CD1 1 
ATOM   923  N N   . TYR A 1 145 ? -4.955  9.648   -4.664  1.00 22.19 ? 145 TYR A N   1 
ATOM   924  C CA  . TYR A 1 145 ? -4.572  10.463  -3.522  1.00 21.63 ? 145 TYR A CA  1 
ATOM   925  C C   . TYR A 1 145 ? -3.256  11.172  -3.939  1.00 23.97 ? 145 TYR A C   1 
ATOM   926  O O   . TYR A 1 145 ? -2.483  10.643  -4.767  1.00 20.59 ? 145 TYR A O   1 
ATOM   927  C CB  . TYR A 1 145 ? -4.288  9.610   -2.299  1.00 19.96 ? 145 TYR A CB  1 
ATOM   928  C CG  . TYR A 1 145 ? -5.460  8.850   -1.740  1.00 19.82 ? 145 TYR A CG  1 
ATOM   929  C CD1 . TYR A 1 145 ? -5.896  7.636   -2.282  1.00 19.43 ? 145 TYR A CD1 1 
ATOM   930  C CD2 . TYR A 1 145 ? -6.126  9.345   -0.657  1.00 19.80 ? 145 TYR A CD2 1 
ATOM   931  C CE1 . TYR A 1 145 ? -6.991  6.977   -1.762  1.00 20.79 ? 145 TYR A CE1 1 
ATOM   932  C CE2 . TYR A 1 145 ? -7.190  8.689   -0.087  1.00 20.08 ? 145 TYR A CE2 1 
ATOM   933  C CZ  . TYR A 1 145 ? -7.654  7.543   -0.623  1.00 21.32 ? 145 TYR A CZ  1 
ATOM   934  O OH  . TYR A 1 145 ? -8.741  7.027   0.011   1.00 23.06 ? 145 TYR A OH  1 
ATOM   935  N N   . GLU A 1 146 ? -3.052  12.360  -3.375  1.00 24.29 ? 146 GLU A N   1 
ATOM   936  C CA  . GLU A 1 146 ? -1.853  13.167  -3.571  1.00 29.32 ? 146 GLU A CA  1 
ATOM   937  C C   . GLU A 1 146 ? -1.442  13.641  -2.192  1.00 28.24 ? 146 GLU A C   1 
ATOM   938  O O   . GLU A 1 146 ? -2.197  14.402  -1.568  1.00 26.91 ? 146 GLU A O   1 
ATOM   939  C CB  . GLU A 1 146 ? -2.140  14.395  -4.439  1.00 32.62 ? 146 GLU A CB  1 
ATOM   940  C CG  . GLU A 1 146 ? -2.458  14.068  -5.872  1.00 34.78 ? 146 GLU A CG  1 
ATOM   941  C CD  . GLU A 1 146 ? -3.015  15.244  -6.648  1.00 41.05 ? 146 GLU A CD  1 
ATOM   942  O OE1 . GLU A 1 146 ? -2.621  15.375  -7.833  1.00 44.58 ? 146 GLU A OE1 1 
ATOM   943  O OE2 . GLU A 1 146 ? -3.852  16.020  -6.097  1.00 42.28 ? 146 GLU A OE2 1 
ATOM   944  N N   . HIS A 1 147 ? -0.283  13.162  -1.703  1.00 25.48 ? 147 HIS A N   1 
ATOM   945  C CA  . HIS A 1 147 ? 0.171   13.468  -0.348  1.00 23.16 ? 147 HIS A CA  1 
ATOM   946  C C   . HIS A 1 147 ? -0.931  13.100  0.661   1.00 23.57 ? 147 HIS A C   1 
ATOM   947  O O   . HIS A 1 147 ? -1.137  13.771  1.685   1.00 24.67 ? 147 HIS A O   1 
ATOM   948  C CB  . HIS A 1 147 ? 0.594   14.956  -0.230  1.00 22.40 ? 147 HIS A CB  1 
ATOM   949  C CG  . HIS A 1 147 ? 1.638   15.384  -1.239  1.00 22.49 ? 147 HIS A CG  1 
ATOM   950  N ND1 . HIS A 1 147 ? 2.973   15.046  -1.130  1.00 22.08 ? 147 HIS A ND1 1 
ATOM   951  C CD2 . HIS A 1 147 ? 1.531   16.116  -2.379  1.00 23.24 ? 147 HIS A CD2 1 
ATOM   952  C CE1 . HIS A 1 147 ? 3.641   15.544  -2.163  1.00 23.64 ? 147 HIS A CE1 1 
ATOM   953  N NE2 . HIS A 1 147 ? 2.786   16.191  -2.941  1.00 20.63 ? 147 HIS A NE2 1 
ATOM   954  N N   . GLY A 1 148 ? -1.620  12.008  0.388   1.00 21.63 ? 148 GLY A N   1 
ATOM   955  C CA  . GLY A 1 148 ? -2.591  11.444  1.332   1.00 21.50 ? 148 GLY A CA  1 
ATOM   956  C C   . GLY A 1 148 ? -3.976  12.001  1.171   1.00 19.81 ? 148 GLY A C   1 
ATOM   957  O O   . GLY A 1 148 ? -4.895  11.560  1.863   1.00 20.54 ? 148 GLY A O   1 
ATOM   958  N N   . VAL A 1 149 ? -4.106  13.011  0.310   1.00 21.72 ? 149 VAL A N   1 
ATOM   959  C CA  . VAL A 1 149 ? -5.376  13.670  0.080   1.00 23.27 ? 149 VAL A CA  1 
ATOM   960  C C   . VAL A 1 149 ? -6.084  13.133  -1.184  1.00 22.24 ? 149 VAL A C   1 
ATOM   961  O O   . VAL A 1 149 ? -5.535  13.215  -2.311  1.00 22.76 ? 149 VAL A O   1 
ATOM   962  C CB  . VAL A 1 149 ? -5.230  15.200  0.071   1.00 24.47 ? 149 VAL A CB  1 
ATOM   963  C CG1 . VAL A 1 149 ? -6.489  15.877  -0.405  1.00 26.33 ? 149 VAL A CG1 1 
ATOM   964  C CG2 . VAL A 1 149 ? -4.951  15.707  1.475   1.00 27.60 ? 149 VAL A CG2 1 
ATOM   965  N N   . PRO A 1 150 ? -7.306  12.609  -1.001  1.00 21.41 ? 150 PRO A N   1 
ATOM   966  C CA  . PRO A 1 150 ? -8.068  12.024  -2.126  1.00 24.33 ? 150 PRO A CA  1 
ATOM   967  C C   . PRO A 1 150 ? -8.563  13.083  -3.126  1.00 26.32 ? 150 PRO A C   1 
ATOM   968  O O   . PRO A 1 150 ? -9.198  14.041  -2.711  1.00 27.34 ? 150 PRO A O   1 
ATOM   969  C CB  . PRO A 1 150 ? -9.272  11.362  -1.446  1.00 24.22 ? 150 PRO A CB  1 
ATOM   970  C CG  . PRO A 1 150 ? -9.455  12.201  -0.183  1.00 24.57 ? 150 PRO A CG  1 
ATOM   971  C CD  . PRO A 1 150 ? -8.052  12.563  0.274   1.00 21.07 ? 150 PRO A CD  1 
ATOM   972  N N   . GLN A 1 151 ? -8.272  12.882  -4.403  1.00 25.11 ? 151 GLN A N   1 
ATOM   973  C CA  . GLN A 1 151 ? -8.727  13.751  -5.463  1.00 28.03 ? 151 GLN A CA  1 
ATOM   974  C C   . GLN A 1 151 ? -10.229 13.720  -5.613  1.00 31.60 ? 151 GLN A C   1 
ATOM   975  O O   . GLN A 1 151 ? -10.823 14.779  -5.878  1.00 35.70 ? 151 GLN A O   1 
ATOM   976  C CB  . GLN A 1 151 ? -8.149  13.360  -6.796  1.00 28.16 ? 151 GLN A CB  1 
ATOM   977  C CG  . GLN A 1 151 ? -6.668  13.548  -6.867  1.00 28.93 ? 151 GLN A CG  1 
ATOM   978  C CD  . GLN A 1 151 ? -6.186  13.454  -8.290  1.00 31.01 ? 151 GLN A CD  1 
ATOM   979  O OE1 . GLN A 1 151 ? -5.140  13.992  -8.629  1.00 34.56 ? 151 GLN A OE1 1 
ATOM   980  N NE2 . GLN A 1 151 ? -6.929  12.720  -9.124  1.00 31.46 ? 151 GLN A NE2 1 
ATOM   981  N N   . ALA A 1 152 ? -10.841 12.551  -5.444  1.00 28.72 ? 152 ALA A N   1 
ATOM   982  C CA  . ALA A 1 152 ? -12.319 12.434  -5.403  1.00 28.35 ? 152 ALA A CA  1 
ATOM   983  C C   . ALA A 1 152 ? -12.711 11.271  -4.551  1.00 27.19 ? 152 ALA A C   1 
ATOM   984  O O   . ALA A 1 152 ? -11.837 10.514  -4.176  1.00 28.14 ? 152 ALA A O   1 
ATOM   985  C CB  . ALA A 1 152 ? -12.900 12.299  -6.808  1.00 28.77 ? 152 ALA A CB  1 
ATOM   986  N N   . PRO A 1 153 ? -14.027 11.128  -4.201  1.00 27.77 ? 153 PRO A N   1 
ATOM   987  C CA  . PRO A 1 153 ? -14.424 9.923   -3.458  1.00 27.64 ? 153 PRO A CA  1 
ATOM   988  C C   . PRO A 1 153 ? -14.212 8.671   -4.299  1.00 27.83 ? 153 PRO A C   1 
ATOM   989  O O   . PRO A 1 153 ? -14.197 8.733   -5.541  1.00 29.70 ? 153 PRO A O   1 
ATOM   990  C CB  . PRO A 1 153 ? -15.924 10.128  -3.157  1.00 26.34 ? 153 PRO A CB  1 
ATOM   991  C CG  . PRO A 1 153 ? -16.188 11.567  -3.454  1.00 28.54 ? 153 PRO A CG  1 
ATOM   992  C CD  . PRO A 1 153 ? -15.202 11.946  -4.536  1.00 27.41 ? 153 PRO A CD  1 
ATOM   993  N N   . LEU A 1 154 ? -14.066 7.532   -3.623  1.00 29.45 ? 154 LEU A N   1 
ATOM   994  C CA  . LEU A 1 154 ? -13.939 6.252   -4.339  1.00 26.55 ? 154 LEU A CA  1 
ATOM   995  C C   . LEU A 1 154 ? -15.111 6.152   -5.277  1.00 27.31 ? 154 LEU A C   1 
ATOM   996  O O   . LEU A 1 154 ? -16.239 6.494   -4.897  1.00 26.24 ? 154 LEU A O   1 
ATOM   997  C CB  . LEU A 1 154 ? -13.989 5.104   -3.358  1.00 25.65 ? 154 LEU A CB  1 
ATOM   998  C CG  . LEU A 1 154 ? -13.765 3.649   -3.768  1.00 23.84 ? 154 LEU A CG  1 
ATOM   999  C CD1 . LEU A 1 154 ? -12.390 3.463   -4.388  1.00 22.82 ? 154 LEU A CD1 1 
ATOM   1000 C CD2 . LEU A 1 154 ? -13.995 2.734   -2.549  1.00 24.11 ? 154 LEU A CD2 1 
ATOM   1001 N N   . ALA A 1 155 ? -14.844 5.703   -6.487  1.00 28.40 ? 155 ALA A N   1 
ATOM   1002 C CA  . ALA A 1 155 ? -15.861 5.639   -7.540  1.00 30.50 ? 155 ALA A CA  1 
ATOM   1003 C C   . ALA A 1 155 ? -15.688 4.413   -8.410  1.00 29.22 ? 155 ALA A C   1 
ATOM   1004 O O   . ALA A 1 155 ? -14.553 3.941   -8.622  1.00 27.38 ? 155 ALA A O   1 
ATOM   1005 C CB  . ALA A 1 155 ? -15.765 6.872   -8.404  1.00 29.49 ? 155 ALA A CB  1 
ATOM   1006 N N   . VAL A 1 156 ? -16.815 3.927   -8.938  1.00 28.08 ? 156 VAL A N   1 
ATOM   1007 C CA  . VAL A 1 156 ? -16.819 2.755   -9.814  1.00 25.06 ? 156 VAL A CA  1 
ATOM   1008 C C   . VAL A 1 156 ? -16.358 3.181   -11.205 1.00 26.39 ? 156 VAL A C   1 
ATOM   1009 O O   . VAL A 1 156 ? -16.931 4.073   -11.810 1.00 27.68 ? 156 VAL A O   1 
ATOM   1010 C CB  . VAL A 1 156 ? -18.184 2.104   -9.847  1.00 25.25 ? 156 VAL A CB  1 
ATOM   1011 C CG1 . VAL A 1 156 ? -18.194 0.865   -10.731 1.00 26.94 ? 156 VAL A CG1 1 
ATOM   1012 C CG2 . VAL A 1 156 ? -18.610 1.693   -8.446  1.00 25.74 ? 156 VAL A CG2 1 
ATOM   1013 N N   . THR A 1 157 ? -15.303 2.563   -11.707 1.00 25.68 ? 157 THR A N   1 
ATOM   1014 C CA  . THR A 1 157 ? -14.789 2.834   -13.023 1.00 25.06 ? 157 THR A CA  1 
ATOM   1015 C C   . THR A 1 157 ? -15.080 1.700   -14.030 1.00 26.95 ? 157 THR A C   1 
ATOM   1016 O O   . THR A 1 157 ? -14.809 1.869   -15.232 1.00 23.71 ? 157 THR A O   1 
ATOM   1017 C CB  . THR A 1 157 ? -13.258 3.024   -12.969 1.00 26.38 ? 157 THR A CB  1 
ATOM   1018 O OG1 . THR A 1 157 ? -12.634 1.839   -12.454 1.00 25.57 ? 157 THR A OG1 1 
ATOM   1019 C CG2 . THR A 1 157 ? -12.911 4.217   -12.104 1.00 25.82 ? 157 THR A CG2 1 
ATOM   1020 N N   . GLY A 1 158 ? -15.628 0.567   -13.584 1.00 24.91 ? 158 GLY A N   1 
ATOM   1021 C CA  . GLY A 1 158 ? -15.774 -0.551  -14.503 1.00 25.07 ? 158 GLY A CA  1 
ATOM   1022 C C   . GLY A 1 158 ? -16.303 -1.792  -13.835 1.00 24.05 ? 158 GLY A C   1 
ATOM   1023 O O   . GLY A 1 158 ? -16.729 -1.737  -12.672 1.00 22.03 ? 158 GLY A O   1 
ATOM   1024 N N   . GLU A 1 159 ? -16.256 -2.908  -14.564 1.00 23.98 ? 159 GLU A N   1 
ATOM   1025 C CA  . GLU A 1 159 ? -16.803 -4.171  -14.060 1.00 27.33 ? 159 GLU A CA  1 
ATOM   1026 C C   . GLU A 1 159 ? -15.753 -5.262  -14.155 1.00 28.47 ? 159 GLU A C   1 
ATOM   1027 O O   . GLU A 1 159 ? -14.799 -5.168  -14.932 1.00 29.42 ? 159 GLU A O   1 
ATOM   1028 C CB  . GLU A 1 159 ? -18.113 -4.546  -14.769 1.00 27.04 ? 159 GLU A CB  1 
ATOM   1029 C CG  . GLU A 1 159 ? -19.266 -3.686  -14.329 1.00 28.65 ? 159 GLU A CG  1 
ATOM   1030 C CD  . GLU A 1 159 ? -20.545 -3.889  -15.130 1.00 30.20 ? 159 GLU A CD  1 
ATOM   1031 O OE1 . GLU A 1 159 ? -21.360 -2.935  -15.199 1.00 33.64 ? 159 GLU A OE1 1 
ATOM   1032 O OE2 . GLU A 1 159 ? -20.769 -4.978  -15.668 1.00 28.25 ? 159 GLU A OE2 1 
ATOM   1033 N N   . THR A 1 160 ? -15.918 -6.278  -13.313 1.00 30.84 ? 160 THR A N   1 
ATOM   1034 C CA  . THR A 1 160 ? -14.918 -7.343  -13.201 1.00 31.07 ? 160 THR A CA  1 
ATOM   1035 C C   . THR A 1 160 ? -15.530 -8.583  -12.563 1.00 32.02 ? 160 THR A C   1 
ATOM   1036 O O   . THR A 1 160 ? -16.546 -8.503  -11.838 1.00 34.35 ? 160 THR A O   1 
ATOM   1037 C CB  . THR A 1 160 ? -13.684 -6.854  -12.367 1.00 28.67 ? 160 THR A CB  1 
ATOM   1038 O OG1 . THR A 1 160 ? -12.723 -7.900  -12.234 1.00 26.36 ? 160 THR A OG1 1 
ATOM   1039 C CG2 . THR A 1 160 ? -14.076 -6.461  -10.979 1.00 26.64 ? 160 THR A CG2 1 
ATOM   1040 N N   . GLU A 1 161 ? -14.862 -9.709  -12.756 1.00 32.61 ? 161 GLU A N   1 
ATOM   1041 C CA  . GLU A 1 161 ? -15.222 -10.930 -12.027 1.00 37.93 ? 161 GLU A CA  1 
ATOM   1042 C C   . GLU A 1 161 ? -14.169 -11.304 -10.998 1.00 35.14 ? 161 GLU A C   1 
ATOM   1043 O O   . GLU A 1 161 ? -14.330 -12.273 -10.270 1.00 41.00 ? 161 GLU A O   1 
ATOM   1044 C CB  . GLU A 1 161 ? -15.556 -12.107 -12.977 1.00 41.88 ? 161 GLU A CB  1 
ATOM   1045 C CG  . GLU A 1 161 ? -14.638 -12.297 -14.176 1.00 44.70 ? 161 GLU A CG  1 
ATOM   1046 C CD  . GLU A 1 161 ? -13.283 -12.843 -13.821 1.00 48.84 ? 161 GLU A CD  1 
ATOM   1047 O OE1 . GLU A 1 161 ? -12.258 -12.325 -14.350 1.00 51.60 ? 161 GLU A OE1 1 
ATOM   1048 O OE2 . GLU A 1 161 ? -13.252 -13.801 -13.010 1.00 56.16 ? 161 GLU A OE2 1 
ATOM   1049 N N   . LYS A 1 162 ? -13.119 -10.508 -10.900 1.00 34.87 ? 162 LYS A N   1 
ATOM   1050 C CA  . LYS A 1 162 ? -12.083 -10.699 -9.898  1.00 33.46 ? 162 LYS A CA  1 
ATOM   1051 C C   . LYS A 1 162 ? -12.363 -9.878  -8.613  1.00 30.81 ? 162 LYS A C   1 
ATOM   1052 O O   . LYS A 1 162 ? -13.143 -8.906  -8.587  1.00 25.49 ? 162 LYS A O   1 
ATOM   1053 C CB  . LYS A 1 162 ? -10.720 -10.290 -10.471 1.00 37.04 ? 162 LYS A CB  1 
ATOM   1054 C CG  . LYS A 1 162 ? -10.355 -10.946 -11.801 1.00 42.00 ? 162 LYS A CG  1 
ATOM   1055 C CD  . LYS A 1 162 ? -8.935  -10.561 -12.224 1.00 44.94 ? 162 LYS A CD  1 
ATOM   1056 C CE  . LYS A 1 162 ? -8.872  -9.857  -13.582 1.00 44.64 ? 162 LYS A CE  1 
ATOM   1057 N NZ  . LYS A 1 162 ? -9.447  -8.468  -13.511 1.00 44.97 ? 162 LYS A NZ  1 
ATOM   1058 N N   . THR A 1 163 ? -11.705 -10.289 -7.544  1.00 27.91 ? 163 THR A N   1 
ATOM   1059 C CA  . THR A 1 163 ? -11.683 -9.525  -6.308  1.00 26.86 ? 163 THR A CA  1 
ATOM   1060 C C   . THR A 1 163 ? -10.225 -9.240  -5.900  1.00 26.09 ? 163 THR A C   1 
ATOM   1061 O O   . THR A 1 163 ? -9.317  -9.970  -6.271  1.00 23.53 ? 163 THR A O   1 
ATOM   1062 C CB  . THR A 1 163 ? -12.361 -10.311 -5.185  1.00 26.51 ? 163 THR A CB  1 
ATOM   1063 O OG1 . THR A 1 163 ? -11.474 -11.337 -4.798  1.00 25.50 ? 163 THR A OG1 1 
ATOM   1064 C CG2 . THR A 1 163 ? -13.660 -10.943 -5.668  1.00 25.45 ? 163 THR A CG2 1 
ATOM   1065 N N   . GLY A 1 164 ? -10.028 -8.159  -5.151  1.00 24.78 ? 164 GLY A N   1 
ATOM   1066 C CA  . GLY A 1 164 ? -8.780  -7.829  -4.533  1.00 23.08 ? 164 GLY A CA  1 
ATOM   1067 C C   . GLY A 1 164 ? -8.532  -6.353  -4.402  1.00 22.22 ? 164 GLY A C   1 
ATOM   1068 O O   . GLY A 1 164 ? -9.368  -5.535  -4.780  1.00 24.98 ? 164 GLY A O   1 
ATOM   1069 N N   . THR A 1 165 ? -7.394  -6.028  -3.814  1.00 21.59 ? 165 THR A N   1 
ATOM   1070 C CA  . THR A 1 165 ? -6.961  -4.644  -3.549  1.00 20.17 ? 165 THR A CA  1 
ATOM   1071 C C   . THR A 1 165 ? -5.622  -4.441  -4.216  1.00 18.98 ? 165 THR A C   1 
ATOM   1072 O O   . THR A 1 165 ? -4.750  -5.296  -4.105  1.00 18.63 ? 165 THR A O   1 
ATOM   1073 C CB  . THR A 1 165 ? -6.802  -4.411  -2.066  1.00 21.68 ? 165 THR A CB  1 
ATOM   1074 O OG1 . THR A 1 165 ? -8.056  -4.673  -1.415  1.00 24.13 ? 165 THR A OG1 1 
ATOM   1075 C CG2 . THR A 1 165 ? -6.373  -2.979  -1.775  1.00 22.42 ? 165 THR A CG2 1 
ATOM   1076 N N   . MET A 1 166 ? -5.452  -3.286  -4.853  1.00 18.76 ? 166 MET A N   1 
ATOM   1077 C CA  . MET A 1 166 ? -4.200  -2.876  -5.479  1.00 18.62 ? 166 MET A CA  1 
ATOM   1078 C C   . MET A 1 166 ? -3.866  -1.466  -4.997  1.00 17.87 ? 166 MET A C   1 
ATOM   1079 O O   . MET A 1 166 ? -4.665  -0.565  -5.143  1.00 16.26 ? 166 MET A O   1 
ATOM   1080 C CB  . MET A 1 166 ? -4.300  -2.867  -7.002  1.00 19.83 ? 166 MET A CB  1 
ATOM   1081 C CG  . MET A 1 166 ? -2.972  -2.692  -7.753  1.00 20.74 ? 166 MET A CG  1 
ATOM   1082 S SD  . MET A 1 166 ? -2.226  -1.053  -7.736  1.00 21.92 ? 166 MET A SD  1 
ATOM   1083 C CE  . MET A 1 166 ? -3.388  -0.045  -8.699  1.00 24.78 ? 166 MET A CE  1 
ATOM   1084 N N   . VAL A 1 167 ? -2.699  -1.321  -4.388  1.00 17.33 ? 167 VAL A N   1 
ATOM   1085 C CA  . VAL A 1 167 ? -2.115  -0.032  -3.998  1.00 17.95 ? 167 VAL A CA  1 
ATOM   1086 C C   . VAL A 1 167 ? -0.792  0.156   -4.754  1.00 17.09 ? 167 VAL A C   1 
ATOM   1087 O O   . VAL A 1 167 ? 0.144   -0.651  -4.641  1.00 15.29 ? 167 VAL A O   1 
ATOM   1088 C CB  . VAL A 1 167 ? -1.967  0.035   -2.449  1.00 18.61 ? 167 VAL A CB  1 
ATOM   1089 C CG1 . VAL A 1 167 ? -1.263  1.285   -2.003  1.00 19.34 ? 167 VAL A CG1 1 
ATOM   1090 C CG2 . VAL A 1 167 ? -3.334  -0.030  -1.776  1.00 18.31 ? 167 VAL A CG2 1 
ATOM   1091 N N   . ARG A 1 168 ? -0.734  1.224   -5.551  1.00 18.85 ? 168 ARG A N   1 
ATOM   1092 C CA  . ARG A 1 168 ? 0.485   1.690   -6.169  1.00 18.94 ? 168 ARG A CA  1 
ATOM   1093 C C   . ARG A 1 168 ? 0.857   3.082   -5.613  1.00 19.65 ? 168 ARG A C   1 
ATOM   1094 O O   . ARG A 1 168 ? -0.013  3.952   -5.461  1.00 18.85 ? 168 ARG A O   1 
ATOM   1095 C CB  . ARG A 1 168 ? 0.298   1.753   -7.664  1.00 18.91 ? 168 ARG A CB  1 
ATOM   1096 C CG  . ARG A 1 168 ? 1.511   2.299   -8.406  1.00 19.12 ? 168 ARG A CG  1 
ATOM   1097 C CD  . ARG A 1 168 ? 1.310   2.069   -9.887  1.00 18.26 ? 168 ARG A CD  1 
ATOM   1098 N NE  . ARG A 1 168 ? 2.438   2.562   -10.668 1.00 18.17 ? 168 ARG A NE  1 
ATOM   1099 C CZ  . ARG A 1 168 ? 2.451   2.593   -11.988 1.00 17.68 ? 168 ARG A CZ  1 
ATOM   1100 N NH1 . ARG A 1 168 ? 3.471   3.096   -12.635 1.00 19.14 ? 168 ARG A NH1 1 
ATOM   1101 N NH2 . ARG A 1 168 ? 1.418   2.154   -12.669 1.00 19.26 ? 168 ARG A NH2 1 
ATOM   1102 N N   . PHE A 1 169 ? 2.139   3.296   -5.302  1.00 18.16 ? 169 PHE A N   1 
ATOM   1103 C CA  . PHE A 1 169 ? 2.520   4.544   -4.656  1.00 20.17 ? 169 PHE A CA  1 
ATOM   1104 C C   . PHE A 1 169 ? 3.831   5.085   -5.243  1.00 20.45 ? 169 PHE A C   1 
ATOM   1105 O O   . PHE A 1 169 ? 4.698   4.292   -5.655  1.00 19.16 ? 169 PHE A O   1 
ATOM   1106 C CB  . PHE A 1 169 ? 2.561   4.403   -3.122  1.00 19.44 ? 169 PHE A CB  1 
ATOM   1107 C CG  . PHE A 1 169 ? 3.712   3.608   -2.616  1.00 18.83 ? 169 PHE A CG  1 
ATOM   1108 C CD1 . PHE A 1 169 ? 4.948   4.213   -2.375  1.00 19.99 ? 169 PHE A CD1 1 
ATOM   1109 C CD2 . PHE A 1 169 ? 3.578   2.231   -2.383  1.00 20.90 ? 169 PHE A CD2 1 
ATOM   1110 C CE1 . PHE A 1 169 ? 6.042   3.482   -1.915  1.00 19.42 ? 169 PHE A CE1 1 
ATOM   1111 C CE2 . PHE A 1 169 ? 4.659   1.476   -1.913  1.00 19.64 ? 169 PHE A CE2 1 
ATOM   1112 C CZ  . PHE A 1 169 ? 5.905   2.104   -1.706  1.00 21.09 ? 169 PHE A CZ  1 
ATOM   1113 N N   . TRP A 1 170 ? 3.910   6.417   -5.321  1.00 19.16 ? 170 TRP A N   1 
ATOM   1114 C CA  . TRP A 1 170 ? 5.054   7.158   -5.891  1.00 20.18 ? 170 TRP A CA  1 
ATOM   1115 C C   . TRP A 1 170 ? 5.591   7.933   -4.713  1.00 20.13 ? 170 TRP A C   1 
ATOM   1116 O O   . TRP A 1 170 ? 4.955   8.849   -4.218  1.00 20.96 ? 170 TRP A O   1 
ATOM   1117 C CB  . TRP A 1 170 ? 4.605   8.136   -6.981  1.00 21.58 ? 170 TRP A CB  1 
ATOM   1118 C CG  . TRP A 1 170 ? 4.211   7.528   -8.251  1.00 20.43 ? 170 TRP A CG  1 
ATOM   1119 C CD1 . TRP A 1 170 ? 4.989   7.431   -9.380  1.00 22.82 ? 170 TRP A CD1 1 
ATOM   1120 C CD2 . TRP A 1 170 ? 2.951   6.896   -8.571  1.00 20.63 ? 170 TRP A CD2 1 
ATOM   1121 N NE1 . TRP A 1 170 ? 4.285   6.771   -10.367 1.00 22.21 ? 170 TRP A NE1 1 
ATOM   1122 C CE2 . TRP A 1 170 ? 3.031   6.457   -9.896  1.00 21.03 ? 170 TRP A CE2 1 
ATOM   1123 C CE3 . TRP A 1 170 ? 1.751   6.673   -7.860  1.00 21.42 ? 170 TRP A CE3 1 
ATOM   1124 C CZ2 . TRP A 1 170 ? 1.949   5.803   -10.537 1.00 21.83 ? 170 TRP A CZ2 1 
ATOM   1125 C CZ3 . TRP A 1 170 ? 0.695   6.021   -8.488  1.00 20.61 ? 170 TRP A CZ3 1 
ATOM   1126 C CH2 . TRP A 1 170 ? 0.806   5.588   -9.809  1.00 21.43 ? 170 TRP A CH2 1 
ATOM   1127 N N   . PRO A 1 171 ? 6.718   7.513   -4.165  1.00 22.63 ? 171 PRO A N   1 
ATOM   1128 C CA  . PRO A 1 171 ? 7.159   8.096   -2.884  1.00 23.79 ? 171 PRO A CA  1 
ATOM   1129 C C   . PRO A 1 171 ? 7.508   9.571   -3.013  1.00 23.31 ? 171 PRO A C   1 
ATOM   1130 O O   . PRO A 1 171 ? 7.999   9.987   -4.065  1.00 23.66 ? 171 PRO A O   1 
ATOM   1131 C CB  . PRO A 1 171 ? 8.422   7.287   -2.557  1.00 26.28 ? 171 PRO A CB  1 
ATOM   1132 C CG  . PRO A 1 171 ? 8.975   6.900   -3.886  1.00 25.40 ? 171 PRO A CG  1 
ATOM   1133 C CD  . PRO A 1 171 ? 7.756   6.657   -4.770  1.00 25.33 ? 171 PRO A CD  1 
ATOM   1134 N N   . SER A 1 172 ? 7.282   10.359  -1.975  1.00 21.82 ? 172 SER A N   1 
ATOM   1135 C CA  . SER A 1 172 ? 7.593   11.782  -2.065  1.00 24.42 ? 172 SER A CA  1 
ATOM   1136 C C   . SER A 1 172 ? 9.123   12.014  -2.171  1.00 26.33 ? 172 SER A C   1 
ATOM   1137 O O   . SER A 1 172 ? 9.872   11.547  -1.320  1.00 24.73 ? 172 SER A O   1 
ATOM   1138 C CB  . SER A 1 172 ? 7.017   12.526  -0.859  1.00 23.56 ? 172 SER A CB  1 
ATOM   1139 O OG  . SER A 1 172 ? 7.647   13.807  -0.682  1.00 25.84 ? 172 SER A OG  1 
ATOM   1140 N N   . LEU A 1 173 ? 9.594   12.712  -3.195  1.00 29.99 ? 173 LEU A N   1 
ATOM   1141 C CA  . LEU A 1 173 ? 11.044  13.084  -3.207  1.00 37.31 ? 173 LEU A CA  1 
ATOM   1142 C C   . LEU A 1 173 ? 11.364  14.355  -2.419  1.00 35.67 ? 173 LEU A C   1 
ATOM   1143 O O   . LEU A 1 173 ? 12.517  14.778  -2.346  1.00 39.09 ? 173 LEU A O   1 
ATOM   1144 C CB  . LEU A 1 173 ? 11.633  13.122  -4.618  1.00 38.36 ? 173 LEU A CB  1 
ATOM   1145 C CG  . LEU A 1 173 ? 11.815  11.765  -5.304  1.00 40.28 ? 173 LEU A CG  1 
ATOM   1146 C CD1 . LEU A 1 173 ? 12.753  11.963  -6.492  1.00 41.16 ? 173 LEU A CD1 1 
ATOM   1147 C CD2 . LEU A 1 173 ? 12.307  10.646  -4.370  1.00 40.30 ? 173 LEU A CD2 1 
ATOM   1148 N N   . GLU A 1 174 ? 10.355  14.898  -1.759  1.00 35.83 ? 174 GLU A N   1 
ATOM   1149 C CA  . GLU A 1 174 ? 10.601  15.885  -0.740  1.00 35.85 ? 174 GLU A CA  1 
ATOM   1150 C C   . GLU A 1 174 ? 11.022  15.184  0.530   1.00 35.22 ? 174 GLU A C   1 
ATOM   1151 O O   . GLU A 1 174 ? 11.845  15.725  1.305   1.00 37.27 ? 174 GLU A O   1 
ATOM   1152 C CB  . GLU A 1 174 ? 9.379   16.739  -0.451  1.00 36.65 ? 174 GLU A CB  1 
ATOM   1153 C CG  . GLU A 1 174 ? 8.682   17.311  -1.663  1.00 45.05 ? 174 GLU A CG  1 
ATOM   1154 C CD  . GLU A 1 174 ? 9.448   18.434  -2.286  1.00 54.58 ? 174 GLU A CD  1 
ATOM   1155 O OE1 . GLU A 1 174 ? 9.162   19.597  -1.932  1.00 67.25 ? 174 GLU A OE1 1 
ATOM   1156 O OE2 . GLU A 1 174 ? 10.324  18.162  -3.137  1.00 63.61 ? 174 GLU A OE2 1 
ATOM   1157 N N   . THR A 1 175 ? 10.455  14.002  0.774   1.00 31.57 ? 175 THR A N   1 
ATOM   1158 C CA  . THR A 1 175 ? 10.696  13.258  2.027   1.00 28.18 ? 175 THR A CA  1 
ATOM   1159 C C   . THR A 1 175 ? 11.989  12.465  1.957   1.00 26.25 ? 175 THR A C   1 
ATOM   1160 O O   . THR A 1 175 ? 12.759  12.446  2.932   1.00 28.94 ? 175 THR A O   1 
ATOM   1161 C CB  . THR A 1 175 ? 9.522   12.307  2.400   1.00 28.71 ? 175 THR A CB  1 
ATOM   1162 O OG1 . THR A 1 175 ? 8.334   13.049  2.656   1.00 25.12 ? 175 THR A OG1 1 
ATOM   1163 C CG2 . THR A 1 175 ? 9.819   11.488  3.635   1.00 27.36 ? 175 THR A CG2 1 
ATOM   1164 N N   . PHE A 1 176 ? 12.242  11.828  0.824   1.00 26.25 ? 176 PHE A N   1 
ATOM   1165 C CA  . PHE A 1 176 ? 13.321  10.855  0.719   1.00 25.69 ? 176 PHE A CA  1 
ATOM   1166 C C   . PHE A 1 176 ? 14.466  11.454  -0.070  1.00 27.97 ? 176 PHE A C   1 
ATOM   1167 O O   . PHE A 1 176 ? 14.257  12.038  -1.131  1.00 30.01 ? 176 PHE A O   1 
ATOM   1168 C CB  . PHE A 1 176 ? 12.826  9.553   0.094   1.00 25.05 ? 176 PHE A CB  1 
ATOM   1169 C CG  . PHE A 1 176 ? 11.765  8.864   0.921   1.00 22.30 ? 176 PHE A CG  1 
ATOM   1170 C CD1 . PHE A 1 176 ? 12.103  8.077   2.012   1.00 21.58 ? 176 PHE A CD1 1 
ATOM   1171 C CD2 . PHE A 1 176 ? 10.454  9.059   0.648   1.00 22.14 ? 176 PHE A CD2 1 
ATOM   1172 C CE1 . PHE A 1 176 ? 11.114  7.473   2.800   1.00 22.25 ? 176 PHE A CE1 1 
ATOM   1173 C CE2 . PHE A 1 176 ? 9.439   8.463   1.420   1.00 22.07 ? 176 PHE A CE2 1 
ATOM   1174 C CZ  . PHE A 1 176 ? 9.762   7.674   2.494   1.00 20.71 ? 176 PHE A CZ  1 
ATOM   1175 N N   . THR A 1 177 ? 15.668  11.313  0.493   1.00 27.14 ? 177 THR A N   1 
ATOM   1176 C CA  . THR A 1 177 ? 16.867  11.767  -0.153  1.00 30.35 ? 177 THR A CA  1 
ATOM   1177 C C   . THR A 1 177 ? 17.815  10.633  -0.235  1.00 28.86 ? 177 THR A C   1 
ATOM   1178 O O   . THR A 1 177 ? 17.711  9.644   0.487   1.00 28.60 ? 177 THR A O   1 
ATOM   1179 C CB  . THR A 1 177 ? 17.585  12.888  0.653   1.00 32.50 ? 177 THR A CB  1 
ATOM   1180 O OG1 . THR A 1 177 ? 17.888  12.412  1.980   1.00 33.40 ? 177 THR A OG1 1 
ATOM   1181 C CG2 . THR A 1 177 ? 16.741  14.100  0.733   1.00 29.38 ? 177 THR A CG2 1 
ATOM   1182 N N   . ASN A 1 178 ? 18.737  10.800  -1.165  1.00 32.06 ? 178 ASN A N   1 
ATOM   1183 C CA  . ASN A 1 178 ? 19.952  10.059  -1.230  1.00 33.10 ? 178 ASN A CA  1 
ATOM   1184 C C   . ASN A 1 178 ? 19.756  8.707   -1.880  1.00 35.85 ? 178 ASN A C   1 
ATOM   1185 O O   . ASN A 1 178 ? 20.303  8.487   -2.940  1.00 34.71 ? 178 ASN A O   1 
ATOM   1186 C CB  . ASN A 1 178 ? 20.542  9.947   0.176   1.00 38.48 ? 178 ASN A CB  1 
ATOM   1187 C CG  . ASN A 1 178 ? 21.976  9.775   0.146   1.00 40.18 ? 178 ASN A CG  1 
ATOM   1188 O OD1 . ASN A 1 178 ? 22.690  10.660  -0.315  1.00 49.28 ? 178 ASN A OD1 1 
ATOM   1189 N ND2 . ASN A 1 178 ? 22.434  8.611   0.579   1.00 50.01 ? 178 ASN A ND2 1 
ATOM   1190 N N   . VAL A 1 179 ? 18.986  7.813   -1.252  1.00 31.91 ? 179 VAL A N   1 
ATOM   1191 C CA  . VAL A 1 179 ? 18.550  6.583   -1.852  1.00 30.41 ? 179 VAL A CA  1 
ATOM   1192 C C   . VAL A 1 179 ? 17.073  6.809   -2.196  1.00 30.07 ? 179 VAL A C   1 
ATOM   1193 O O   . VAL A 1 179 ? 16.185  6.827   -1.309  1.00 29.09 ? 179 VAL A O   1 
ATOM   1194 C CB  . VAL A 1 179 ? 18.686  5.388   -0.916  1.00 31.82 ? 179 VAL A CB  1 
ATOM   1195 C CG1 . VAL A 1 179 ? 18.282  4.113   -1.667  1.00 31.51 ? 179 VAL A CG1 1 
ATOM   1196 C CG2 . VAL A 1 179 ? 20.121  5.312   -0.371  1.00 33.39 ? 179 VAL A CG2 1 
ATOM   1197 N N   . THR A 1 180 ? 16.823  7.013   -3.483  1.00 26.66 ? 180 THR A N   1 
ATOM   1198 C CA  . THR A 1 180 ? 15.498  7.316   -3.963  1.00 29.17 ? 180 THR A CA  1 
ATOM   1199 C C   . THR A 1 180 ? 14.962  6.246   -4.886  1.00 31.14 ? 180 THR A C   1 
ATOM   1200 O O   . THR A 1 180 ? 13.826  6.347   -5.313  1.00 33.84 ? 180 THR A O   1 
ATOM   1201 C CB  . THR A 1 180 ? 15.521  8.646   -4.697  1.00 30.12 ? 180 THR A CB  1 
ATOM   1202 O OG1 . THR A 1 180 ? 16.512  8.582   -5.736  1.00 31.92 ? 180 THR A OG1 1 
ATOM   1203 C CG2 . THR A 1 180 ? 15.914  9.760   -3.731  1.00 30.22 ? 180 THR A CG2 1 
ATOM   1204 N N   . GLU A 1 181 ? 15.727  5.194   -5.173  1.00 30.87 ? 181 GLU A N   1 
ATOM   1205 C CA  . GLU A 1 181 ? 15.267  4.196   -6.127  1.00 30.14 ? 181 GLU A CA  1 
ATOM   1206 C C   . GLU A 1 181 ? 15.153  2.898   -5.411  1.00 29.18 ? 181 GLU A C   1 
ATOM   1207 O O   . GLU A 1 181 ? 16.022  2.565   -4.586  1.00 25.34 ? 181 GLU A O   1 
ATOM   1208 C CB  . GLU A 1 181 ? 16.243  4.036   -7.277  1.00 32.81 ? 181 GLU A CB  1 
ATOM   1209 C CG  . GLU A 1 181 ? 16.615  5.350   -7.904  1.00 36.29 ? 181 GLU A CG  1 
ATOM   1210 C CD  . GLU A 1 181 ? 16.920  5.202   -9.362  1.00 40.97 ? 181 GLU A CD  1 
ATOM   1211 O OE1 . GLU A 1 181 ? 17.979  4.637   -9.677  1.00 38.79 ? 181 GLU A OE1 1 
ATOM   1212 O OE2 . GLU A 1 181 ? 16.100  5.671   -10.184 1.00 50.06 ? 181 GLU A OE2 1 
ATOM   1213 N N   . PHE A 1 182 ? 14.094  2.154   -5.733  1.00 25.34 ? 182 PHE A N   1 
ATOM   1214 C CA  . PHE A 1 182 ? 13.906  0.906   -5.120  1.00 23.14 ? 182 PHE A CA  1 
ATOM   1215 C C   . PHE A 1 182 ? 14.954  -0.094  -5.619  1.00 23.90 ? 182 PHE A C   1 
ATOM   1216 O O   . PHE A 1 182 ? 15.267  -0.201  -6.830  1.00 26.91 ? 182 PHE A O   1 
ATOM   1217 C CB  . PHE A 1 182 ? 12.491  0.383   -5.249  1.00 21.93 ? 182 PHE A CB  1 
ATOM   1218 C CG  . PHE A 1 182 ? 11.453  1.301   -4.661  1.00 24.65 ? 182 PHE A CG  1 
ATOM   1219 C CD1 . PHE A 1 182 ? 11.154  1.270   -3.292  1.00 23.14 ? 182 PHE A CD1 1 
ATOM   1220 C CD2 . PHE A 1 182 ? 10.811  2.234   -5.455  1.00 23.12 ? 182 PHE A CD2 1 
ATOM   1221 C CE1 . PHE A 1 182 ? 10.194  2.104   -2.749  1.00 24.42 ? 182 PHE A CE1 1 
ATOM   1222 C CE2 . PHE A 1 182 ? 9.848   3.080   -4.911  1.00 24.60 ? 182 PHE A CE2 1 
ATOM   1223 C CZ  . PHE A 1 182 ? 9.519   3.001   -3.545  1.00 25.20 ? 182 PHE A CZ  1 
ATOM   1224 N N   . GLU A 1 183 ? 15.453  -0.856  -4.659  1.00 23.56 ? 183 GLU A N   1 
ATOM   1225 C CA  . GLU A 1 183 ? 16.394  -1.929  -4.894  1.00 26.76 ? 183 GLU A CA  1 
ATOM   1226 C C   . GLU A 1 183 ? 15.708  -3.285  -4.910  1.00 24.67 ? 183 GLU A C   1 
ATOM   1227 O O   . GLU A 1 183 ? 15.095  -3.681  -3.911  1.00 24.57 ? 183 GLU A O   1 
ATOM   1228 C CB  . GLU A 1 183 ? 17.448  -1.892  -3.815  1.00 28.67 ? 183 GLU A CB  1 
ATOM   1229 C CG  . GLU A 1 183 ? 18.661  -2.765  -4.120  1.00 38.47 ? 183 GLU A CG  1 
ATOM   1230 C CD  . GLU A 1 183 ? 19.949  -1.972  -4.318  1.00 48.15 ? 183 GLU A CD  1 
ATOM   1231 O OE1 . GLU A 1 183 ? 19.961  -0.744  -4.024  1.00 51.84 ? 183 GLU A OE1 1 
ATOM   1232 O OE2 . GLU A 1 183 ? 20.940  -2.589  -4.779  1.00 55.37 ? 183 GLU A OE2 1 
ATOM   1233 N N   . TYR A 1 184 ? 15.804  -3.978  -6.053  1.00 23.12 ? 184 TYR A N   1 
ATOM   1234 C CA  . TYR A 1 184 ? 15.263  -5.341  -6.225  1.00 23.89 ? 184 TYR A CA  1 
ATOM   1235 C C   . TYR A 1 184 ? 15.646  -6.283  -5.100  1.00 24.20 ? 184 TYR A C   1 
ATOM   1236 O O   . TYR A 1 184 ? 14.783  -6.944  -4.494  1.00 21.57 ? 184 TYR A O   1 
ATOM   1237 C CB  . TYR A 1 184 ? 15.724  -5.960  -7.568  1.00 23.72 ? 184 TYR A CB  1 
ATOM   1238 C CG  . TYR A 1 184 ? 15.042  -7.264  -7.832  1.00 23.44 ? 184 TYR A CG  1 
ATOM   1239 C CD1 . TYR A 1 184 ? 15.596  -8.446  -7.383  1.00 23.88 ? 184 TYR A CD1 1 
ATOM   1240 C CD2 . TYR A 1 184 ? 13.784  -7.308  -8.437  1.00 25.39 ? 184 TYR A CD2 1 
ATOM   1241 C CE1 . TYR A 1 184 ? 14.938  -9.642  -7.542  1.00 24.59 ? 184 TYR A CE1 1 
ATOM   1242 C CE2 . TYR A 1 184 ? 13.113  -8.507  -8.642  1.00 25.01 ? 184 TYR A CE2 1 
ATOM   1243 C CZ  . TYR A 1 184 ? 13.709  -9.679  -8.188  1.00 26.36 ? 184 TYR A CZ  1 
ATOM   1244 O OH  . TYR A 1 184 ? 13.077  -10.892 -8.334  1.00 29.24 ? 184 TYR A OH  1 
ATOM   1245 N N   . GLU A 1 185 ? 16.943  -6.314  -4.819  1.00 23.67 ? 185 GLU A N   1 
ATOM   1246 C CA  . GLU A 1 185 ? 17.521  -7.243  -3.854  1.00 27.43 ? 185 GLU A CA  1 
ATOM   1247 C C   . GLU A 1 185 ? 17.016  -6.998  -2.433  1.00 24.26 ? 185 GLU A C   1 
ATOM   1248 O O   . GLU A 1 185 ? 16.788  -7.923  -1.653  1.00 20.66 ? 185 GLU A O   1 
ATOM   1249 C CB  . GLU A 1 185 ? 19.035  -7.100  -3.832  1.00 33.55 ? 185 GLU A CB  1 
ATOM   1250 C CG  . GLU A 1 185 ? 19.743  -7.423  -5.147  1.00 41.34 ? 185 GLU A CG  1 
ATOM   1251 C CD  . GLU A 1 185 ? 19.590  -6.348  -6.221  1.00 47.16 ? 185 GLU A CD  1 
ATOM   1252 O OE1 . GLU A 1 185 ? 19.313  -5.164  -5.912  1.00 43.01 ? 185 GLU A OE1 1 
ATOM   1253 O OE2 . GLU A 1 185 ? 19.700  -6.710  -7.405  1.00 50.68 ? 185 GLU A OE2 1 
ATOM   1254 N N   . ILE A 1 186 ? 16.835  -5.734  -2.085  1.00 24.07 ? 186 ILE A N   1 
ATOM   1255 C CA  . ILE A 1 186 ? 16.252  -5.422  -0.765  1.00 24.53 ? 186 ILE A CA  1 
ATOM   1256 C C   . ILE A 1 186 ? 14.833  -5.932  -0.663  1.00 23.51 ? 186 ILE A C   1 
ATOM   1257 O O   . ILE A 1 186 ? 14.441  -6.570  0.336   1.00 26.90 ? 186 ILE A O   1 
ATOM   1258 C CB  . ILE A 1 186 ? 16.358  -3.933  -0.450  1.00 24.02 ? 186 ILE A CB  1 
ATOM   1259 C CG1 . ILE A 1 186 ? 17.809  -3.587  -0.242  1.00 23.83 ? 186 ILE A CG1 1 
ATOM   1260 C CG2 . ILE A 1 186 ? 15.616  -3.595  0.800   1.00 24.39 ? 186 ILE A CG2 1 
ATOM   1261 C CD1 . ILE A 1 186 ? 18.062  -2.110  -0.087  1.00 27.55 ? 186 ILE A CD1 1 
ATOM   1262 N N   . LEU A 1 187 ? 14.072  -5.705  -1.717  1.00 23.61 ? 187 LEU A N   1 
ATOM   1263 C CA  . LEU A 1 187 ? 12.698  -6.154  -1.726  1.00 23.04 ? 187 LEU A CA  1 
ATOM   1264 C C   . LEU A 1 187 ? 12.664  -7.659  -1.822  1.00 22.75 ? 187 LEU A C   1 
ATOM   1265 O O   . LEU A 1 187 ? 11.917  -8.262  -1.100  1.00 23.15 ? 187 LEU A O   1 
ATOM   1266 C CB  . LEU A 1 187 ? 11.921  -5.515  -2.877  1.00 23.75 ? 187 LEU A CB  1 
ATOM   1267 C CG  . LEU A 1 187 ? 11.872  -3.977  -2.851  1.00 23.06 ? 187 LEU A CG  1 
ATOM   1268 C CD1 . LEU A 1 187 ? 10.995  -3.525  -3.986  1.00 24.98 ? 187 LEU A CD1 1 
ATOM   1269 C CD2 . LEU A 1 187 ? 11.333  -3.430  -1.534  1.00 24.66 ? 187 LEU A CD2 1 
ATOM   1270 N N   . ALA A 1 188 ? 13.471  -8.277  -2.682  1.00 22.55 ? 188 ALA A N   1 
ATOM   1271 C CA  . ALA A 1 188 ? 13.534  -9.772  -2.761  1.00 23.29 ? 188 ALA A CA  1 
ATOM   1272 C C   . ALA A 1 188 ? 13.841  -10.431 -1.424  1.00 21.79 ? 188 ALA A C   1 
ATOM   1273 O O   . ALA A 1 188 ? 13.150  -11.365 -1.023  1.00 22.40 ? 188 ALA A O   1 
ATOM   1274 C CB  . ALA A 1 188 ? 14.566  -10.218 -3.795  1.00 23.20 ? 188 ALA A CB  1 
ATOM   1275 N N   . LYS A 1 189 ? 14.880  -9.936  -0.736  1.00 23.00 ? 189 LYS A N   1 
ATOM   1276 C CA  . LYS A 1 189 ? 15.272  -10.497 0.576   1.00 23.55 ? 189 LYS A CA  1 
ATOM   1277 C C   . LYS A 1 189 ? 14.095  -10.530 1.600   1.00 23.73 ? 189 LYS A C   1 
ATOM   1278 O O   . LYS A 1 189 ? 13.789  -11.569 2.179   1.00 25.39 ? 189 LYS A O   1 
ATOM   1279 C CB  . LYS A 1 189 ? 16.442  -9.690  1.115   1.00 25.07 ? 189 LYS A CB  1 
ATOM   1280 C CG  . LYS A 1 189 ? 16.926  -10.084 2.489   1.00 24.55 ? 189 LYS A CG  1 
ATOM   1281 C CD  . LYS A 1 189 ? 18.199  -9.309  2.811   1.00 27.47 ? 189 LYS A CD  1 
ATOM   1282 C CE  . LYS A 1 189 ? 18.733  -9.681  4.216   1.00 28.11 ? 189 LYS A CE  1 
ATOM   1283 N NZ  . LYS A 1 189 ? 17.750  -9.462  5.331   1.00 24.70 ? 189 LYS A NZ  1 
ATOM   1284 N N   . ARG A 1 190 ? 13.394  -9.412  1.762   1.00 24.54 ? 190 ARG A N   1 
ATOM   1285 C CA  . ARG A 1 190 ? 12.273  -9.312  2.771   1.00 25.02 ? 190 ARG A CA  1 
ATOM   1286 C C   . ARG A 1 190 ? 11.038  -10.103 2.382   1.00 24.73 ? 190 ARG A C   1 
ATOM   1287 O O   . ARG A 1 190 ? 10.406  -10.759 3.225   1.00 23.88 ? 190 ARG A O   1 
ATOM   1288 C CB  . ARG A 1 190 ? 11.911  -7.842  3.046   1.00 25.39 ? 190 ARG A CB  1 
ATOM   1289 C CG  . ARG A 1 190 ? 10.858  -7.612  4.129   1.00 26.81 ? 190 ARG A CG  1 
ATOM   1290 C CD  . ARG A 1 190 ? 11.273  -8.267  5.431   1.00 28.64 ? 190 ARG A CD  1 
ATOM   1291 N NE  . ARG A 1 190 ? 10.309  -8.053  6.519   1.00 27.47 ? 190 ARG A NE  1 
ATOM   1292 C CZ  . ARG A 1 190 ? 10.259  -8.768  7.650   1.00 30.85 ? 190 ARG A CZ  1 
ATOM   1293 N NH1 . ARG A 1 190 ? 11.084  -9.792  7.860   1.00 30.97 ? 190 ARG A NH1 1 
ATOM   1294 N NH2 . ARG A 1 190 ? 9.337   -8.484  8.577   1.00 29.04 ? 190 ARG A NH2 1 
ATOM   1295 N N   . LEU A 1 191 ? 10.707  -10.051 1.088   1.00 23.37 ? 191 LEU A N   1 
ATOM   1296 C CA  . LEU A 1 191 ? 9.610   -10.828 0.577   1.00 24.94 ? 191 LEU A CA  1 
ATOM   1297 C C   . LEU A 1 191 ? 9.822   -12.331 0.762   1.00 24.05 ? 191 LEU A C   1 
ATOM   1298 O O   . LEU A 1 191 ? 8.869   -13.047 1.133   1.00 22.97 ? 191 LEU A O   1 
ATOM   1299 C CB  . LEU A 1 191 ? 9.274   -10.456 -0.909  1.00 24.25 ? 191 LEU A CB  1 
ATOM   1300 C CG  . LEU A 1 191 ? 8.838   -9.010  -1.155  1.00 23.68 ? 191 LEU A CG  1 
ATOM   1301 C CD1 . LEU A 1 191 ? 8.677   -8.704  -2.634  1.00 24.24 ? 191 LEU A CD1 1 
ATOM   1302 C CD2 . LEU A 1 191 ? 7.631   -8.615  -0.321  1.00 23.72 ? 191 LEU A CD2 1 
ATOM   1303 N N   . ARG A 1 192 ? 11.055  -12.778 0.560   1.00 26.45 ? 192 ARG A N   1 
ATOM   1304 C CA  . ARG A 1 192 ? 11.466  -14.195 0.794   1.00 28.47 ? 192 ARG A CA  1 
ATOM   1305 C C   . ARG A 1 192 ? 11.312  -14.569 2.261   1.00 29.42 ? 192 ARG A C   1 
ATOM   1306 O O   . ARG A 1 192 ? 10.766  -15.627 2.601   1.00 27.15 ? 192 ARG A O   1 
ATOM   1307 C CB  . ARG A 1 192 ? 12.924  -14.432 0.361   1.00 28.30 ? 192 ARG A CB  1 
ATOM   1308 C CG  . ARG A 1 192 ? 13.260  -15.907 0.157   1.00 32.04 ? 192 ARG A CG  1 
ATOM   1309 C CD  . ARG A 1 192 ? 14.705  -16.120 -0.308  1.00 33.11 ? 192 ARG A CD  1 
ATOM   1310 N NE  . ARG A 1 192 ? 15.022  -15.607 -1.672  1.00 32.20 ? 192 ARG A NE  1 
ATOM   1311 C CZ  . ARG A 1 192 ? 15.690  -14.478 -1.940  1.00 33.83 ? 192 ARG A CZ  1 
ATOM   1312 N NH1 . ARG A 1 192 ? 16.120  -13.685 -0.984  1.00 33.78 ? 192 ARG A NH1 1 
ATOM   1313 N NH2 . ARG A 1 192 ? 15.969  -14.133 -3.188  1.00 34.68 ? 192 ARG A NH2 1 
ATOM   1314 N N   . GLU A 1 193 ? 11.786  -13.668 3.124   1.00 29.48 ? 193 GLU A N   1 
ATOM   1315 C CA  . GLU A 1 193 ? 11.609  -13.811 4.569   1.00 25.74 ? 193 GLU A CA  1 
ATOM   1316 C C   . GLU A 1 193 ? 10.138  -13.876 5.005   1.00 26.69 ? 193 GLU A C   1 
ATOM   1317 O O   . GLU A 1 193 ? 9.775   -14.705 5.842   1.00 24.69 ? 193 GLU A O   1 
ATOM   1318 C CB  . GLU A 1 193 ? 12.328  -12.670 5.305   1.00 24.79 ? 193 GLU A CB  1 
ATOM   1319 C CG  . GLU A 1 193 ? 13.864  -12.736 5.255   1.00 23.67 ? 193 GLU A CG  1 
ATOM   1320 C CD  . GLU A 1 193 ? 14.533  -11.418 5.586   1.00 23.54 ? 193 GLU A CD  1 
ATOM   1321 O OE1 . GLU A 1 193 ? 15.764  -11.393 5.757   1.00 24.92 ? 193 GLU A OE1 1 
ATOM   1322 O OE2 . GLU A 1 193 ? 13.851  -10.390 5.761   1.00 27.25 ? 193 GLU A OE2 1 
ATOM   1323 N N   . LEU A 1 194 ? 9.314   -13.011 4.424   1.00 24.46 ? 194 LEU A N   1 
ATOM   1324 C CA  . LEU A 1 194 ? 7.898   -12.940 4.785   1.00 27.62 ? 194 LEU A CA  1 
ATOM   1325 C C   . LEU A 1 194 ? 7.096   -14.167 4.381   1.00 26.94 ? 194 LEU A C   1 
ATOM   1326 O O   . LEU A 1 194 ? 6.229   -14.619 5.132   1.00 25.40 ? 194 LEU A O   1 
ATOM   1327 C CB  . LEU A 1 194 ? 7.235   -11.687 4.173   1.00 27.15 ? 194 LEU A CB  1 
ATOM   1328 C CG  . LEU A 1 194 ? 7.597   -10.377 4.865   1.00 25.91 ? 194 LEU A CG  1 
ATOM   1329 C CD1 . LEU A 1 194 ? 7.126   -9.170  4.048   1.00 26.27 ? 194 LEU A CD1 1 
ATOM   1330 C CD2 . LEU A 1 194 ? 6.993   -10.321 6.256   1.00 23.85 ? 194 LEU A CD2 1 
ATOM   1331 N N   . SER A 1 195 ? 7.407   -14.713 3.218   1.00 27.81 ? 195 SER A N   1 
ATOM   1332 C CA  . SER A 1 195 ? 6.772   -15.960 2.772   1.00 31.71 ? 195 SER A CA  1 
ATOM   1333 C C   . SER A 1 195 ? 7.223   -17.131 3.632   1.00 32.19 ? 195 SER A C   1 
ATOM   1334 O O   . SER A 1 195 ? 6.464   -18.075 3.890   1.00 32.78 ? 195 SER A O   1 
ATOM   1335 C CB  . SER A 1 195 ? 7.079   -16.233 1.291   1.00 32.87 ? 195 SER A CB  1 
ATOM   1336 O OG  . SER A 1 195 ? 8.427   -16.594 1.086   1.00 33.78 ? 195 SER A OG  1 
ATOM   1337 N N   . PHE A 1 196 ? 8.470   -17.046 4.067   1.00 33.06 ? 196 PHE A N   1 
ATOM   1338 C CA  . PHE A 1 196 ? 9.044   -18.012 4.997   1.00 35.69 ? 196 PHE A CA  1 
ATOM   1339 C C   . PHE A 1 196 ? 8.318   -17.982 6.351   1.00 34.03 ? 196 PHE A C   1 
ATOM   1340 O O   . PHE A 1 196 ? 7.901   -19.003 6.859   1.00 38.52 ? 196 PHE A O   1 
ATOM   1341 C CB  . PHE A 1 196 ? 10.532  -17.705 5.135   1.00 37.51 ? 196 PHE A CB  1 
ATOM   1342 C CG  . PHE A 1 196 ? 11.267  -18.611 6.058   1.00 44.77 ? 196 PHE A CG  1 
ATOM   1343 C CD1 . PHE A 1 196 ? 11.697  -19.863 5.627   1.00 48.33 ? 196 PHE A CD1 1 
ATOM   1344 C CD2 . PHE A 1 196 ? 11.597  -18.204 7.352   1.00 48.86 ? 196 PHE A CD2 1 
ATOM   1345 C CE1 . PHE A 1 196 ? 12.421  -20.702 6.472   1.00 48.01 ? 196 PHE A CE1 1 
ATOM   1346 C CE2 . PHE A 1 196 ? 12.325  -19.031 8.194   1.00 50.45 ? 196 PHE A CE2 1 
ATOM   1347 C CZ  . PHE A 1 196 ? 12.737  -20.285 7.754   1.00 51.94 ? 196 PHE A CZ  1 
ATOM   1348 N N   . LEU A 1 197 ? 8.118   -16.790 6.882   1.00 31.79 ? 197 LEU A N   1 
ATOM   1349 C CA  . LEU A 1 197 ? 7.493   -16.604 8.171   1.00 32.40 ? 197 LEU A CA  1 
ATOM   1350 C C   . LEU A 1 197 ? 6.023   -16.822 8.146   1.00 35.12 ? 197 LEU A C   1 
ATOM   1351 O O   . LEU A 1 197 ? 5.442   -17.086 9.183   1.00 38.11 ? 197 LEU A O   1 
ATOM   1352 C CB  . LEU A 1 197 ? 7.743   -15.185 8.703   1.00 30.90 ? 197 LEU A CB  1 
ATOM   1353 C CG  . LEU A 1 197 ? 9.024   -14.905 9.463   1.00 30.01 ? 197 LEU A CG  1 
ATOM   1354 C CD1 . LEU A 1 197 ? 9.230   -13.431 9.829   1.00 29.55 ? 197 LEU A CD1 1 
ATOM   1355 C CD2 . LEU A 1 197 ? 9.056   -15.747 10.732  1.00 30.84 ? 197 LEU A CD2 1 
ATOM   1356 N N   . ASN A 1 198 ? 5.414   -16.661 6.978   1.00 38.37 ? 198 ASN A N   1 
ATOM   1357 C CA  . ASN A 1 198 ? 3.977   -16.767 6.804   1.00 38.01 ? 198 ASN A CA  1 
ATOM   1358 C C   . ASN A 1 198 ? 3.749   -17.895 5.817   1.00 41.99 ? 198 ASN A C   1 
ATOM   1359 O O   . ASN A 1 198 ? 3.157   -17.696 4.739   1.00 37.90 ? 198 ASN A O   1 
ATOM   1360 C CB  . ASN A 1 198 ? 3.421   -15.433 6.273   1.00 38.04 ? 198 ASN A CB  1 
ATOM   1361 C CG  . ASN A 1 198 ? 3.549   -14.303 7.280   1.00 34.32 ? 198 ASN A CG  1 
ATOM   1362 O OD1 . ASN A 1 198 ? 2.757   -14.217 8.190   1.00 32.15 ? 198 ASN A OD1 1 
ATOM   1363 N ND2 . ASN A 1 198 ? 4.547   -13.441 7.117   1.00 34.17 ? 198 ASN A ND2 1 
ATOM   1364 N N   . SER A 1 199 ? 4.246   -19.076 6.185   1.00 41.54 ? 199 SER A N   1 
ATOM   1365 C CA  . SER A 1 199 ? 4.195   -20.256 5.336   1.00 42.00 ? 199 SER A CA  1 
ATOM   1366 C C   . SER A 1 199 ? 2.826   -20.422 4.696   1.00 39.85 ? 199 SER A C   1 
ATOM   1367 O O   . SER A 1 199 ? 1.814   -20.322 5.367   1.00 35.79 ? 199 SER A O   1 
ATOM   1368 C CB  . SER A 1 199 ? 4.532   -21.522 6.131   1.00 45.86 ? 199 SER A CB  1 
ATOM   1369 O OG  . SER A 1 199 ? 4.623   -22.659 5.255   1.00 50.10 ? 199 SER A OG  1 
ATOM   1370 N N   . GLY A 1 200 ? 2.809   -20.661 3.385   1.00 35.98 ? 200 GLY A N   1 
ATOM   1371 C CA  . GLY A 1 200 ? 1.584   -20.751 2.632   1.00 34.72 ? 200 GLY A CA  1 
ATOM   1372 C C   . GLY A 1 200 ? 1.329   -19.548 1.757   1.00 35.82 ? 200 GLY A C   1 
ATOM   1373 O O   . GLY A 1 200 ? 0.695   -19.707 0.736   1.00 37.42 ? 200 GLY A O   1 
ATOM   1374 N N   . VAL A 1 201 ? 1.790   -18.345 2.137   1.00 38.87 ? 201 VAL A N   1 
ATOM   1375 C CA  . VAL A 1 201 ? 1.551   -17.156 1.300   1.00 32.48 ? 201 VAL A CA  1 
ATOM   1376 C C   . VAL A 1 201 ? 2.508   -17.202 0.102   1.00 33.11 ? 201 VAL A C   1 
ATOM   1377 O O   . VAL A 1 201 ? 3.696   -17.545 0.224   1.00 32.32 ? 201 VAL A O   1 
ATOM   1378 C CB  . VAL A 1 201 ? 1.644   -15.803 2.052   1.00 34.83 ? 201 VAL A CB  1 
ATOM   1379 C CG1 . VAL A 1 201 ? 0.792   -15.813 3.310   1.00 35.27 ? 201 VAL A CG1 1 
ATOM   1380 C CG2 . VAL A 1 201 ? 3.073   -15.413 2.383   1.00 37.06 ? 201 VAL A CG2 1 
ATOM   1381 N N   . SER A 1 202 ? 1.937   -16.905 -1.059  1.00 27.01 ? 202 SER A N   1 
ATOM   1382 C CA  . SER A 1 202 ? 2.626   -16.946 -2.311  1.00 26.72 ? 202 SER A CA  1 
ATOM   1383 C C   . SER A 1 202 ? 2.771   -15.500 -2.752  1.00 25.86 ? 202 SER A C   1 
ATOM   1384 O O   . SER A 1 202 ? 1.777   -14.796 -2.914  1.00 28.89 ? 202 SER A O   1 
ATOM   1385 C CB  . SER A 1 202 ? 1.785   -17.701 -3.338  1.00 25.24 ? 202 SER A CB  1 
ATOM   1386 O OG  . SER A 1 202 ? 2.411   -17.658 -4.591  1.00 23.28 ? 202 SER A OG  1 
ATOM   1387 N N   . ILE A 1 203 ? 4.003   -15.088 -2.972  1.00 23.55 ? 203 ILE A N   1 
ATOM   1388 C CA  . ILE A 1 203 ? 4.350   -13.727 -3.289  1.00 23.99 ? 203 ILE A CA  1 
ATOM   1389 C C   . ILE A 1 203 ? 5.210   -13.709 -4.551  1.00 25.52 ? 203 ILE A C   1 
ATOM   1390 O O   . ILE A 1 203 ? 6.245   -14.427 -4.631  1.00 25.66 ? 203 ILE A O   1 
ATOM   1391 C CB  . ILE A 1 203 ? 5.158   -13.054 -2.142  1.00 22.59 ? 203 ILE A CB  1 
ATOM   1392 C CG1 . ILE A 1 203 ? 4.364   -13.047 -0.841  1.00 23.47 ? 203 ILE A CG1 1 
ATOM   1393 C CG2 . ILE A 1 203 ? 5.527   -11.616 -2.517  1.00 23.55 ? 203 ILE A CG2 1 
ATOM   1394 C CD1 . ILE A 1 203 ? 5.133   -12.552 0.394   1.00 23.20 ? 203 ILE A CD1 1 
ATOM   1395 N N   . ARG A 1 204 ? 4.800   -12.875 -5.512  1.00 21.16 ? 204 ARG A N   1 
ATOM   1396 C CA  . ARG A 1 204 ? 5.540   -12.661 -6.741  1.00 20.28 ? 204 ARG A CA  1 
ATOM   1397 C C   . ARG A 1 204 ? 6.157   -11.273 -6.641  1.00 20.42 ? 204 ARG A C   1 
ATOM   1398 O O   . ARG A 1 204 ? 5.518   -10.346 -6.136  1.00 19.53 ? 204 ARG A O   1 
ATOM   1399 C CB  . ARG A 1 204 ? 4.561   -12.749 -7.937  1.00 21.78 ? 204 ARG A CB  1 
ATOM   1400 C CG  . ARG A 1 204 ? 5.070   -12.330 -9.314  1.00 21.48 ? 204 ARG A CG  1 
ATOM   1401 C CD  . ARG A 1 204 ? 5.746   -13.478 -10.025 1.00 22.13 ? 204 ARG A CD  1 
ATOM   1402 N NE  . ARG A 1 204 ? 4.805   -14.543 -10.307 1.00 22.75 ? 204 ARG A NE  1 
ATOM   1403 C CZ  . ARG A 1 204 ? 5.149   -15.721 -10.790 1.00 25.12 ? 204 ARG A CZ  1 
ATOM   1404 N NH1 . ARG A 1 204 ? 4.227   -16.664 -11.027 1.00 25.33 ? 204 ARG A NH1 1 
ATOM   1405 N NH2 . ARG A 1 204 ? 6.421   -15.953 -11.057 1.00 28.09 ? 204 ARG A NH2 1 
ATOM   1406 N N   . LEU A 1 205 ? 7.385   -11.139 -7.137  1.00 19.34 ? 205 LEU A N   1 
ATOM   1407 C CA  . LEU A 1 205 ? 8.070   -9.897  -7.254  1.00 19.02 ? 205 LEU A CA  1 
ATOM   1408 C C   . LEU A 1 205 ? 8.486   -9.774  -8.707  1.00 19.71 ? 205 LEU A C   1 
ATOM   1409 O O   . LEU A 1 205 ? 9.037   -10.705 -9.253  1.00 22.76 ? 205 LEU A O   1 
ATOM   1410 C CB  . LEU A 1 205 ? 9.273   -9.895  -6.302  1.00 20.22 ? 205 LEU A CB  1 
ATOM   1411 C CG  . LEU A 1 205 ? 10.289  -8.772  -6.424  1.00 20.26 ? 205 LEU A CG  1 
ATOM   1412 C CD1 . LEU A 1 205 ? 9.716   -7.404  -6.140  1.00 20.05 ? 205 LEU A CD1 1 
ATOM   1413 C CD2 . LEU A 1 205 ? 11.478  -9.041  -5.502  1.00 20.91 ? 205 LEU A CD2 1 
ATOM   1414 N N   . ARG A 1 206 ? 8.173   -8.648  -9.344  1.00 20.51 ? 206 ARG A N   1 
ATOM   1415 C CA  . ARG A 1 206 ? 8.531   -8.399  -10.727 1.00 20.89 ? 206 ARG A CA  1 
ATOM   1416 C C   . ARG A 1 206 ? 9.132   -7.014  -10.828 1.00 21.14 ? 206 ARG A C   1 
ATOM   1417 O O   . ARG A 1 206 ? 8.581   -6.042  -10.294 1.00 22.53 ? 206 ARG A O   1 
ATOM   1418 C CB  . ARG A 1 206 ? 7.301   -8.574  -11.654 1.00 22.81 ? 206 ARG A CB  1 
ATOM   1419 C CG  . ARG A 1 206 ? 7.630   -8.735  -13.144 1.00 24.30 ? 206 ARG A CG  1 
ATOM   1420 C CD  . ARG A 1 206 ? 6.458   -9.160  -14.047 1.00 25.61 ? 206 ARG A CD  1 
ATOM   1421 N NE  . ARG A 1 206 ? 5.925   -10.536 -13.836 1.00 25.54 ? 206 ARG A NE  1 
ATOM   1422 C CZ  . ARG A 1 206 ? 4.817   -10.906 -13.147 1.00 25.83 ? 206 ARG A CZ  1 
ATOM   1423 N NH1 . ARG A 1 206 ? 4.492   -12.205 -13.092 1.00 27.27 ? 206 ARG A NH1 1 
ATOM   1424 N NH2 . ARG A 1 206 ? 4.012   -10.040 -12.526 1.00 23.91 ? 206 ARG A NH2 1 
ATOM   1425 N N   . ASP A 1 207 ? 10.282  -6.929  -11.495 1.00 21.65 ? 207 ASP A N   1 
ATOM   1426 C CA  . ASP A 1 207 ? 10.918  -5.682  -11.854 1.00 22.61 ? 207 ASP A CA  1 
ATOM   1427 C C   . ASP A 1 207 ? 10.667  -5.285  -13.315 1.00 22.44 ? 207 ASP A C   1 
ATOM   1428 O O   . ASP A 1 207 ? 11.162  -5.913  -14.243 1.00 19.33 ? 207 ASP A O   1 
ATOM   1429 C CB  . ASP A 1 207 ? 12.429  -5.807  -11.641 1.00 23.74 ? 207 ASP A CB  1 
ATOM   1430 C CG  . ASP A 1 207 ? 13.103  -4.466  -11.508 1.00 22.74 ? 207 ASP A CG  1 
ATOM   1431 O OD1 . ASP A 1 207 ? 12.669  -3.516  -12.143 1.00 23.09 ? 207 ASP A OD1 1 
ATOM   1432 O OD2 . ASP A 1 207 ? 14.082  -4.353  -10.767 1.00 27.11 ? 207 ASP A OD2 1 
ATOM   1433 N N   . LYS A 1 208 ? 9.929   -4.202  -13.501 1.00 25.68 ? 208 LYS A N   1 
ATOM   1434 C CA  . LYS A 1 208 ? 9.607   -3.681  -14.841 1.00 25.43 ? 208 LYS A CA  1 
ATOM   1435 C C   . LYS A 1 208 ? 10.776  -2.972  -15.501 1.00 25.80 ? 208 LYS A C   1 
ATOM   1436 O O   . LYS A 1 208 ? 10.800  -2.860  -16.696 1.00 22.71 ? 208 LYS A O   1 
ATOM   1437 C CB  . LYS A 1 208 ? 8.372   -2.782  -14.845 1.00 27.31 ? 208 LYS A CB  1 
ATOM   1438 C CG  . LYS A 1 208 ? 7.109   -3.431  -14.246 1.00 29.06 ? 208 LYS A CG  1 
ATOM   1439 C CD  . LYS A 1 208 ? 6.711   -4.729  -14.877 1.00 28.44 ? 208 LYS A CD  1 
ATOM   1440 C CE  . LYS A 1 208 ? 6.578   -4.513  -16.374 1.00 32.30 ? 208 LYS A CE  1 
ATOM   1441 N NZ  . LYS A 1 208 ? 5.874   -5.636  -17.016 1.00 33.87 ? 208 LYS A NZ  1 
ATOM   1442 N N   . ARG A 1 209 ? 11.762  -2.552  -14.721 1.00 26.66 ? 209 ARG A N   1 
ATOM   1443 C CA  . ARG A 1 209 ? 12.949  -1.945  -15.291 1.00 27.70 ? 209 ARG A CA  1 
ATOM   1444 C C   . ARG A 1 209 ? 13.790  -2.911  -16.099 1.00 28.12 ? 209 ARG A C   1 
ATOM   1445 O O   . ARG A 1 209 ? 14.297  -2.516  -17.131 1.00 29.68 ? 209 ARG A O   1 
ATOM   1446 C CB  . ARG A 1 209 ? 13.815  -1.356  -14.205 1.00 26.71 ? 209 ARG A CB  1 
ATOM   1447 C CG  . ARG A 1 209 ? 13.141  -0.168  -13.567 1.00 27.16 ? 209 ARG A CG  1 
ATOM   1448 C CD  . ARG A 1 209 ? 13.731  0.108   -12.200 1.00 27.22 ? 209 ARG A CD  1 
ATOM   1449 N NE  . ARG A 1 209 ? 13.885  -1.065  -11.353 1.00 27.29 ? 209 ARG A NE  1 
ATOM   1450 C CZ  . ARG A 1 209 ? 14.292  -0.997  -10.088 1.00 25.81 ? 209 ARG A CZ  1 
ATOM   1451 N NH1 . ARG A 1 209 ? 14.415  -2.099  -9.363  1.00 23.84 ? 209 ARG A NH1 1 
ATOM   1452 N NH2 . ARG A 1 209 ? 14.565  0.188   -9.537  1.00 26.54 ? 209 ARG A NH2 1 
ATOM   1453 N N   . ASP A 1 210 ? 13.965  -4.145  -15.618 1.00 25.81 ? 210 ASP A N   1 
ATOM   1454 C CA  . ASP A 1 210 ? 14.778  -5.120  -16.355 1.00 26.80 ? 210 ASP A CA  1 
ATOM   1455 C C   . ASP A 1 210 ? 14.102  -6.469  -16.659 1.00 25.43 ? 210 ASP A C   1 
ATOM   1456 O O   . ASP A 1 210 ? 14.728  -7.344  -17.228 1.00 29.24 ? 210 ASP A O   1 
ATOM   1457 C CB  . ASP A 1 210 ? 16.121  -5.324  -15.665 1.00 26.17 ? 210 ASP A CB  1 
ATOM   1458 C CG  . ASP A 1 210 ? 15.998  -5.980  -14.317 1.00 26.39 ? 210 ASP A CG  1 
ATOM   1459 O OD1 . ASP A 1 210 ? 14.903  -6.015  -13.754 1.00 23.59 ? 210 ASP A OD1 1 
ATOM   1460 O OD2 . ASP A 1 210 ? 17.024  -6.503  -13.834 1.00 28.88 ? 210 ASP A OD2 1 
ATOM   1461 N N   . GLY A 1 211 ? 12.848  -6.633  -16.294 1.00 21.70 ? 211 GLY A N   1 
ATOM   1462 C CA  . GLY A 1 211 ? 12.143  -7.879  -16.535 1.00 22.15 ? 211 GLY A CA  1 
ATOM   1463 C C   . GLY A 1 211 ? 12.439  -9.027  -15.588 1.00 22.70 ? 211 GLY A C   1 
ATOM   1464 O O   . GLY A 1 211 ? 11.973  -10.145 -15.795 1.00 23.42 ? 211 GLY A O   1 
ATOM   1465 N N   . LYS A 1 212 ? 13.187  -8.751  -14.529 1.00 25.71 ? 212 LYS A N   1 
ATOM   1466 C CA  . LYS A 1 212 ? 13.536  -9.762  -13.507 1.00 27.98 ? 212 LYS A CA  1 
ATOM   1467 C C   . LYS A 1 212 ? 12.323  -10.102 -12.639 1.00 25.97 ? 212 LYS A C   1 
ATOM   1468 O O   . LYS A 1 212 ? 11.529  -9.227  -12.335 1.00 25.53 ? 212 LYS A O   1 
ATOM   1469 C CB  . LYS A 1 212 ? 14.632  -9.169  -12.639 1.00 31.64 ? 212 LYS A CB  1 
ATOM   1470 C CG  . LYS A 1 212 ? 15.432  -10.170 -11.874 1.00 35.52 ? 212 LYS A CG  1 
ATOM   1471 C CD  . LYS A 1 212 ? 16.664  -9.495  -11.279 1.00 38.41 ? 212 LYS A CD  1 
ATOM   1472 C CE  . LYS A 1 212 ? 17.710  -10.531 -10.876 1.00 43.75 ? 212 LYS A CE  1 
ATOM   1473 N NZ  . LYS A 1 212 ? 17.153  -11.646 -10.058 1.00 48.91 ? 212 LYS A NZ  1 
ATOM   1474 N N   . GLU A 1 213 ? 12.151  -11.362 -12.258 1.00 23.85 ? 213 GLU A N   1 
ATOM   1475 C CA  . GLU A 1 213 ? 11.090  -11.692 -11.376 1.00 23.81 ? 213 GLU A CA  1 
ATOM   1476 C C   . GLU A 1 213 ? 11.423  -12.879 -10.519 1.00 24.10 ? 213 GLU A C   1 
ATOM   1477 O O   . GLU A 1 213 ? 12.317  -13.645 -10.828 1.00 22.96 ? 213 GLU A O   1 
ATOM   1478 C CB  . GLU A 1 213 ? 9.781   -11.928 -12.142 1.00 24.97 ? 213 GLU A CB  1 
ATOM   1479 C CG  . GLU A 1 213 ? 9.698   -13.218 -12.921 1.00 24.58 ? 213 GLU A CG  1 
ATOM   1480 C CD  . GLU A 1 213 ? 8.305   -13.468 -13.528 1.00 29.65 ? 213 GLU A CD  1 
ATOM   1481 O OE1 . GLU A 1 213 ? 7.876   -12.713 -14.438 1.00 26.79 ? 213 GLU A OE1 1 
ATOM   1482 O OE2 . GLU A 1 213 ? 7.631   -14.461 -13.101 1.00 30.01 ? 213 GLU A OE2 1 
ATOM   1483 N N   . ASP A 1 214 ? 10.632  -13.065 -9.481  1.00 24.21 ? 214 ASP A N   1 
ATOM   1484 C CA  . ASP A 1 214 ? 10.799  -14.193 -8.547  1.00 24.64 ? 214 ASP A CA  1 
ATOM   1485 C C   . ASP A 1 214 ? 9.447   -14.576 -7.987  1.00 22.22 ? 214 ASP A C   1 
ATOM   1486 O O   . ASP A 1 214 ? 8.523   -13.770 -8.055  1.00 22.00 ? 214 ASP A O   1 
ATOM   1487 C CB  . ASP A 1 214 ? 11.681  -13.749 -7.374  1.00 29.01 ? 214 ASP A CB  1 
ATOM   1488 C CG  . ASP A 1 214 ? 13.168  -14.005 -7.606  1.00 32.99 ? 214 ASP A CG  1 
ATOM   1489 O OD1 . ASP A 1 214 ? 13.557  -15.175 -7.459  1.00 30.35 ? 214 ASP A OD1 1 
ATOM   1490 O OD2 . ASP A 1 214 ? 13.934  -13.032 -7.839  1.00 32.71 ? 214 ASP A OD2 1 
ATOM   1491 N N   . HIS A 1 215 ? 9.368   -15.742 -7.363  1.00 20.46 ? 215 HIS A N   1 
ATOM   1492 C CA  . HIS A 1 215 ? 8.173   -16.241 -6.683  1.00 23.17 ? 215 HIS A CA  1 
ATOM   1493 C C   . HIS A 1 215 ? 8.575   -16.867 -5.354  1.00 22.24 ? 215 HIS A C   1 
ATOM   1494 O O   . HIS A 1 215 ? 9.311   -17.844 -5.307  1.00 24.02 ? 215 HIS A O   1 
ATOM   1495 C CB  . HIS A 1 215 ? 7.477   -17.318 -7.554  1.00 22.47 ? 215 HIS A CB  1 
ATOM   1496 C CG  . HIS A 1 215 ? 6.292   -17.980 -6.923  1.00 22.88 ? 215 HIS A CG  1 
ATOM   1497 N ND1 . HIS A 1 215 ? 5.944   -19.283 -7.204  1.00 25.49 ? 215 HIS A ND1 1 
ATOM   1498 C CD2 . HIS A 1 215 ? 5.371   -17.528 -6.035  1.00 24.93 ? 215 HIS A CD2 1 
ATOM   1499 C CE1 . HIS A 1 215 ? 4.856   -19.598 -6.523  1.00 26.59 ? 215 HIS A CE1 1 
ATOM   1500 N NE2 . HIS A 1 215 ? 4.499   -18.555 -5.792  1.00 26.79 ? 215 HIS A NE2 1 
ATOM   1501 N N   . PHE A 1 216 ? 8.019   -16.377 -4.277  1.00 23.05 ? 216 PHE A N   1 
ATOM   1502 C CA  . PHE A 1 216 ? 8.419   -16.840 -2.971  1.00 24.52 ? 216 PHE A CA  1 
ATOM   1503 C C   . PHE A 1 216 ? 7.180   -17.501 -2.337  1.00 27.14 ? 216 PHE A C   1 
ATOM   1504 O O   . PHE A 1 216 ? 6.085   -16.884 -2.248  1.00 25.47 ? 216 PHE A O   1 
ATOM   1505 C CB  . PHE A 1 216 ? 8.979   -15.665 -2.131  1.00 25.09 ? 216 PHE A CB  1 
ATOM   1506 C CG  . PHE A 1 216 ? 10.065  -14.845 -2.835  1.00 27.15 ? 216 PHE A CG  1 
ATOM   1507 C CD1 . PHE A 1 216 ? 11.318  -15.385 -3.096  1.00 26.76 ? 216 PHE A CD1 1 
ATOM   1508 C CD2 . PHE A 1 216 ? 9.839   -13.533 -3.205  1.00 27.77 ? 216 PHE A CD2 1 
ATOM   1509 C CE1 . PHE A 1 216 ? 12.314  -14.629 -3.717  1.00 28.04 ? 216 PHE A CE1 1 
ATOM   1510 C CE2 . PHE A 1 216 ? 10.833  -12.784 -3.815  1.00 27.90 ? 216 PHE A CE2 1 
ATOM   1511 C CZ  . PHE A 1 216 ? 12.073  -13.333 -4.062  1.00 27.53 ? 216 PHE A CZ  1 
ATOM   1512 N N   . HIS A 1 217 ? 7.357   -18.757 -1.952  1.00 29.99 ? 217 HIS A N   1 
ATOM   1513 C CA  . HIS A 1 217 ? 6.334   -19.586 -1.265  1.00 38.06 ? 217 HIS A CA  1 
ATOM   1514 C C   . HIS A 1 217 ? 7.138   -20.596 -0.453  1.00 41.82 ? 217 HIS A C   1 
ATOM   1515 O O   . HIS A 1 217 ? 8.174   -21.082 -0.939  1.00 45.91 ? 217 HIS A O   1 
ATOM   1516 C CB  . HIS A 1 217 ? 5.416   -20.345 -2.246  1.00 41.06 ? 217 HIS A CB  1 
ATOM   1517 C CG  . HIS A 1 217 ? 6.165   -21.198 -3.227  1.00 51.43 ? 217 HIS A CG  1 
ATOM   1518 N ND1 . HIS A 1 217 ? 7.535   -21.359 -3.174  1.00 53.99 ? 217 HIS A ND1 1 
ATOM   1519 C CD2 . HIS A 1 217 ? 5.748   -21.929 -4.291  1.00 58.79 ? 217 HIS A CD2 1 
ATOM   1520 C CE1 . HIS A 1 217 ? 7.934   -22.135 -4.160  1.00 56.50 ? 217 HIS A CE1 1 
ATOM   1521 N NE2 . HIS A 1 217 ? 6.868   -22.510 -4.847  1.00 60.65 ? 217 HIS A NE2 1 
ATOM   1522 N N   . TYR A 1 218 ? 6.681   -20.892 0.759   1.00 44.66 ? 218 TYR A N   1 
ATOM   1523 C CA  . TYR A 1 218 ? 7.313   -21.853 1.657   1.00 48.18 ? 218 TYR A CA  1 
ATOM   1524 C C   . TYR A 1 218 ? 6.215   -22.742 2.258   1.00 49.95 ? 218 TYR A C   1 
ATOM   1525 O O   . TYR A 1 218 ? 5.205   -22.226 2.709   1.00 50.47 ? 218 TYR A O   1 
ATOM   1526 C CB  . TYR A 1 218 ? 8.034   -21.059 2.733   1.00 53.48 ? 218 TYR A CB  1 
ATOM   1527 C CG  . TYR A 1 218 ? 8.813   -21.887 3.692   1.00 53.99 ? 218 TYR A CG  1 
ATOM   1528 C CD1 . TYR A 1 218 ? 10.064  -22.384 3.342   1.00 54.88 ? 218 TYR A CD1 1 
ATOM   1529 C CD2 . TYR A 1 218 ? 8.299   -22.179 4.956   1.00 55.58 ? 218 TYR A CD2 1 
ATOM   1530 C CE1 . TYR A 1 218 ? 10.783  -23.161 4.228   1.00 59.08 ? 218 TYR A CE1 1 
ATOM   1531 C CE2 . TYR A 1 218 ? 9.001   -22.948 5.845   1.00 57.26 ? 218 TYR A CE2 1 
ATOM   1532 C CZ  . TYR A 1 218 ? 10.240  -23.437 5.477   1.00 61.48 ? 218 TYR A CZ  1 
ATOM   1533 O OH  . TYR A 1 218 ? 10.942  -24.187 6.375   1.00 70.85 ? 218 TYR A OH  1 
ATOM   1534 N N   . GLU A 1 219 ? 6.395   -24.065 2.250   1.00 53.23 ? 219 GLU A N   1 
ATOM   1535 C CA  . GLU A 1 219 ? 5.320   -24.996 2.640   1.00 50.41 ? 219 GLU A CA  1 
ATOM   1536 C C   . GLU A 1 219 ? 5.831   -26.224 3.387   1.00 53.03 ? 219 GLU A C   1 
ATOM   1537 O O   . GLU A 1 219 ? 6.955   -26.231 3.915   1.00 57.66 ? 219 GLU A O   1 
ATOM   1538 C CB  . GLU A 1 219 ? 4.552   -25.431 1.405   1.00 46.36 ? 219 GLU A CB  1 
HETATM 1539 C C4  . E0L B 2 .   ? -5.337  -3.325  2.388   1.00 24.40 ? 301 E0L A C4  1 
HETATM 1540 C C14 . E0L B 2 .   ? -8.444  -4.908  3.920   1.00 28.28 ? 301 E0L A C14 1 
HETATM 1541 C C5  . E0L B 2 .   ? -4.940  -4.329  1.371   1.00 24.28 ? 301 E0L A C5  1 
HETATM 1542 C C6  . E0L B 2 .   ? -3.747  -4.031  0.542   1.00 23.42 ? 301 E0L A C6  1 
HETATM 1543 C C7  . E0L B 2 .   ? -6.455  -3.507  3.214   1.00 25.16 ? 301 E0L A C7  1 
HETATM 1544 C C9  . E0L B 2 .   ? -6.749  -5.653  2.036   1.00 24.83 ? 301 E0L A C9  1 
HETATM 1545 C C12 . E0L B 2 .   ? -2.269  -4.665  -1.310  1.00 23.44 ? 301 E0L A C12 1 
HETATM 1546 C C3  . E0L B 2 .   ? -4.602  -2.157  2.504   1.00 26.52 ? 301 E0L A C3  1 
HETATM 1547 C C1  . E0L B 2 .   ? -3.086  -2.831  0.761   1.00 24.41 ? 301 E0L A C1  1 
HETATM 1548 C C2  . E0L B 2 .   ? -3.497  -1.911  1.706   1.00 25.10 ? 301 E0L A C2  1 
HETATM 1549 O O13 . E0L B 2 .   ? -7.408  -6.702  1.862   1.00 26.11 ? 301 E0L A O13 1 
HETATM 1550 C C17 . E0L B 2 .   ? -10.415 -6.215  4.168   1.00 31.16 ? 301 E0L A C17 1 
HETATM 1551 C C18 . E0L B 2 .   ? -11.257 -6.860  3.310   1.00 28.99 ? 301 E0L A C18 1 
HETATM 1552 C C19 . E0L B 2 .   ? -12.557 -7.175  3.664   1.00 30.81 ? 301 E0L A C19 1 
HETATM 1553 C C21 . E0L B 2 .   ? -12.231 -6.098  5.768   1.00 32.80 ? 301 E0L A C21 1 
HETATM 1554 C C22 . E0L B 2 .   ? -10.900 -5.810  5.431   1.00 33.18 ? 301 E0L A C22 1 
HETATM 1555 C C23 . E0L B 2 .   ? -12.789 -5.696  7.088   1.00 33.21 ? 301 E0L A C23 1 
HETATM 1556 O O25 . E0L B 2 .   ? -11.930 -5.414  7.918   1.00 36.29 ? 301 E0L A O25 1 
HETATM 1557 O O24 . E0L B 2 .   ? -14.026 -5.672  7.337   1.00 32.01 ? 301 E0L A O24 1 
HETATM 1558 C C20 . E0L B 2 .   ? -13.058 -6.800  4.897   1.00 32.24 ? 301 E0L A C20 1 
HETATM 1559 N N15 . E0L B 2 .   ? -9.221  -5.940  3.618   1.00 29.51 ? 301 E0L A N15 1 
HETATM 1560 O O16 . E0L B 2 .   ? -8.740  -4.141  4.778   1.00 29.37 ? 301 E0L A O16 1 
HETATM 1561 C C8  . E0L B 2 .   ? -7.210  -4.665  3.073   1.00 25.22 ? 301 E0L A C8  1 
HETATM 1562 N N10 . E0L B 2 .   ? -5.667  -5.441  1.235   1.00 23.28 ? 301 E0L A N10 1 
HETATM 1563 N N11 . E0L B 2 .   ? -3.355  -4.891  -0.398  1.00 22.70 ? 301 E0L A N11 1 
HETATM 1564 O O   . HOH C 3 .   ? 19.849  9.994   8.397   1.00 32.00 ? 401 HOH A O   1 
HETATM 1565 O O   . HOH C 3 .   ? 11.866  -16.815 -7.413  1.00 28.08 ? 402 HOH A O   1 
HETATM 1566 O O   . HOH C 3 .   ? 17.693  -12.709 -4.146  1.00 32.84 ? 403 HOH A O   1 
HETATM 1567 O O   . HOH C 3 .   ? -18.160 3.809   -1.980  1.00 37.85 ? 404 HOH A O   1 
HETATM 1568 O O   . HOH C 3 .   ? -7.966  -7.322  -0.719  1.00 20.34 ? 405 HOH A O   1 
HETATM 1569 O O   . HOH C 3 .   ? 18.827  12.438  -2.990  1.00 28.57 ? 406 HOH A O   1 
HETATM 1570 O O   . HOH C 3 .   ? 4.272   -6.596  -15.376 1.00 31.39 ? 407 HOH A O   1 
HETATM 1571 O O   . HOH C 3 .   ? -3.123  -0.477  7.384   1.00 29.09 ? 408 HOH A O   1 
HETATM 1572 O O   . HOH C 3 .   ? 16.028  7.505   1.141   1.00 21.76 ? 409 HOH A O   1 
HETATM 1573 O O   . HOH C 3 .   ? 3.948   13.351  0.507   1.00 33.82 ? 410 HOH A O   1 
HETATM 1574 O O   . HOH C 3 .   ? 13.749  -0.792  5.404   1.00 21.64 ? 411 HOH A O   1 
HETATM 1575 O O   . HOH C 3 .   ? -12.305 8.665   -7.263  1.00 22.17 ? 412 HOH A O   1 
HETATM 1576 O O   . HOH C 3 .   ? 5.090   -19.140 2.001   1.00 25.98 ? 413 HOH A O   1 
HETATM 1577 O O   . HOH C 3 .   ? -4.556  10.735  9.354   1.00 25.66 ? 414 HOH A O   1 
HETATM 1578 O O   . HOH C 3 .   ? -7.638  -8.172  6.280   1.00 41.85 ? 415 HOH A O   1 
HETATM 1579 O O   . HOH C 3 .   ? -15.132 -9.615  -1.979  1.00 26.35 ? 416 HOH A O   1 
HETATM 1580 O O   . HOH C 3 .   ? -14.164 7.696   -0.732  1.00 29.82 ? 417 HOH A O   1 
HETATM 1581 O O   . HOH C 3 .   ? -5.557  -6.441  5.503   1.00 32.40 ? 418 HOH A O   1 
HETATM 1582 O O   . HOH C 3 .   ? -12.965 -13.893 -8.687  1.00 46.03 ? 419 HOH A O   1 
HETATM 1583 O O   . HOH C 3 .   ? -13.156 11.721  -0.794  1.00 24.58 ? 420 HOH A O   1 
HETATM 1584 O O   . HOH C 3 .   ? 12.384  -16.224 -11.417 1.00 28.82 ? 421 HOH A O   1 
HETATM 1585 O O   . HOH C 3 .   ? 1.935   -5.546  -8.553  1.00 16.39 ? 422 HOH A O   1 
HETATM 1586 O O   . HOH C 3 .   ? 9.794   -11.852 -16.064 1.00 25.14 ? 423 HOH A O   1 
HETATM 1587 O O   . HOH C 3 .   ? 5.918   -13.074 -16.198 1.00 25.53 ? 424 HOH A O   1 
HETATM 1588 O O   . HOH C 3 .   ? -21.203 -1.751  -17.582 1.00 26.09 ? 425 HOH A O   1 
HETATM 1589 O O   . HOH C 3 .   ? 7.938   14.077  5.255   1.00 37.38 ? 426 HOH A O   1 
HETATM 1590 O O   . HOH C 3 .   ? 3.552   -7.384  -12.559 1.00 21.87 ? 427 HOH A O   1 
HETATM 1591 O O   . HOH C 3 .   ? 1.452   -14.372 -6.453  1.00 35.92 ? 428 HOH A O   1 
HETATM 1592 O O   . HOH C 3 .   ? -6.988  -8.762  -9.862  1.00 38.93 ? 429 HOH A O   1 
HETATM 1593 O O   . HOH C 3 .   ? 15.400  -6.705  2.892   1.00 31.26 ? 430 HOH A O   1 
HETATM 1594 O O   . HOH C 3 .   ? -3.055  17.499  -9.523  1.00 33.13 ? 431 HOH A O   1 
HETATM 1595 O O   . HOH C 3 .   ? 24.036  6.918   2.040   1.00 46.37 ? 432 HOH A O   1 
HETATM 1596 O O   . HOH C 3 .   ? 15.256  3.452   9.810   1.00 37.25 ? 433 HOH A O   1 
HETATM 1597 O O   . HOH C 3 .   ? 14.785  5.893   3.014   1.00 20.84 ? 434 HOH A O   1 
HETATM 1598 O O   . HOH C 3 .   ? 0.930   6.964   20.114  1.00 44.24 ? 435 HOH A O   1 
HETATM 1599 O O   . HOH C 3 .   ? -15.888 -8.864  -8.047  1.00 30.32 ? 436 HOH A O   1 
HETATM 1600 O O   . HOH C 3 .   ? -15.811 -11.540 4.647   1.00 33.49 ? 437 HOH A O   1 
HETATM 1601 O O   . HOH C 3 .   ? -0.755  10.206  -1.628  1.00 21.14 ? 438 HOH A O   1 
HETATM 1602 O O   . HOH C 3 .   ? -5.938  -3.721  -9.912  1.00 28.79 ? 439 HOH A O   1 
HETATM 1603 O O   . HOH C 3 .   ? -7.589  -4.408  -7.599  1.00 22.20 ? 440 HOH A O   1 
HETATM 1604 O O   . HOH C 3 .   ? -10.427 7.274   -11.160 1.00 49.26 ? 441 HOH A O   1 
HETATM 1605 O O   . HOH C 3 .   ? -0.996  0.749   -12.050 1.00 32.50 ? 442 HOH A O   1 
HETATM 1606 O O   . HOH C 3 .   ? -2.674  -11.163 -6.471  1.00 18.22 ? 443 HOH A O   1 
HETATM 1607 O O   . HOH C 3 .   ? -9.937  9.848   -6.878  1.00 21.14 ? 444 HOH A O   1 
HETATM 1608 O O   . HOH C 3 .   ? -12.018 13.856  -2.145  1.00 22.49 ? 445 HOH A O   1 
HETATM 1609 O O   . HOH C 3 .   ? -16.281 10.046  -7.044  1.00 33.11 ? 446 HOH A O   1 
HETATM 1610 O O   . HOH C 3 .   ? 18.726  5.513   -5.081  1.00 33.08 ? 447 HOH A O   1 
HETATM 1611 O O   . HOH C 3 .   ? 16.122  -6.428  -11.040 1.00 39.18 ? 448 HOH A O   1 
HETATM 1612 O O   . HOH C 3 .   ? 4.145   14.289  14.510  1.00 30.21 ? 449 HOH A O   1 
HETATM 1613 O O   . HOH C 3 .   ? 5.968   14.559  1.754   1.00 42.26 ? 450 HOH A O   1 
HETATM 1614 O O   . HOH C 3 .   ? 9.940   -4.818  -18.734 1.00 41.67 ? 451 HOH A O   1 
HETATM 1615 O O   . HOH C 3 .   ? -16.788 7.882   -0.533  1.00 33.35 ? 452 HOH A O   1 
HETATM 1616 O O   . HOH C 3 .   ? 18.207  3.229   9.421   1.00 44.69 ? 453 HOH A O   1 
HETATM 1617 O O   . HOH C 3 .   ? -21.497 -0.488  -13.484 1.00 31.77 ? 454 HOH A O   1 
HETATM 1618 O O   . HOH C 3 .   ? -17.540 6.278   -2.192  1.00 24.40 ? 455 HOH A O   1 
HETATM 1619 O O   . HOH C 3 .   ? 17.483  -2.708  -8.217  1.00 24.36 ? 456 HOH A O   1 
HETATM 1620 O O   . HOH C 3 .   ? -6.438  10.418  11.422  1.00 29.69 ? 457 HOH A O   1 
HETATM 1621 O O   . HOH C 3 .   ? -1.920  9.548   8.361   1.00 38.36 ? 458 HOH A O   1 
HETATM 1622 O O   . HOH C 3 .   ? -18.536 -2.719  0.851   1.00 32.70 ? 459 HOH A O   1 
HETATM 1623 O O   . HOH C 3 .   ? -6.337  1.049   14.076  1.00 43.19 ? 460 HOH A O   1 
HETATM 1624 O O   . HOH C 3 .   ? 3.030   5.160   20.505  1.00 34.58 ? 461 HOH A O   1 
HETATM 1625 O O   . HOH C 3 .   ? 14.071  -17.792 -3.664  1.00 29.99 ? 462 HOH A O   1 
HETATM 1626 O O   . HOH C 3 .   ? -6.434  9.285   13.905  1.00 40.08 ? 463 HOH A O   1 
HETATM 1627 O O   . HOH C 3 .   ? 6.721   -5.040  -20.063 1.00 43.84 ? 464 HOH A O   1 
HETATM 1628 O O   . HOH C 3 .   ? 0.254   -4.761  8.932   1.00 35.46 ? 465 HOH A O   1 
HETATM 1629 O O   . HOH C 3 .   ? -23.425 0.220   -12.294 1.00 36.98 ? 466 HOH A O   1 
HETATM 1630 O O   . HOH C 3 .   ? -15.994 -8.137  3.336   1.00 33.00 ? 467 HOH A O   1 
HETATM 1631 O O   . HOH C 3 .   ? -11.693 -15.129 -0.292  1.00 33.82 ? 468 HOH A O   1 
HETATM 1632 O O   . HOH C 3 .   ? 1.212   -7.959  -12.405 1.00 31.18 ? 469 HOH A O   1 
HETATM 1633 O O   . HOH C 3 .   ? -25.286 -1.075  -11.605 1.00 36.47 ? 470 HOH A O   1 
HETATM 1634 O O   . HOH C 3 .   ? -16.503 -9.788  0.036   1.00 32.77 ? 471 HOH A O   1 
HETATM 1635 O O   . HOH C 3 .   ? 11.846  -7.997  -19.963 1.00 35.60 ? 472 HOH A O   1 
HETATM 1636 O O   . HOH C 3 .   ? -13.969 15.436  -3.377  1.00 23.38 ? 473 HOH A O   1 
HETATM 1637 O O   . HOH C 3 .   ? -11.530 -16.399 -10.256 1.00 29.54 ? 474 HOH A O   1 
HETATM 1638 O O   . HOH C 3 .   ? -21.560 -1.755  -0.987  1.00 43.49 ? 475 HOH A O   1 
HETATM 1639 O O   . HOH C 3 .   ? 15.323  -1.966  4.159   1.00 25.22 ? 476 HOH A O   1 
HETATM 1640 O O   . HOH C 3 .   ? -18.727 -0.404  -17.435 1.00 36.56 ? 477 HOH A O   1 
HETATM 1641 O O   . HOH C 3 .   ? -0.357  -6.793  -10.077 1.00 36.91 ? 478 HOH A O   1 
HETATM 1642 O O   . HOH C 3 .   ? 15.139  -4.427  4.558   1.00 26.61 ? 479 HOH A O   1 
# 
loop_
_pdbx_poly_seq_scheme.asym_id 
_pdbx_poly_seq_scheme.entity_id 
_pdbx_poly_seq_scheme.seq_id 
_pdbx_poly_seq_scheme.mon_id 
_pdbx_poly_seq_scheme.ndb_seq_num 
_pdbx_poly_seq_scheme.pdb_seq_num 
_pdbx_poly_seq_scheme.auth_seq_num 
_pdbx_poly_seq_scheme.pdb_mon_id 
_pdbx_poly_seq_scheme.auth_mon_id 
_pdbx_poly_seq_scheme.pdb_strand_id 
_pdbx_poly_seq_scheme.pdb_ins_code 
_pdbx_poly_seq_scheme.hetero 
A 1 1   MET 1   1   ?   ?   ?   A . n 
A 1 2   SER 2   2   ?   ?   ?   A . n 
A 1 3   ASN 3   3   ?   ?   ?   A . n 
A 1 4   SER 4   4   ?   ?   ?   A . n 
A 1 5   TYR 5   5   ?   ?   ?   A . n 
A 1 6   ASP 6   6   ?   ?   ?   A . n 
A 1 7   SER 7   7   7   SER SER A . n 
A 1 8   SER 8   8   8   SER SER A . n 
A 1 9   SER 9   9   9   SER SER A . n 
A 1 10  ILE 10  10  10  ILE ILE A . n 
A 1 11  LYS 11  11  11  LYS LYS A . n 
A 1 12  VAL 12  12  12  VAL VAL A . n 
A 1 13  LEU 13  13  13  LEU LEU A . n 
A 1 14  LYS 14  14  14  LYS LYS A . n 
A 1 15  GLY 15  15  15  GLY GLY A . n 
A 1 16  LEU 16  16  16  LEU LEU A . n 
A 1 17  ASP 17  17  17  ASP ASP A . n 
A 1 18  ALA 18  18  18  ALA ALA A . n 
A 1 19  VAL 19  19  19  VAL VAL A . n 
A 1 20  ARG 20  20  20  ARG ARG A . n 
A 1 21  LYS 21  21  21  LYS LYS A . n 
A 1 22  ARG 22  22  22  ARG ARG A . n 
A 1 23  PRO 23  23  23  PRO PRO A . n 
A 1 24  GLY 24  24  24  GLY GLY A . n 
A 1 25  MET 25  25  25  MET MET A . n 
A 1 26  TYR 26  26  26  TYR TYR A . n 
A 1 27  ILE 27  27  27  ILE ILE A . n 
A 1 28  GLY 28  28  28  GLY GLY A . n 
A 1 29  ASP 29  29  29  ASP ASP A . n 
A 1 30  THR 30  30  30  THR THR A . n 
A 1 31  ASP 31  31  31  ASP ASP A . n 
A 1 32  ASP 32  32  32  ASP ASP A . n 
A 1 33  GLY 33  33  33  GLY GLY A . n 
A 1 34  THR 34  34  34  THR THR A . n 
A 1 35  GLY 35  35  35  GLY GLY A . n 
A 1 36  LEU 36  36  36  LEU LEU A . n 
A 1 37  HIS 37  37  37  HIS HIS A . n 
A 1 38  HIS 38  38  38  HIS HIS A . n 
A 1 39  MET 39  39  39  MET MET A . n 
A 1 40  VAL 40  40  40  VAL VAL A . n 
A 1 41  PHE 41  41  41  PHE PHE A . n 
A 1 42  GLU 42  42  42  GLU GLU A . n 
A 1 43  VAL 43  43  43  VAL VAL A . n 
A 1 44  VAL 44  44  44  VAL VAL A . n 
A 1 45  ASP 45  45  45  ASP ASP A . n 
A 1 46  ASN 46  46  46  ASN ASN A . n 
A 1 47  ALA 47  47  47  ALA ALA A . n 
A 1 48  ILE 48  48  48  ILE ILE A . n 
A 1 49  ASP 49  49  49  ASP ASP A . n 
A 1 50  GLU 50  50  50  GLU GLU A . n 
A 1 51  ALA 51  51  51  ALA ALA A . n 
A 1 52  LEU 52  52  52  LEU LEU A . n 
A 1 53  ALA 53  53  53  ALA ALA A . n 
A 1 54  GLY 54  54  54  GLY GLY A . n 
A 1 55  HIS 55  55  55  HIS HIS A . n 
A 1 56  CYS 56  56  56  CYS CYS A . n 
A 1 57  LYS 57  57  57  LYS LYS A . n 
A 1 58  GLU 58  58  58  GLU GLU A . n 
A 1 59  ILE 59  59  59  ILE ILE A . n 
A 1 60  ILE 60  60  60  ILE ILE A . n 
A 1 61  VAL 61  61  61  VAL VAL A . n 
A 1 62  THR 62  62  62  THR THR A . n 
A 1 63  ILE 63  63  63  ILE ILE A . n 
A 1 64  HIS 64  64  64  HIS HIS A . n 
A 1 65  ALA 65  65  65  ALA ALA A . n 
A 1 66  ASP 66  66  66  ASP ASP A . n 
A 1 67  ASN 67  67  67  ASN ASN A . n 
A 1 68  SER 68  68  68  SER SER A . n 
A 1 69  VAL 69  69  69  VAL VAL A . n 
A 1 70  SER 70  70  70  SER SER A . n 
A 1 71  VAL 71  71  71  VAL VAL A . n 
A 1 72  GLN 72  72  72  GLN GLN A . n 
A 1 73  ASP 73  73  73  ASP ASP A . n 
A 1 74  ASP 74  74  74  ASP ASP A . n 
A 1 75  GLY 75  75  75  GLY GLY A . n 
A 1 76  ARG 76  76  76  ARG ARG A . n 
A 1 77  GLY 77  77  77  GLY GLY A . n 
A 1 78  ILE 78  78  78  ILE ILE A . n 
A 1 79  PRO 79  79  79  PRO PRO A . n 
A 1 80  THR 80  80  80  THR THR A . n 
A 1 81  GLY 81  81  81  GLY GLY A . n 
A 1 82  ILE 82  82  82  ILE ILE A . n 
A 1 83  HIS 83  83  83  HIS HIS A . n 
A 1 84  PRO 84  84  84  PRO PRO A . n 
A 1 85  GLU 85  85  85  GLU GLU A . n 
A 1 86  GLU 86  86  86  GLU GLU A . n 
A 1 87  GLY 87  87  87  GLY GLY A . n 
A 1 88  VAL 88  88  88  VAL VAL A . n 
A 1 89  SER 89  89  89  SER SER A . n 
A 1 90  ALA 90  90  90  ALA ALA A . n 
A 1 91  ALA 91  91  91  ALA ALA A . n 
A 1 92  GLU 92  92  92  GLU GLU A . n 
A 1 93  VAL 93  93  93  VAL VAL A . n 
A 1 94  ILE 94  94  94  ILE ILE A . n 
A 1 95  MET 95  95  95  MET MET A . n 
A 1 96  THR 96  96  96  THR THR A . n 
A 1 97  VAL 97  97  97  VAL VAL A . n 
A 1 98  LEU 98  98  98  LEU LEU A . n 
A 1 99  HIS 99  99  99  HIS HIS A . n 
A 1 100 ALA 100 100 ?   ?   ?   A . n 
A 1 101 GLY 101 101 ?   ?   ?   A . n 
A 1 102 GLY 102 102 ?   ?   ?   A . n 
A 1 103 LYS 103 103 ?   ?   ?   A . n 
A 1 104 PHE 104 104 ?   ?   ?   A . n 
A 1 105 ASP 105 105 ?   ?   ?   A . n 
A 1 106 ASP 106 106 ?   ?   ?   A . n 
A 1 107 ASN 107 107 ?   ?   ?   A . n 
A 1 108 SER 108 108 ?   ?   ?   A . n 
A 1 109 TYR 109 109 ?   ?   ?   A . n 
A 1 110 LYS 110 110 ?   ?   ?   A . n 
A 1 111 VAL 111 111 ?   ?   ?   A . n 
A 1 112 SER 112 112 ?   ?   ?   A . n 
A 1 113 GLY 113 113 ?   ?   ?   A . n 
A 1 114 GLY 114 114 ?   ?   ?   A . n 
A 1 115 LEU 115 115 115 LEU LEU A . n 
A 1 116 HIS 116 116 116 HIS HIS A . n 
A 1 117 GLY 117 117 117 GLY GLY A . n 
A 1 118 VAL 118 118 118 VAL VAL A . n 
A 1 119 GLY 119 119 119 GLY GLY A . n 
A 1 120 VAL 120 120 120 VAL VAL A . n 
A 1 121 SER 121 121 121 SER SER A . n 
A 1 122 VAL 122 122 122 VAL VAL A . n 
A 1 123 VAL 123 123 123 VAL VAL A . n 
A 1 124 ASN 124 124 124 ASN ASN A . n 
A 1 125 ALA 125 125 125 ALA ALA A . n 
A 1 126 LEU 126 126 126 LEU LEU A . n 
A 1 127 SER 127 127 127 SER SER A . n 
A 1 128 GLN 128 128 128 GLN GLN A . n 
A 1 129 LYS 129 129 129 LYS LYS A . n 
A 1 130 LEU 130 130 130 LEU LEU A . n 
A 1 131 GLU 131 131 131 GLU GLU A . n 
A 1 132 LEU 132 132 132 LEU LEU A . n 
A 1 133 VAL 133 133 133 VAL VAL A . n 
A 1 134 ILE 134 134 134 ILE ILE A . n 
A 1 135 GLN 135 135 135 GLN GLN A . n 
A 1 136 ARG 136 136 136 ARG ARG A . n 
A 1 137 GLU 137 137 137 GLU GLU A . n 
A 1 138 GLY 138 138 138 GLY GLY A . n 
A 1 139 LYS 139 139 139 LYS LYS A . n 
A 1 140 ILE 140 140 140 ILE ILE A . n 
A 1 141 HIS 141 141 141 HIS HIS A . n 
A 1 142 ARG 142 142 142 ARG ARG A . n 
A 1 143 GLN 143 143 143 GLN GLN A . n 
A 1 144 ILE 144 144 144 ILE ILE A . n 
A 1 145 TYR 145 145 145 TYR TYR A . n 
A 1 146 GLU 146 146 146 GLU GLU A . n 
A 1 147 HIS 147 147 147 HIS HIS A . n 
A 1 148 GLY 148 148 148 GLY GLY A . n 
A 1 149 VAL 149 149 149 VAL VAL A . n 
A 1 150 PRO 150 150 150 PRO PRO A . n 
A 1 151 GLN 151 151 151 GLN GLN A . n 
A 1 152 ALA 152 152 152 ALA ALA A . n 
A 1 153 PRO 153 153 153 PRO PRO A . n 
A 1 154 LEU 154 154 154 LEU LEU A . n 
A 1 155 ALA 155 155 155 ALA ALA A . n 
A 1 156 VAL 156 156 156 VAL VAL A . n 
A 1 157 THR 157 157 157 THR THR A . n 
A 1 158 GLY 158 158 158 GLY GLY A . n 
A 1 159 GLU 159 159 159 GLU GLU A . n 
A 1 160 THR 160 160 160 THR THR A . n 
A 1 161 GLU 161 161 161 GLU GLU A . n 
A 1 162 LYS 162 162 162 LYS LYS A . n 
A 1 163 THR 163 163 163 THR THR A . n 
A 1 164 GLY 164 164 164 GLY GLY A . n 
A 1 165 THR 165 165 165 THR THR A . n 
A 1 166 MET 166 166 166 MET MET A . n 
A 1 167 VAL 167 167 167 VAL VAL A . n 
A 1 168 ARG 168 168 168 ARG ARG A . n 
A 1 169 PHE 169 169 169 PHE PHE A . n 
A 1 170 TRP 170 170 170 TRP TRP A . n 
A 1 171 PRO 171 171 171 PRO PRO A . n 
A 1 172 SER 172 172 172 SER SER A . n 
A 1 173 LEU 173 173 173 LEU LEU A . n 
A 1 174 GLU 174 174 174 GLU GLU A . n 
A 1 175 THR 175 175 175 THR THR A . n 
A 1 176 PHE 176 176 176 PHE PHE A . n 
A 1 177 THR 177 177 177 THR THR A . n 
A 1 178 ASN 178 178 178 ASN ASN A . n 
A 1 179 VAL 179 179 179 VAL VAL A . n 
A 1 180 THR 180 180 180 THR THR A . n 
A 1 181 GLU 181 181 181 GLU GLU A . n 
A 1 182 PHE 182 182 182 PHE PHE A . n 
A 1 183 GLU 183 183 183 GLU GLU A . n 
A 1 184 TYR 184 184 184 TYR TYR A . n 
A 1 185 GLU 185 185 185 GLU GLU A . n 
A 1 186 ILE 186 186 186 ILE ILE A . n 
A 1 187 LEU 187 187 187 LEU LEU A . n 
A 1 188 ALA 188 188 188 ALA ALA A . n 
A 1 189 LYS 189 189 189 LYS LYS A . n 
A 1 190 ARG 190 190 190 ARG ARG A . n 
A 1 191 LEU 191 191 191 LEU LEU A . n 
A 1 192 ARG 192 192 192 ARG ARG A . n 
A 1 193 GLU 193 193 193 GLU GLU A . n 
A 1 194 LEU 194 194 194 LEU LEU A . n 
A 1 195 SER 195 195 195 SER SER A . n 
A 1 196 PHE 196 196 196 PHE PHE A . n 
A 1 197 LEU 197 197 197 LEU LEU A . n 
A 1 198 ASN 198 198 198 ASN ASN A . n 
A 1 199 SER 199 199 199 SER SER A . n 
A 1 200 GLY 200 200 200 GLY GLY A . n 
A 1 201 VAL 201 201 201 VAL VAL A . n 
A 1 202 SER 202 202 202 SER SER A . n 
A 1 203 ILE 203 203 203 ILE ILE A . n 
A 1 204 ARG 204 204 204 ARG ARG A . n 
A 1 205 LEU 205 205 205 LEU LEU A . n 
A 1 206 ARG 206 206 206 ARG ARG A . n 
A 1 207 ASP 207 207 207 ASP ASP A . n 
A 1 208 LYS 208 208 208 LYS LYS A . n 
A 1 209 ARG 209 209 209 ARG ARG A . n 
A 1 210 ASP 210 210 210 ASP ASP A . n 
A 1 211 GLY 211 211 211 GLY GLY A . n 
A 1 212 LYS 212 212 212 LYS LYS A . n 
A 1 213 GLU 213 213 213 GLU GLU A . n 
A 1 214 ASP 214 214 214 ASP ASP A . n 
A 1 215 HIS 215 215 215 HIS HIS A . n 
A 1 216 PHE 216 216 216 PHE PHE A . n 
A 1 217 HIS 217 217 217 HIS HIS A . n 
A 1 218 TYR 218 218 218 TYR TYR A . n 
A 1 219 GLU 219 219 219 GLU GLU A . n 
A 1 220 GLY 220 220 ?   ?   ?   A . n 
# 
loop_
_pdbx_nonpoly_scheme.asym_id 
_pdbx_nonpoly_scheme.entity_id 
_pdbx_nonpoly_scheme.mon_id 
_pdbx_nonpoly_scheme.ndb_seq_num 
_pdbx_nonpoly_scheme.pdb_seq_num 
_pdbx_nonpoly_scheme.auth_seq_num 
_pdbx_nonpoly_scheme.pdb_mon_id 
_pdbx_nonpoly_scheme.auth_mon_id 
_pdbx_nonpoly_scheme.pdb_strand_id 
_pdbx_nonpoly_scheme.pdb_ins_code 
B 2 E0L 1  301 1219 E0L G91 A . 
C 3 HOH 1  401 1373 HOH HOH A . 
C 3 HOH 2  402 1366 HOH HOH A . 
C 3 HOH 3  403 1338 HOH HOH A . 
C 3 HOH 4  404 1397 HOH HOH A . 
C 3 HOH 5  405 1343 HOH HOH A . 
C 3 HOH 6  406 1372 HOH HOH A . 
C 3 HOH 7  407 1341 HOH HOH A . 
C 3 HOH 8  408 1395 HOH HOH A . 
C 3 HOH 9  409 1346 HOH HOH A . 
C 3 HOH 10 410 1350 HOH HOH A . 
C 3 HOH 11 411 1385 HOH HOH A . 
C 3 HOH 12 412 1319 HOH HOH A . 
C 3 HOH 13 413 1388 HOH HOH A . 
C 3 HOH 14 414 1331 HOH HOH A . 
C 3 HOH 15 415 1376 HOH HOH A . 
C 3 HOH 16 416 1334 HOH HOH A . 
C 3 HOH 17 417 1330 HOH HOH A . 
C 3 HOH 18 418 1361 HOH HOH A . 
C 3 HOH 19 419 1345 HOH HOH A . 
C 3 HOH 20 420 1353 HOH HOH A . 
C 3 HOH 21 421 1332 HOH HOH A . 
C 3 HOH 22 422 1320 HOH HOH A . 
C 3 HOH 23 423 1337 HOH HOH A . 
C 3 HOH 24 424 1322 HOH HOH A . 
C 3 HOH 25 425 1339 HOH HOH A . 
C 3 HOH 26 426 1363 HOH HOH A . 
C 3 HOH 27 427 1348 HOH HOH A . 
C 3 HOH 28 428 1374 HOH HOH A . 
C 3 HOH 29 429 1351 HOH HOH A . 
C 3 HOH 30 430 1368 HOH HOH A . 
C 3 HOH 31 431 1358 HOH HOH A . 
C 3 HOH 32 432 1354 HOH HOH A . 
C 3 HOH 33 433 1355 HOH HOH A . 
C 3 HOH 34 434 1329 HOH HOH A . 
C 3 HOH 35 435 1344 HOH HOH A . 
C 3 HOH 36 436 1367 HOH HOH A . 
C 3 HOH 37 437 1335 HOH HOH A . 
C 3 HOH 38 438 1326 HOH HOH A . 
C 3 HOH 39 439 1340 HOH HOH A . 
C 3 HOH 40 440 1328 HOH HOH A . 
C 3 HOH 41 441 1360 HOH HOH A . 
C 3 HOH 42 442 1327 HOH HOH A . 
C 3 HOH 43 443 1325 HOH HOH A . 
C 3 HOH 44 444 1389 HOH HOH A . 
C 3 HOH 45 445 1356 HOH HOH A . 
C 3 HOH 46 446 1362 HOH HOH A . 
C 3 HOH 47 447 1357 HOH HOH A . 
C 3 HOH 48 448 1347 HOH HOH A . 
C 3 HOH 49 449 1321 HOH HOH A . 
C 3 HOH 50 450 1342 HOH HOH A . 
C 3 HOH 51 451 1370 HOH HOH A . 
C 3 HOH 52 452 1364 HOH HOH A . 
C 3 HOH 53 453 1375 HOH HOH A . 
C 3 HOH 54 454 1379 HOH HOH A . 
C 3 HOH 55 455 1324 HOH HOH A . 
C 3 HOH 56 456 1352 HOH HOH A . 
C 3 HOH 57 457 1333 HOH HOH A . 
C 3 HOH 58 458 1394 HOH HOH A . 
C 3 HOH 59 459 1336 HOH HOH A . 
C 3 HOH 60 460 1371 HOH HOH A . 
C 3 HOH 61 461 1393 HOH HOH A . 
C 3 HOH 62 462 1387 HOH HOH A . 
C 3 HOH 63 463 1369 HOH HOH A . 
C 3 HOH 64 464 1323 HOH HOH A . 
C 3 HOH 65 465 1349 HOH HOH A . 
C 3 HOH 66 466 1390 HOH HOH A . 
C 3 HOH 67 467 1382 HOH HOH A . 
C 3 HOH 68 468 1392 HOH HOH A . 
C 3 HOH 69 469 1381 HOH HOH A . 
C 3 HOH 70 470 1380 HOH HOH A . 
C 3 HOH 71 471 1365 HOH HOH A . 
C 3 HOH 72 472 1391 HOH HOH A . 
C 3 HOH 73 473 1383 HOH HOH A . 
C 3 HOH 74 474 1378 HOH HOH A . 
C 3 HOH 75 475 1396 HOH HOH A . 
C 3 HOH 76 476 1384 HOH HOH A . 
C 3 HOH 77 477 1359 HOH HOH A . 
C 3 HOH 78 478 1386 HOH HOH A . 
C 3 HOH 79 479 1377 HOH HOH A . 
# 
_pdbx_struct_assembly.id                   1 
_pdbx_struct_assembly.details              author_defined_assembly 
_pdbx_struct_assembly.method_details       ? 
_pdbx_struct_assembly.oligomeric_details   monomeric 
_pdbx_struct_assembly.oligomeric_count     1 
# 
_pdbx_struct_assembly_gen.assembly_id       1 
_pdbx_struct_assembly_gen.oper_expression   1 
_pdbx_struct_assembly_gen.asym_id_list      A,B,C 
# 
_pdbx_struct_oper_list.id                   1 
_pdbx_struct_oper_list.type                 'identity operation' 
_pdbx_struct_oper_list.name                 1_555 
_pdbx_struct_oper_list.symmetry_operation   x,y,z 
_pdbx_struct_oper_list.matrix[1][1]         1.0000000000 
_pdbx_struct_oper_list.matrix[1][2]         0.0000000000 
_pdbx_struct_oper_list.matrix[1][3]         0.0000000000 
_pdbx_struct_oper_list.vector[1]            0.0000000000 
_pdbx_struct_oper_list.matrix[2][1]         0.0000000000 
_pdbx_struct_oper_list.matrix[2][2]         1.0000000000 
_pdbx_struct_oper_list.matrix[2][3]         0.0000000000 
_pdbx_struct_oper_list.vector[2]            0.0000000000 
_pdbx_struct_oper_list.matrix[3][1]         0.0000000000 
_pdbx_struct_oper_list.matrix[3][2]         0.0000000000 
_pdbx_struct_oper_list.matrix[3][3]         1.0000000000 
_pdbx_struct_oper_list.vector[3]            0.0000000000 
# 
loop_
_pdbx_audit_revision_history.ordinal 
_pdbx_audit_revision_history.data_content_type 
_pdbx_audit_revision_history.major_revision 
_pdbx_audit_revision_history.minor_revision 
_pdbx_audit_revision_history.revision_date 
1 'Structure model' 1 0 2020-05-06 
2 'Structure model' 1 1 2020-05-27 
3 'Structure model' 1 2 2023-11-22 
# 
_pdbx_audit_revision_details.ordinal             1 
_pdbx_audit_revision_details.revision_ordinal    1 
_pdbx_audit_revision_details.data_content_type   'Structure model' 
_pdbx_audit_revision_details.provider            repository 
_pdbx_audit_revision_details.type                'Initial release' 
_pdbx_audit_revision_details.description         ? 
_pdbx_audit_revision_details.details             ? 
# 
loop_
_pdbx_audit_revision_group.ordinal 
_pdbx_audit_revision_group.revision_ordinal 
_pdbx_audit_revision_group.data_content_type 
_pdbx_audit_revision_group.group 
1 2 'Structure model' 'Database references'    
2 3 'Structure model' 'Data collection'        
3 3 'Structure model' 'Database references'    
4 3 'Structure model' 'Refinement description' 
# 
loop_
_pdbx_audit_revision_category.ordinal 
_pdbx_audit_revision_category.revision_ordinal 
_pdbx_audit_revision_category.data_content_type 
_pdbx_audit_revision_category.category 
1 2 'Structure model' citation                      
2 2 'Structure model' citation_author               
3 3 'Structure model' chem_comp_atom                
4 3 'Structure model' chem_comp_bond                
5 3 'Structure model' database_2                    
6 3 'Structure model' pdbx_initial_refinement_model 
# 
loop_
_pdbx_audit_revision_item.ordinal 
_pdbx_audit_revision_item.revision_ordinal 
_pdbx_audit_revision_item.data_content_type 
_pdbx_audit_revision_item.item 
1 2 'Structure model' '_citation.journal_volume'            
2 2 'Structure model' '_citation.page_first'                
3 2 'Structure model' '_citation.page_last'                 
4 2 'Structure model' '_citation.pdbx_database_id_PubMed'   
5 2 'Structure model' '_citation_author.identifier_ORCID'   
6 3 'Structure model' '_database_2.pdbx_DOI'                
7 3 'Structure model' '_database_2.pdbx_database_accession' 
# 
loop_
_software.citation_id 
_software.classification 
_software.compiler_name 
_software.compiler_version 
_software.contact_author 
_software.contact_author_email 
_software.date 
_software.description 
_software.dependencies 
_software.hardware 
_software.language 
_software.location 
_software.mods 
_software.name 
_software.os 
_software.os_version 
_software.type 
_software.version 
_software.pdbx_ordinal 
? refinement       ? ? ? ? ? ? ? ? ? ? ? REFMAC       ? ? ? 5.8.0158 1 
? 'data reduction' ? ? ? ? ? ? ? ? ? ? ? CrystalClear ? ? ? .        2 
? 'data scaling'   ? ? ? ? ? ? ? ? ? ? ? CrystalClear ? ? ? .        3 
? phasing          ? ? ? ? ? ? ? ? ? ? ? MOLREP       ? ? ? .        4 
# 
_pdbx_entry_details.entry_id                 6KZX 
_pdbx_entry_details.has_ligand_of_interest   Y 
_pdbx_entry_details.compound_details         ? 
_pdbx_entry_details.source_details           ? 
_pdbx_entry_details.nonpolymer_details       ? 
_pdbx_entry_details.sequence_details         ? 
# 
loop_
_pdbx_validate_rmsd_angle.id 
_pdbx_validate_rmsd_angle.PDB_model_num 
_pdbx_validate_rmsd_angle.auth_atom_id_1 
_pdbx_validate_rmsd_angle.auth_asym_id_1 
_pdbx_validate_rmsd_angle.auth_comp_id_1 
_pdbx_validate_rmsd_angle.auth_seq_id_1 
_pdbx_validate_rmsd_angle.PDB_ins_code_1 
_pdbx_validate_rmsd_angle.label_alt_id_1 
_pdbx_validate_rmsd_angle.auth_atom_id_2 
_pdbx_validate_rmsd_angle.auth_asym_id_2 
_pdbx_validate_rmsd_angle.auth_comp_id_2 
_pdbx_validate_rmsd_angle.auth_seq_id_2 
_pdbx_validate_rmsd_angle.PDB_ins_code_2 
_pdbx_validate_rmsd_angle.label_alt_id_2 
_pdbx_validate_rmsd_angle.auth_atom_id_3 
_pdbx_validate_rmsd_angle.auth_asym_id_3 
_pdbx_validate_rmsd_angle.auth_comp_id_3 
_pdbx_validate_rmsd_angle.auth_seq_id_3 
_pdbx_validate_rmsd_angle.PDB_ins_code_3 
_pdbx_validate_rmsd_angle.label_alt_id_3 
_pdbx_validate_rmsd_angle.angle_value 
_pdbx_validate_rmsd_angle.angle_target_value 
_pdbx_validate_rmsd_angle.angle_deviation 
_pdbx_validate_rmsd_angle.angle_standard_deviation 
_pdbx_validate_rmsd_angle.linker_flag 
1 1 CB A ASP 45  ? ? CG A ASP 45  ? ? OD1 A ASP 45  ? ? 123.99 118.30 5.69  0.90 N 
2 1 C  A HIS 83  ? ? N  A PRO 84  ? ? CA  A PRO 84  ? ? 130.40 119.30 11.10 1.50 Y 
3 1 NE A ARG 206 ? ? CZ A ARG 206 ? ? NH2 A ARG 206 ? ? 123.49 120.30 3.19  0.50 N 
# 
loop_
_pdbx_validate_torsion.id 
_pdbx_validate_torsion.PDB_model_num 
_pdbx_validate_torsion.auth_comp_id 
_pdbx_validate_torsion.auth_asym_id 
_pdbx_validate_torsion.auth_seq_id 
_pdbx_validate_torsion.PDB_ins_code 
_pdbx_validate_torsion.label_alt_id 
_pdbx_validate_torsion.phi 
_pdbx_validate_torsion.psi 
1 1 ARG A 136 ? ? -172.49 148.88 
2 1 ASN A 178 ? ? 81.74   -65.46 
3 1 ASN A 198 ? ? -119.65 58.29  
# 
loop_
_pdbx_unobs_or_zero_occ_atoms.id 
_pdbx_unobs_or_zero_occ_atoms.PDB_model_num 
_pdbx_unobs_or_zero_occ_atoms.polymer_flag 
_pdbx_unobs_or_zero_occ_atoms.occupancy_flag 
_pdbx_unobs_or_zero_occ_atoms.auth_asym_id 
_pdbx_unobs_or_zero_occ_atoms.auth_comp_id 
_pdbx_unobs_or_zero_occ_atoms.auth_seq_id 
_pdbx_unobs_or_zero_occ_atoms.PDB_ins_code 
_pdbx_unobs_or_zero_occ_atoms.auth_atom_id 
_pdbx_unobs_or_zero_occ_atoms.label_alt_id 
_pdbx_unobs_or_zero_occ_atoms.label_asym_id 
_pdbx_unobs_or_zero_occ_atoms.label_comp_id 
_pdbx_unobs_or_zero_occ_atoms.label_seq_id 
_pdbx_unobs_or_zero_occ_atoms.label_atom_id 
1 1 Y 1 A GLU 219 ? CG  ? A GLU 219 CG  
2 1 Y 1 A GLU 219 ? CD  ? A GLU 219 CD  
3 1 Y 1 A GLU 219 ? OE1 ? A GLU 219 OE1 
4 1 Y 1 A GLU 219 ? OE2 ? A GLU 219 OE2 
# 
loop_
_pdbx_unobs_or_zero_occ_residues.id 
_pdbx_unobs_or_zero_occ_residues.PDB_model_num 
_pdbx_unobs_or_zero_occ_residues.polymer_flag 
_pdbx_unobs_or_zero_occ_residues.occupancy_flag 
_pdbx_unobs_or_zero_occ_residues.auth_asym_id 
_pdbx_unobs_or_zero_occ_residues.auth_comp_id 
_pdbx_unobs_or_zero_occ_residues.auth_seq_id 
_pdbx_unobs_or_zero_occ_residues.PDB_ins_code 
_pdbx_unobs_or_zero_occ_residues.label_asym_id 
_pdbx_unobs_or_zero_occ_residues.label_comp_id 
_pdbx_unobs_or_zero_occ_residues.label_seq_id 
1  1 Y 1 A MET 1   ? A MET 1   
2  1 Y 1 A SER 2   ? A SER 2   
3  1 Y 1 A ASN 3   ? A ASN 3   
4  1 Y 1 A SER 4   ? A SER 4   
5  1 Y 1 A TYR 5   ? A TYR 5   
6  1 Y 1 A ASP 6   ? A ASP 6   
7  1 Y 1 A ALA 100 ? A ALA 100 
8  1 Y 1 A GLY 101 ? A GLY 101 
9  1 Y 1 A GLY 102 ? A GLY 102 
10 1 Y 1 A LYS 103 ? A LYS 103 
11 1 Y 1 A PHE 104 ? A PHE 104 
12 1 Y 1 A ASP 105 ? A ASP 105 
13 1 Y 1 A ASP 106 ? A ASP 106 
14 1 Y 1 A ASN 107 ? A ASN 107 
15 1 Y 1 A SER 108 ? A SER 108 
16 1 Y 1 A TYR 109 ? A TYR 109 
17 1 Y 1 A LYS 110 ? A LYS 110 
18 1 Y 1 A VAL 111 ? A VAL 111 
19 1 Y 1 A SER 112 ? A SER 112 
20 1 Y 1 A GLY 113 ? A GLY 113 
21 1 Y 1 A GLY 114 ? A GLY 114 
22 1 Y 1 A GLY 220 ? A GLY 220 
# 
loop_
_chem_comp_atom.comp_id 
_chem_comp_atom.atom_id 
_chem_comp_atom.type_symbol 
_chem_comp_atom.pdbx_aromatic_flag 
_chem_comp_atom.pdbx_stereo_config 
_chem_comp_atom.pdbx_ordinal 
ALA N    N N N 1   
ALA CA   C N S 2   
ALA C    C N N 3   
ALA O    O N N 4   
ALA CB   C N N 5   
ALA OXT  O N N 6   
ALA H    H N N 7   
ALA H2   H N N 8   
ALA HA   H N N 9   
ALA HB1  H N N 10  
ALA HB2  H N N 11  
ALA HB3  H N N 12  
ALA HXT  H N N 13  
ARG N    N N N 14  
ARG CA   C N S 15  
ARG C    C N N 16  
ARG O    O N N 17  
ARG CB   C N N 18  
ARG CG   C N N 19  
ARG CD   C N N 20  
ARG NE   N N N 21  
ARG CZ   C N N 22  
ARG NH1  N N N 23  
ARG NH2  N N N 24  
ARG OXT  O N N 25  
ARG H    H N N 26  
ARG H2   H N N 27  
ARG HA   H N N 28  
ARG HB2  H N N 29  
ARG HB3  H N N 30  
ARG HG2  H N N 31  
ARG HG3  H N N 32  
ARG HD2  H N N 33  
ARG HD3  H N N 34  
ARG HE   H N N 35  
ARG HH11 H N N 36  
ARG HH12 H N N 37  
ARG HH21 H N N 38  
ARG HH22 H N N 39  
ARG HXT  H N N 40  
ASN N    N N N 41  
ASN CA   C N S 42  
ASN C    C N N 43  
ASN O    O N N 44  
ASN CB   C N N 45  
ASN CG   C N N 46  
ASN OD1  O N N 47  
ASN ND2  N N N 48  
ASN OXT  O N N 49  
ASN H    H N N 50  
ASN H2   H N N 51  
ASN HA   H N N 52  
ASN HB2  H N N 53  
ASN HB3  H N N 54  
ASN HD21 H N N 55  
ASN HD22 H N N 56  
ASN HXT  H N N 57  
ASP N    N N N 58  
ASP CA   C N S 59  
ASP C    C N N 60  
ASP O    O N N 61  
ASP CB   C N N 62  
ASP CG   C N N 63  
ASP OD1  O N N 64  
ASP OD2  O N N 65  
ASP OXT  O N N 66  
ASP H    H N N 67  
ASP H2   H N N 68  
ASP HA   H N N 69  
ASP HB2  H N N 70  
ASP HB3  H N N 71  
ASP HD2  H N N 72  
ASP HXT  H N N 73  
CYS N    N N N 74  
CYS CA   C N R 75  
CYS C    C N N 76  
CYS O    O N N 77  
CYS CB   C N N 78  
CYS SG   S N N 79  
CYS OXT  O N N 80  
CYS H    H N N 81  
CYS H2   H N N 82  
CYS HA   H N N 83  
CYS HB2  H N N 84  
CYS HB3  H N N 85  
CYS HG   H N N 86  
CYS HXT  H N N 87  
E0L C4   C Y N 88  
E0L C14  C N N 89  
E0L C5   C Y N 90  
E0L C6   C Y N 91  
E0L C7   C N N 92  
E0L C9   C N N 93  
E0L C12  C N N 94  
E0L C3   C Y N 95  
E0L C1   C Y N 96  
E0L C2   C Y N 97  
E0L O13  O N N 98  
E0L C17  C Y N 99  
E0L C18  C Y N 100 
E0L C19  C Y N 101 
E0L C21  C Y N 102 
E0L C22  C Y N 103 
E0L C23  C N N 104 
E0L O25  O N N 105 
E0L O24  O N N 106 
E0L C20  C Y N 107 
E0L N15  N N N 108 
E0L O16  O N N 109 
E0L C8   C N N 110 
E0L N10  N N N 111 
E0L N11  N N N 112 
E0L H1   H N N 113 
E0L H2   H N N 114 
E0L H3   H N N 115 
E0L H4   H N N 116 
E0L H5   H N N 117 
E0L H6   H N N 118 
E0L H7   H N N 119 
E0L H8   H N N 120 
E0L H9   H N N 121 
E0L H10  H N N 122 
E0L H11  H N N 123 
E0L H12  H N N 124 
E0L H13  H N N 125 
E0L H14  H N N 126 
E0L H15  H N N 127 
GLN N    N N N 128 
GLN CA   C N S 129 
GLN C    C N N 130 
GLN O    O N N 131 
GLN CB   C N N 132 
GLN CG   C N N 133 
GLN CD   C N N 134 
GLN OE1  O N N 135 
GLN NE2  N N N 136 
GLN OXT  O N N 137 
GLN H    H N N 138 
GLN H2   H N N 139 
GLN HA   H N N 140 
GLN HB2  H N N 141 
GLN HB3  H N N 142 
GLN HG2  H N N 143 
GLN HG3  H N N 144 
GLN HE21 H N N 145 
GLN HE22 H N N 146 
GLN HXT  H N N 147 
GLU N    N N N 148 
GLU CA   C N S 149 
GLU C    C N N 150 
GLU O    O N N 151 
GLU CB   C N N 152 
GLU CG   C N N 153 
GLU CD   C N N 154 
GLU OE1  O N N 155 
GLU OE2  O N N 156 
GLU OXT  O N N 157 
GLU H    H N N 158 
GLU H2   H N N 159 
GLU HA   H N N 160 
GLU HB2  H N N 161 
GLU HB3  H N N 162 
GLU HG2  H N N 163 
GLU HG3  H N N 164 
GLU HE2  H N N 165 
GLU HXT  H N N 166 
GLY N    N N N 167 
GLY CA   C N N 168 
GLY C    C N N 169 
GLY O    O N N 170 
GLY OXT  O N N 171 
GLY H    H N N 172 
GLY H2   H N N 173 
GLY HA2  H N N 174 
GLY HA3  H N N 175 
GLY HXT  H N N 176 
HIS N    N N N 177 
HIS CA   C N S 178 
HIS C    C N N 179 
HIS O    O N N 180 
HIS CB   C N N 181 
HIS CG   C Y N 182 
HIS ND1  N Y N 183 
HIS CD2  C Y N 184 
HIS CE1  C Y N 185 
HIS NE2  N Y N 186 
HIS OXT  O N N 187 
HIS H    H N N 188 
HIS H2   H N N 189 
HIS HA   H N N 190 
HIS HB2  H N N 191 
HIS HB3  H N N 192 
HIS HD1  H N N 193 
HIS HD2  H N N 194 
HIS HE1  H N N 195 
HIS HE2  H N N 196 
HIS HXT  H N N 197 
HOH O    O N N 198 
HOH H1   H N N 199 
HOH H2   H N N 200 
ILE N    N N N 201 
ILE CA   C N S 202 
ILE C    C N N 203 
ILE O    O N N 204 
ILE CB   C N S 205 
ILE CG1  C N N 206 
ILE CG2  C N N 207 
ILE CD1  C N N 208 
ILE OXT  O N N 209 
ILE H    H N N 210 
ILE H2   H N N 211 
ILE HA   H N N 212 
ILE HB   H N N 213 
ILE HG12 H N N 214 
ILE HG13 H N N 215 
ILE HG21 H N N 216 
ILE HG22 H N N 217 
ILE HG23 H N N 218 
ILE HD11 H N N 219 
ILE HD12 H N N 220 
ILE HD13 H N N 221 
ILE HXT  H N N 222 
LEU N    N N N 223 
LEU CA   C N S 224 
LEU C    C N N 225 
LEU O    O N N 226 
LEU CB   C N N 227 
LEU CG   C N N 228 
LEU CD1  C N N 229 
LEU CD2  C N N 230 
LEU OXT  O N N 231 
LEU H    H N N 232 
LEU H2   H N N 233 
LEU HA   H N N 234 
LEU HB2  H N N 235 
LEU HB3  H N N 236 
LEU HG   H N N 237 
LEU HD11 H N N 238 
LEU HD12 H N N 239 
LEU HD13 H N N 240 
LEU HD21 H N N 241 
LEU HD22 H N N 242 
LEU HD23 H N N 243 
LEU HXT  H N N 244 
LYS N    N N N 245 
LYS CA   C N S 246 
LYS C    C N N 247 
LYS O    O N N 248 
LYS CB   C N N 249 
LYS CG   C N N 250 
LYS CD   C N N 251 
LYS CE   C N N 252 
LYS NZ   N N N 253 
LYS OXT  O N N 254 
LYS H    H N N 255 
LYS H2   H N N 256 
LYS HA   H N N 257 
LYS HB2  H N N 258 
LYS HB3  H N N 259 
LYS HG2  H N N 260 
LYS HG3  H N N 261 
LYS HD2  H N N 262 
LYS HD3  H N N 263 
LYS HE2  H N N 264 
LYS HE3  H N N 265 
LYS HZ1  H N N 266 
LYS HZ2  H N N 267 
LYS HZ3  H N N 268 
LYS HXT  H N N 269 
MET N    N N N 270 
MET CA   C N S 271 
MET C    C N N 272 
MET O    O N N 273 
MET CB   C N N 274 
MET CG   C N N 275 
MET SD   S N N 276 
MET CE   C N N 277 
MET OXT  O N N 278 
MET H    H N N 279 
MET H2   H N N 280 
MET HA   H N N 281 
MET HB2  H N N 282 
MET HB3  H N N 283 
MET HG2  H N N 284 
MET HG3  H N N 285 
MET HE1  H N N 286 
MET HE2  H N N 287 
MET HE3  H N N 288 
MET HXT  H N N 289 
PHE N    N N N 290 
PHE CA   C N S 291 
PHE C    C N N 292 
PHE O    O N N 293 
PHE CB   C N N 294 
PHE CG   C Y N 295 
PHE CD1  C Y N 296 
PHE CD2  C Y N 297 
PHE CE1  C Y N 298 
PHE CE2  C Y N 299 
PHE CZ   C Y N 300 
PHE OXT  O N N 301 
PHE H    H N N 302 
PHE H2   H N N 303 
PHE HA   H N N 304 
PHE HB2  H N N 305 
PHE HB3  H N N 306 
PHE HD1  H N N 307 
PHE HD2  H N N 308 
PHE HE1  H N N 309 
PHE HE2  H N N 310 
PHE HZ   H N N 311 
PHE HXT  H N N 312 
PRO N    N N N 313 
PRO CA   C N S 314 
PRO C    C N N 315 
PRO O    O N N 316 
PRO CB   C N N 317 
PRO CG   C N N 318 
PRO CD   C N N 319 
PRO OXT  O N N 320 
PRO H    H N N 321 
PRO HA   H N N 322 
PRO HB2  H N N 323 
PRO HB3  H N N 324 
PRO HG2  H N N 325 
PRO HG3  H N N 326 
PRO HD2  H N N 327 
PRO HD3  H N N 328 
PRO HXT  H N N 329 
SER N    N N N 330 
SER CA   C N S 331 
SER C    C N N 332 
SER O    O N N 333 
SER CB   C N N 334 
SER OG   O N N 335 
SER OXT  O N N 336 
SER H    H N N 337 
SER H2   H N N 338 
SER HA   H N N 339 
SER HB2  H N N 340 
SER HB3  H N N 341 
SER HG   H N N 342 
SER HXT  H N N 343 
THR N    N N N 344 
THR CA   C N S 345 
THR C    C N N 346 
THR O    O N N 347 
THR CB   C N R 348 
THR OG1  O N N 349 
THR CG2  C N N 350 
THR OXT  O N N 351 
THR H    H N N 352 
THR H2   H N N 353 
THR HA   H N N 354 
THR HB   H N N 355 
THR HG1  H N N 356 
THR HG21 H N N 357 
THR HG22 H N N 358 
THR HG23 H N N 359 
THR HXT  H N N 360 
TRP N    N N N 361 
TRP CA   C N S 362 
TRP C    C N N 363 
TRP O    O N N 364 
TRP CB   C N N 365 
TRP CG   C Y N 366 
TRP CD1  C Y N 367 
TRP CD2  C Y N 368 
TRP NE1  N Y N 369 
TRP CE2  C Y N 370 
TRP CE3  C Y N 371 
TRP CZ2  C Y N 372 
TRP CZ3  C Y N 373 
TRP CH2  C Y N 374 
TRP OXT  O N N 375 
TRP H    H N N 376 
TRP H2   H N N 377 
TRP HA   H N N 378 
TRP HB2  H N N 379 
TRP HB3  H N N 380 
TRP HD1  H N N 381 
TRP HE1  H N N 382 
TRP HE3  H N N 383 
TRP HZ2  H N N 384 
TRP HZ3  H N N 385 
TRP HH2  H N N 386 
TRP HXT  H N N 387 
TYR N    N N N 388 
TYR CA   C N S 389 
TYR C    C N N 390 
TYR O    O N N 391 
TYR CB   C N N 392 
TYR CG   C Y N 393 
TYR CD1  C Y N 394 
TYR CD2  C Y N 395 
TYR CE1  C Y N 396 
TYR CE2  C Y N 397 
TYR CZ   C Y N 398 
TYR OH   O N N 399 
TYR OXT  O N N 400 
TYR H    H N N 401 
TYR H2   H N N 402 
TYR HA   H N N 403 
TYR HB2  H N N 404 
TYR HB3  H N N 405 
TYR HD1  H N N 406 
TYR HD2  H N N 407 
TYR HE1  H N N 408 
TYR HE2  H N N 409 
TYR HH   H N N 410 
TYR HXT  H N N 411 
VAL N    N N N 412 
VAL CA   C N S 413 
VAL C    C N N 414 
VAL O    O N N 415 
VAL CB   C N N 416 
VAL CG1  C N N 417 
VAL CG2  C N N 418 
VAL OXT  O N N 419 
VAL H    H N N 420 
VAL H2   H N N 421 
VAL HA   H N N 422 
VAL HB   H N N 423 
VAL HG11 H N N 424 
VAL HG12 H N N 425 
VAL HG13 H N N 426 
VAL HG21 H N N 427 
VAL HG22 H N N 428 
VAL HG23 H N N 429 
VAL HXT  H N N 430 
# 
loop_
_chem_comp_bond.comp_id 
_chem_comp_bond.atom_id_1 
_chem_comp_bond.atom_id_2 
_chem_comp_bond.value_order 
_chem_comp_bond.pdbx_aromatic_flag 
_chem_comp_bond.pdbx_stereo_config 
_chem_comp_bond.pdbx_ordinal 
ALA N   CA   sing N N 1   
ALA N   H    sing N N 2   
ALA N   H2   sing N N 3   
ALA CA  C    sing N N 4   
ALA CA  CB   sing N N 5   
ALA CA  HA   sing N N 6   
ALA C   O    doub N N 7   
ALA C   OXT  sing N N 8   
ALA CB  HB1  sing N N 9   
ALA CB  HB2  sing N N 10  
ALA CB  HB3  sing N N 11  
ALA OXT HXT  sing N N 12  
ARG N   CA   sing N N 13  
ARG N   H    sing N N 14  
ARG N   H2   sing N N 15  
ARG CA  C    sing N N 16  
ARG CA  CB   sing N N 17  
ARG CA  HA   sing N N 18  
ARG C   O    doub N N 19  
ARG C   OXT  sing N N 20  
ARG CB  CG   sing N N 21  
ARG CB  HB2  sing N N 22  
ARG CB  HB3  sing N N 23  
ARG CG  CD   sing N N 24  
ARG CG  HG2  sing N N 25  
ARG CG  HG3  sing N N 26  
ARG CD  NE   sing N N 27  
ARG CD  HD2  sing N N 28  
ARG CD  HD3  sing N N 29  
ARG NE  CZ   sing N N 30  
ARG NE  HE   sing N N 31  
ARG CZ  NH1  sing N N 32  
ARG CZ  NH2  doub N N 33  
ARG NH1 HH11 sing N N 34  
ARG NH1 HH12 sing N N 35  
ARG NH2 HH21 sing N N 36  
ARG NH2 HH22 sing N N 37  
ARG OXT HXT  sing N N 38  
ASN N   CA   sing N N 39  
ASN N   H    sing N N 40  
ASN N   H2   sing N N 41  
ASN CA  C    sing N N 42  
ASN CA  CB   sing N N 43  
ASN CA  HA   sing N N 44  
ASN C   O    doub N N 45  
ASN C   OXT  sing N N 46  
ASN CB  CG   sing N N 47  
ASN CB  HB2  sing N N 48  
ASN CB  HB3  sing N N 49  
ASN CG  OD1  doub N N 50  
ASN CG  ND2  sing N N 51  
ASN ND2 HD21 sing N N 52  
ASN ND2 HD22 sing N N 53  
ASN OXT HXT  sing N N 54  
ASP N   CA   sing N N 55  
ASP N   H    sing N N 56  
ASP N   H2   sing N N 57  
ASP CA  C    sing N N 58  
ASP CA  CB   sing N N 59  
ASP CA  HA   sing N N 60  
ASP C   O    doub N N 61  
ASP C   OXT  sing N N 62  
ASP CB  CG   sing N N 63  
ASP CB  HB2  sing N N 64  
ASP CB  HB3  sing N N 65  
ASP CG  OD1  doub N N 66  
ASP CG  OD2  sing N N 67  
ASP OD2 HD2  sing N N 68  
ASP OXT HXT  sing N N 69  
CYS N   CA   sing N N 70  
CYS N   H    sing N N 71  
CYS N   H2   sing N N 72  
CYS CA  C    sing N N 73  
CYS CA  CB   sing N N 74  
CYS CA  HA   sing N N 75  
CYS C   O    doub N N 76  
CYS C   OXT  sing N N 77  
CYS CB  SG   sing N N 78  
CYS CB  HB2  sing N N 79  
CYS CB  HB3  sing N N 80  
CYS SG  HG   sing N N 81  
CYS OXT HXT  sing N N 82  
E0L C2  C3   doub Y N 83  
E0L C2  C1   sing Y N 84  
E0L C3  C4   sing Y N 85  
E0L C1  C6   doub Y N 86  
E0L C4  C7   sing N N 87  
E0L C4  C5   doub Y N 88  
E0L C7  C8   doub N N 89  
E0L O16 C14  doub N N 90  
E0L O25 C23  doub N N 91  
E0L C6  C5   sing Y N 92  
E0L C6  N11  sing N N 93  
E0L C5  N10  sing N N 94  
E0L C8  C14  sing N N 95  
E0L C8  C9   sing N N 96  
E0L C14 N15  sing N N 97  
E0L C23 O24  sing N N 98  
E0L C23 C21  sing N N 99  
E0L C22 C21  doub Y N 100 
E0L C22 C17  sing Y N 101 
E0L C12 N11  sing N N 102 
E0L N10 C9   sing N N 103 
E0L C9  O13  doub N N 104 
E0L C21 C20  sing Y N 105 
E0L N15 C17  sing N N 106 
E0L C17 C18  doub Y N 107 
E0L C20 C19  doub Y N 108 
E0L C18 C19  sing Y N 109 
E0L C7  H1   sing N N 110 
E0L C12 H2   sing N N 111 
E0L C12 H3   sing N N 112 
E0L C12 H4   sing N N 113 
E0L C3  H5   sing N N 114 
E0L C1  H6   sing N N 115 
E0L C2  H7   sing N N 116 
E0L C18 H8   sing N N 117 
E0L C19 H9   sing N N 118 
E0L C22 H10  sing N N 119 
E0L O24 H11  sing N N 120 
E0L C20 H12  sing N N 121 
E0L N15 H13  sing N N 122 
E0L N10 H14  sing N N 123 
E0L N11 H15  sing N N 124 
GLN N   CA   sing N N 125 
GLN N   H    sing N N 126 
GLN N   H2   sing N N 127 
GLN CA  C    sing N N 128 
GLN CA  CB   sing N N 129 
GLN CA  HA   sing N N 130 
GLN C   O    doub N N 131 
GLN C   OXT  sing N N 132 
GLN CB  CG   sing N N 133 
GLN CB  HB2  sing N N 134 
GLN CB  HB3  sing N N 135 
GLN CG  CD   sing N N 136 
GLN CG  HG2  sing N N 137 
GLN CG  HG3  sing N N 138 
GLN CD  OE1  doub N N 139 
GLN CD  NE2  sing N N 140 
GLN NE2 HE21 sing N N 141 
GLN NE2 HE22 sing N N 142 
GLN OXT HXT  sing N N 143 
GLU N   CA   sing N N 144 
GLU N   H    sing N N 145 
GLU N   H2   sing N N 146 
GLU CA  C    sing N N 147 
GLU CA  CB   sing N N 148 
GLU CA  HA   sing N N 149 
GLU C   O    doub N N 150 
GLU C   OXT  sing N N 151 
GLU CB  CG   sing N N 152 
GLU CB  HB2  sing N N 153 
GLU CB  HB3  sing N N 154 
GLU CG  CD   sing N N 155 
GLU CG  HG2  sing N N 156 
GLU CG  HG3  sing N N 157 
GLU CD  OE1  doub N N 158 
GLU CD  OE2  sing N N 159 
GLU OE2 HE2  sing N N 160 
GLU OXT HXT  sing N N 161 
GLY N   CA   sing N N 162 
GLY N   H    sing N N 163 
GLY N   H2   sing N N 164 
GLY CA  C    sing N N 165 
GLY CA  HA2  sing N N 166 
GLY CA  HA3  sing N N 167 
GLY C   O    doub N N 168 
GLY C   OXT  sing N N 169 
GLY OXT HXT  sing N N 170 
HIS N   CA   sing N N 171 
HIS N   H    sing N N 172 
HIS N   H2   sing N N 173 
HIS CA  C    sing N N 174 
HIS CA  CB   sing N N 175 
HIS CA  HA   sing N N 176 
HIS C   O    doub N N 177 
HIS C   OXT  sing N N 178 
HIS CB  CG   sing N N 179 
HIS CB  HB2  sing N N 180 
HIS CB  HB3  sing N N 181 
HIS CG  ND1  sing Y N 182 
HIS CG  CD2  doub Y N 183 
HIS ND1 CE1  doub Y N 184 
HIS ND1 HD1  sing N N 185 
HIS CD2 NE2  sing Y N 186 
HIS CD2 HD2  sing N N 187 
HIS CE1 NE2  sing Y N 188 
HIS CE1 HE1  sing N N 189 
HIS NE2 HE2  sing N N 190 
HIS OXT HXT  sing N N 191 
HOH O   H1   sing N N 192 
HOH O   H2   sing N N 193 
ILE N   CA   sing N N 194 
ILE N   H    sing N N 195 
ILE N   H2   sing N N 196 
ILE CA  C    sing N N 197 
ILE CA  CB   sing N N 198 
ILE CA  HA   sing N N 199 
ILE C   O    doub N N 200 
ILE C   OXT  sing N N 201 
ILE CB  CG1  sing N N 202 
ILE CB  CG2  sing N N 203 
ILE CB  HB   sing N N 204 
ILE CG1 CD1  sing N N 205 
ILE CG1 HG12 sing N N 206 
ILE CG1 HG13 sing N N 207 
ILE CG2 HG21 sing N N 208 
ILE CG2 HG22 sing N N 209 
ILE CG2 HG23 sing N N 210 
ILE CD1 HD11 sing N N 211 
ILE CD1 HD12 sing N N 212 
ILE CD1 HD13 sing N N 213 
ILE OXT HXT  sing N N 214 
LEU N   CA   sing N N 215 
LEU N   H    sing N N 216 
LEU N   H2   sing N N 217 
LEU CA  C    sing N N 218 
LEU CA  CB   sing N N 219 
LEU CA  HA   sing N N 220 
LEU C   O    doub N N 221 
LEU C   OXT  sing N N 222 
LEU CB  CG   sing N N 223 
LEU CB  HB2  sing N N 224 
LEU CB  HB3  sing N N 225 
LEU CG  CD1  sing N N 226 
LEU CG  CD2  sing N N 227 
LEU CG  HG   sing N N 228 
LEU CD1 HD11 sing N N 229 
LEU CD1 HD12 sing N N 230 
LEU CD1 HD13 sing N N 231 
LEU CD2 HD21 sing N N 232 
LEU CD2 HD22 sing N N 233 
LEU CD2 HD23 sing N N 234 
LEU OXT HXT  sing N N 235 
LYS N   CA   sing N N 236 
LYS N   H    sing N N 237 
LYS N   H2   sing N N 238 
LYS CA  C    sing N N 239 
LYS CA  CB   sing N N 240 
LYS CA  HA   sing N N 241 
LYS C   O    doub N N 242 
LYS C   OXT  sing N N 243 
LYS CB  CG   sing N N 244 
LYS CB  HB2  sing N N 245 
LYS CB  HB3  sing N N 246 
LYS CG  CD   sing N N 247 
LYS CG  HG2  sing N N 248 
LYS CG  HG3  sing N N 249 
LYS CD  CE   sing N N 250 
LYS CD  HD2  sing N N 251 
LYS CD  HD3  sing N N 252 
LYS CE  NZ   sing N N 253 
LYS CE  HE2  sing N N 254 
LYS CE  HE3  sing N N 255 
LYS NZ  HZ1  sing N N 256 
LYS NZ  HZ2  sing N N 257 
LYS NZ  HZ3  sing N N 258 
LYS OXT HXT  sing N N 259 
MET N   CA   sing N N 260 
MET N   H    sing N N 261 
MET N   H2   sing N N 262 
MET CA  C    sing N N 263 
MET CA  CB   sing N N 264 
MET CA  HA   sing N N 265 
MET C   O    doub N N 266 
MET C   OXT  sing N N 267 
MET CB  CG   sing N N 268 
MET CB  HB2  sing N N 269 
MET CB  HB3  sing N N 270 
MET CG  SD   sing N N 271 
MET CG  HG2  sing N N 272 
MET CG  HG3  sing N N 273 
MET SD  CE   sing N N 274 
MET CE  HE1  sing N N 275 
MET CE  HE2  sing N N 276 
MET CE  HE3  sing N N 277 
MET OXT HXT  sing N N 278 
PHE N   CA   sing N N 279 
PHE N   H    sing N N 280 
PHE N   H2   sing N N 281 
PHE CA  C    sing N N 282 
PHE CA  CB   sing N N 283 
PHE CA  HA   sing N N 284 
PHE C   O    doub N N 285 
PHE C   OXT  sing N N 286 
PHE CB  CG   sing N N 287 
PHE CB  HB2  sing N N 288 
PHE CB  HB3  sing N N 289 
PHE CG  CD1  doub Y N 290 
PHE CG  CD2  sing Y N 291 
PHE CD1 CE1  sing Y N 292 
PHE CD1 HD1  sing N N 293 
PHE CD2 CE2  doub Y N 294 
PHE CD2 HD2  sing N N 295 
PHE CE1 CZ   doub Y N 296 
PHE CE1 HE1  sing N N 297 
PHE CE2 CZ   sing Y N 298 
PHE CE2 HE2  sing N N 299 
PHE CZ  HZ   sing N N 300 
PHE OXT HXT  sing N N 301 
PRO N   CA   sing N N 302 
PRO N   CD   sing N N 303 
PRO N   H    sing N N 304 
PRO CA  C    sing N N 305 
PRO CA  CB   sing N N 306 
PRO CA  HA   sing N N 307 
PRO C   O    doub N N 308 
PRO C   OXT  sing N N 309 
PRO CB  CG   sing N N 310 
PRO CB  HB2  sing N N 311 
PRO CB  HB3  sing N N 312 
PRO CG  CD   sing N N 313 
PRO CG  HG2  sing N N 314 
PRO CG  HG3  sing N N 315 
PRO CD  HD2  sing N N 316 
PRO CD  HD3  sing N N 317 
PRO OXT HXT  sing N N 318 
SER N   CA   sing N N 319 
SER N   H    sing N N 320 
SER N   H2   sing N N 321 
SER CA  C    sing N N 322 
SER CA  CB   sing N N 323 
SER CA  HA   sing N N 324 
SER C   O    doub N N 325 
SER C   OXT  sing N N 326 
SER CB  OG   sing N N 327 
SER CB  HB2  sing N N 328 
SER CB  HB3  sing N N 329 
SER OG  HG   sing N N 330 
SER OXT HXT  sing N N 331 
THR N   CA   sing N N 332 
THR N   H    sing N N 333 
THR N   H2   sing N N 334 
THR CA  C    sing N N 335 
THR CA  CB   sing N N 336 
THR CA  HA   sing N N 337 
THR C   O    doub N N 338 
THR C   OXT  sing N N 339 
THR CB  OG1  sing N N 340 
THR CB  CG2  sing N N 341 
THR CB  HB   sing N N 342 
THR OG1 HG1  sing N N 343 
THR CG2 HG21 sing N N 344 
THR CG2 HG22 sing N N 345 
THR CG2 HG23 sing N N 346 
THR OXT HXT  sing N N 347 
TRP N   CA   sing N N 348 
TRP N   H    sing N N 349 
TRP N   H2   sing N N 350 
TRP CA  C    sing N N 351 
TRP CA  CB   sing N N 352 
TRP CA  HA   sing N N 353 
TRP C   O    doub N N 354 
TRP C   OXT  sing N N 355 
TRP CB  CG   sing N N 356 
TRP CB  HB2  sing N N 357 
TRP CB  HB3  sing N N 358 
TRP CG  CD1  doub Y N 359 
TRP CG  CD2  sing Y N 360 
TRP CD1 NE1  sing Y N 361 
TRP CD1 HD1  sing N N 362 
TRP CD2 CE2  doub Y N 363 
TRP CD2 CE3  sing Y N 364 
TRP NE1 CE2  sing Y N 365 
TRP NE1 HE1  sing N N 366 
TRP CE2 CZ2  sing Y N 367 
TRP CE3 CZ3  doub Y N 368 
TRP CE3 HE3  sing N N 369 
TRP CZ2 CH2  doub Y N 370 
TRP CZ2 HZ2  sing N N 371 
TRP CZ3 CH2  sing Y N 372 
TRP CZ3 HZ3  sing N N 373 
TRP CH2 HH2  sing N N 374 
TRP OXT HXT  sing N N 375 
TYR N   CA   sing N N 376 
TYR N   H    sing N N 377 
TYR N   H2   sing N N 378 
TYR CA  C    sing N N 379 
TYR CA  CB   sing N N 380 
TYR CA  HA   sing N N 381 
TYR C   O    doub N N 382 
TYR C   OXT  sing N N 383 
TYR CB  CG   sing N N 384 
TYR CB  HB2  sing N N 385 
TYR CB  HB3  sing N N 386 
TYR CG  CD1  doub Y N 387 
TYR CG  CD2  sing Y N 388 
TYR CD1 CE1  sing Y N 389 
TYR CD1 HD1  sing N N 390 
TYR CD2 CE2  doub Y N 391 
TYR CD2 HD2  sing N N 392 
TYR CE1 CZ   doub Y N 393 
TYR CE1 HE1  sing N N 394 
TYR CE2 CZ   sing Y N 395 
TYR CE2 HE2  sing N N 396 
TYR CZ  OH   sing N N 397 
TYR OH  HH   sing N N 398 
TYR OXT HXT  sing N N 399 
VAL N   CA   sing N N 400 
VAL N   H    sing N N 401 
VAL N   H2   sing N N 402 
VAL CA  C    sing N N 403 
VAL CA  CB   sing N N 404 
VAL CA  HA   sing N N 405 
VAL C   O    doub N N 406 
VAL C   OXT  sing N N 407 
VAL CB  CG1  sing N N 408 
VAL CB  CG2  sing N N 409 
VAL CB  HB   sing N N 410 
VAL CG1 HG11 sing N N 411 
VAL CG1 HG12 sing N N 412 
VAL CG1 HG13 sing N N 413 
VAL CG2 HG21 sing N N 414 
VAL CG2 HG22 sing N N 415 
VAL CG2 HG23 sing N N 416 
VAL OXT HXT  sing N N 417 
# 
_pdbx_entity_instance_feature.ordinal        1 
_pdbx_entity_instance_feature.comp_id        E0L 
_pdbx_entity_instance_feature.asym_id        ? 
_pdbx_entity_instance_feature.seq_num        ? 
_pdbx_entity_instance_feature.auth_comp_id   E0L 
_pdbx_entity_instance_feature.auth_asym_id   ? 
_pdbx_entity_instance_feature.auth_seq_num   ? 
_pdbx_entity_instance_feature.feature_type   'SUBJECT OF INVESTIGATION' 
_pdbx_entity_instance_feature.details        ? 
# 
loop_
_pdbx_entity_nonpoly.entity_id 
_pdbx_entity_nonpoly.name 
_pdbx_entity_nonpoly.comp_id 
2 '3-[[8-(methylamino)-2-oxidanylidene-1~{H}-quinolin-3-yl]carbonylamino]benzoic acid' E0L 
3 water                                                                                HOH 
# 
_pdbx_initial_refinement_model.id               1 
_pdbx_initial_refinement_model.entity_id_list   ? 
_pdbx_initial_refinement_model.type             'experimental model' 
_pdbx_initial_refinement_model.source_name      PDB 
_pdbx_initial_refinement_model.accession_code   1AJ6 
_pdbx_initial_refinement_model.details          ? 
# 
_pdbx_struct_assembly_auth_evidence.id                     1 
_pdbx_struct_assembly_auth_evidence.assembly_id            1 
_pdbx_struct_assembly_auth_evidence.experimental_support   none 
_pdbx_struct_assembly_auth_evidence.details                ? 
# 
